data_2E73
#
_entry.id   2E73
#
loop_
_entity.id
_entity.type
_entity.pdbx_description
1 polymer 'Protein kinase C gamma type'
2 non-polymer 'ZINC ION'
#
_entity_poly.entity_id   1
_entity_poly.type   'polypeptide(L)'
_entity_poly.pdbx_seq_one_letter_code
;GSSGSSGHKFTARFFKQPTFCSHCTDFIWGIGKQGLQCQVCSFVVHRRCHEFVTFECPGAGKGPQTDDPRNKHKFRL
;
_entity_poly.pdbx_strand_id   A
#
# COMPACT_ATOMS: atom_id res chain seq x y z
N GLY A 1 -16.35 -15.13 4.07
CA GLY A 1 -15.38 -14.36 3.33
C GLY A 1 -14.19 -15.21 2.88
N SER A 2 -13.66 -14.90 1.71
CA SER A 2 -12.52 -15.63 1.17
C SER A 2 -11.23 -15.22 1.88
N SER A 3 -10.67 -16.14 2.65
CA SER A 3 -9.43 -15.87 3.39
C SER A 3 -8.23 -15.86 2.45
N GLY A 4 -7.48 -14.76 2.46
CA GLY A 4 -6.32 -14.65 1.59
C GLY A 4 -6.23 -13.31 0.91
N SER A 5 -5.68 -12.32 1.61
CA SER A 5 -5.55 -10.98 1.07
C SER A 5 -4.46 -10.94 0.00
N SER A 6 -3.32 -11.56 0.29
CA SER A 6 -2.21 -11.60 -0.64
C SER A 6 -1.96 -10.22 -1.25
N GLY A 7 -2.06 -9.19 -0.42
CA GLY A 7 -1.84 -7.83 -0.87
C GLY A 7 -0.98 -7.02 0.07
N HIS A 8 -1.22 -5.71 0.10
CA HIS A 8 -0.45 -4.83 0.98
C HIS A 8 -1.04 -4.81 2.39
N LYS A 9 -0.37 -4.08 3.28
CA LYS A 9 -0.82 -3.99 4.67
C LYS A 9 -1.92 -2.94 4.81
N PHE A 10 -2.84 -2.91 3.84
CA PHE A 10 -3.94 -1.97 3.86
C PHE A 10 -4.65 -1.99 5.21
N THR A 11 -4.98 -0.80 5.72
CA THR A 11 -5.66 -0.68 7.00
C THR A 11 -6.29 0.70 7.17
N ALA A 12 -7.56 0.72 7.55
CA ALA A 12 -8.28 1.98 7.73
C ALA A 12 -7.45 2.96 8.56
N ARG A 13 -7.28 4.17 8.03
CA ARG A 13 -6.51 5.20 8.71
C ARG A 13 -7.03 6.59 8.35
N PHE A 14 -7.42 7.35 9.38
CA PHE A 14 -7.94 8.70 9.17
C PHE A 14 -6.99 9.52 8.32
N PHE A 15 -7.55 10.31 7.41
CA PHE A 15 -6.75 11.15 6.53
C PHE A 15 -7.15 12.62 6.66
N LYS A 16 -6.52 13.32 7.59
CA LYS A 16 -6.81 14.73 7.82
C LYS A 16 -6.65 15.54 6.53
N GLN A 17 -5.78 15.05 5.64
CA GLN A 17 -5.53 15.73 4.38
C GLN A 17 -6.16 14.96 3.22
N PRO A 18 -6.36 15.66 2.09
CA PRO A 18 -6.95 15.06 0.89
C PRO A 18 -6.01 14.06 0.22
N THR A 19 -6.16 12.79 0.59
CA THR A 19 -5.32 11.74 0.02
C THR A 19 -5.58 11.56 -1.47
N PHE A 20 -4.56 11.15 -2.20
CA PHE A 20 -4.67 10.94 -3.63
C PHE A 20 -4.30 9.51 -4.02
N CYS A 21 -5.26 8.78 -4.57
CA CYS A 21 -5.02 7.40 -4.98
C CYS A 21 -4.10 7.34 -6.18
N SER A 22 -2.97 6.64 -6.02
CA SER A 22 -1.99 6.51 -7.09
C SER A 22 -2.22 5.22 -7.87
N HIS A 23 -3.47 4.92 -8.17
CA HIS A 23 -3.82 3.71 -8.91
C HIS A 23 -4.83 4.02 -10.01
N CYS A 24 -5.99 4.52 -9.61
CA CYS A 24 -7.04 4.85 -10.56
C CYS A 24 -6.95 6.32 -10.98
N THR A 25 -6.16 7.10 -10.24
CA THR A 25 -5.98 8.51 -10.53
C THR A 25 -7.24 9.30 -10.19
N ASP A 26 -7.78 9.07 -9.00
CA ASP A 26 -8.98 9.76 -8.54
C ASP A 26 -8.79 10.29 -7.12
N PHE A 27 -9.76 11.09 -6.67
CA PHE A 27 -9.70 11.67 -5.34
C PHE A 27 -10.32 10.71 -4.31
N ILE A 28 -9.96 10.91 -3.04
CA ILE A 28 -10.48 10.07 -1.97
C ILE A 28 -11.24 10.91 -0.94
N TRP A 29 -10.62 11.99 -0.49
CA TRP A 29 -11.23 12.88 0.49
C TRP A 29 -12.45 13.59 -0.10
N GLY A 30 -13.62 12.99 0.09
CA GLY A 30 -14.85 13.58 -0.43
C GLY A 30 -15.88 12.53 -0.79
N ILE A 31 -15.48 11.56 -1.60
CA ILE A 31 -16.39 10.50 -2.03
C ILE A 31 -16.47 9.39 -0.98
N GLY A 32 -16.34 9.78 0.29
CA GLY A 32 -16.42 8.81 1.36
C GLY A 32 -15.13 8.75 2.16
N LYS A 33 -15.01 7.74 3.02
CA LYS A 33 -13.82 7.56 3.85
C LYS A 33 -13.14 6.23 3.54
N GLN A 34 -13.06 5.89 2.25
CA GLN A 34 -12.44 4.65 1.82
C GLN A 34 -10.99 4.89 1.42
N GLY A 35 -10.09 4.85 2.39
CA GLY A 35 -8.67 5.07 2.11
C GLY A 35 -7.78 4.20 2.98
N LEU A 36 -7.10 3.24 2.35
CA LEU A 36 -6.20 2.35 3.07
C LEU A 36 -4.76 2.56 2.62
N GLN A 37 -3.93 3.06 3.53
CA GLN A 37 -2.52 3.31 3.24
C GLN A 37 -1.66 2.13 3.70
N CYS A 38 -0.73 1.72 2.85
CA CYS A 38 0.15 0.61 3.17
C CYS A 38 1.29 1.08 4.07
N GLN A 39 1.57 0.31 5.13
CA GLN A 39 2.62 0.65 6.07
C GLN A 39 3.97 0.11 5.59
N VAL A 40 4.11 -0.04 4.28
CA VAL A 40 5.34 -0.55 3.70
C VAL A 40 5.84 0.36 2.58
N CYS A 41 5.02 0.53 1.55
CA CYS A 41 5.38 1.38 0.41
C CYS A 41 4.50 2.62 0.37
N SER A 42 3.94 2.99 1.52
CA SER A 42 3.07 4.16 1.60
C SER A 42 2.15 4.25 0.40
N PHE A 43 1.67 3.10 -0.06
CA PHE A 43 0.78 3.04 -1.21
C PHE A 43 -0.68 3.00 -0.77
N VAL A 44 -1.33 4.16 -0.79
CA VAL A 44 -2.74 4.25 -0.38
C VAL A 44 -3.65 4.20 -1.60
N VAL A 45 -4.65 3.31 -1.54
CA VAL A 45 -5.59 3.17 -2.65
C VAL A 45 -7.01 2.95 -2.12
N HIS A 46 -8.00 3.49 -2.82
CA HIS A 46 -9.39 3.35 -2.42
C HIS A 46 -9.68 1.94 -1.93
N ARG A 47 -10.77 1.78 -1.19
CA ARG A 47 -11.15 0.48 -0.66
C ARG A 47 -11.24 -0.56 -1.77
N ARG A 48 -11.92 -0.18 -2.87
CA ARG A 48 -12.09 -1.08 -4.00
C ARG A 48 -10.77 -1.26 -4.75
N CYS A 49 -10.00 -0.18 -4.87
CA CYS A 49 -8.72 -0.23 -5.55
C CYS A 49 -7.77 -1.23 -4.89
N HIS A 50 -7.89 -1.36 -3.57
CA HIS A 50 -7.05 -2.27 -2.82
C HIS A 50 -6.97 -3.63 -3.51
N GLU A 51 -8.11 -4.31 -3.59
CA GLU A 51 -8.17 -5.63 -4.23
C GLU A 51 -7.69 -5.55 -5.68
N PHE A 52 -8.13 -4.52 -6.39
CA PHE A 52 -7.74 -4.33 -7.78
C PHE A 52 -6.21 -4.30 -7.93
N VAL A 53 -5.55 -3.66 -6.97
CA VAL A 53 -4.10 -3.56 -6.99
C VAL A 53 -3.46 -4.86 -7.46
N THR A 54 -2.49 -4.74 -8.36
CA THR A 54 -1.80 -5.91 -8.91
C THR A 54 -0.31 -5.86 -8.59
N PHE A 55 0.22 -4.65 -8.47
CA PHE A 55 1.64 -4.46 -8.18
C PHE A 55 2.04 -5.24 -6.94
N GLU A 56 3.30 -5.68 -6.90
CA GLU A 56 3.81 -6.45 -5.78
C GLU A 56 4.59 -5.55 -4.81
N CYS A 57 4.07 -5.42 -3.60
CA CYS A 57 4.72 -4.58 -2.59
C CYS A 57 6.22 -4.86 -2.53
N PRO A 58 7.01 -3.77 -2.49
CA PRO A 58 8.47 -3.87 -2.44
C PRO A 58 8.97 -4.41 -1.09
N GLY A 59 8.20 -4.14 -0.04
CA GLY A 59 8.58 -4.60 1.29
C GLY A 59 7.80 -5.82 1.72
N ALA A 60 6.48 -5.77 1.56
CA ALA A 60 5.61 -6.87 1.94
C ALA A 60 5.76 -8.05 0.98
N GLY A 61 6.39 -9.12 1.46
CA GLY A 61 6.59 -10.30 0.63
C GLY A 61 8.00 -10.39 0.10
N LYS A 62 8.21 -9.89 -1.12
CA LYS A 62 9.53 -9.93 -1.74
C LYS A 62 10.38 -8.75 -1.28
N GLY A 63 11.69 -8.90 -1.37
CA GLY A 63 12.59 -7.84 -0.96
C GLY A 63 12.84 -6.83 -2.07
N PRO A 64 13.91 -6.02 -1.91
CA PRO A 64 14.27 -5.00 -2.89
C PRO A 64 14.80 -5.60 -4.20
N GLN A 65 14.03 -5.42 -5.27
CA GLN A 65 14.42 -5.95 -6.58
C GLN A 65 15.74 -5.36 -7.03
N THR A 66 16.27 -5.87 -8.14
CA THR A 66 17.54 -5.39 -8.67
C THR A 66 17.60 -3.87 -8.68
N ASP A 67 16.54 -3.25 -9.17
CA ASP A 67 16.46 -1.79 -9.22
C ASP A 67 16.63 -1.18 -7.83
N ASP A 68 16.92 0.12 -7.80
CA ASP A 68 17.11 0.81 -6.53
C ASP A 68 16.33 2.12 -6.52
N PRO A 69 15.42 2.27 -5.53
CA PRO A 69 14.60 3.47 -5.39
C PRO A 69 15.41 4.68 -4.96
N ARG A 70 16.27 4.50 -3.95
CA ARG A 70 17.10 5.58 -3.45
C ARG A 70 17.82 6.29 -4.59
N ASN A 71 18.14 7.57 -4.38
CA ASN A 71 18.83 8.36 -5.39
C ASN A 71 19.89 9.25 -4.76
N LYS A 72 20.57 10.04 -5.59
CA LYS A 72 21.61 10.94 -5.11
C LYS A 72 21.23 11.54 -3.76
N HIS A 73 22.13 11.43 -2.79
CA HIS A 73 21.88 11.97 -1.46
C HIS A 73 22.15 13.47 -1.42
N LYS A 74 21.55 14.15 -0.45
CA LYS A 74 21.73 15.59 -0.31
C LYS A 74 23.07 15.92 0.33
N PHE A 75 23.53 17.15 0.13
CA PHE A 75 24.81 17.59 0.69
C PHE A 75 24.60 18.62 1.78
N ARG A 76 23.92 19.71 1.44
CA ARG A 76 23.66 20.79 2.38
C ARG A 76 22.59 20.37 3.40
N LEU A 77 22.31 21.23 4.35
CA LEU A 77 21.32 20.95 5.38
C LEU A 77 19.98 20.58 4.76
N GLY A 1 -7.78 -6.68 12.79
CA GLY A 1 -8.13 -6.87 11.39
C GLY A 1 -7.63 -8.19 10.85
N SER A 2 -8.05 -9.29 11.47
CA SER A 2 -7.64 -10.62 11.05
C SER A 2 -8.53 -11.13 9.91
N SER A 3 -7.93 -11.28 8.73
CA SER A 3 -8.67 -11.74 7.56
C SER A 3 -7.76 -12.55 6.64
N GLY A 4 -8.34 -13.53 5.95
CA GLY A 4 -7.57 -14.35 5.04
C GLY A 4 -7.56 -13.81 3.63
N SER A 5 -7.13 -12.56 3.49
CA SER A 5 -7.07 -11.91 2.19
C SER A 5 -5.66 -11.38 1.90
N SER A 6 -5.19 -11.61 0.68
CA SER A 6 -3.86 -11.16 0.29
C SER A 6 -3.88 -9.69 -0.09
N GLY A 7 -2.70 -9.12 -0.29
CA GLY A 7 -2.60 -7.71 -0.66
C GLY A 7 -1.51 -6.98 0.12
N HIS A 8 -1.45 -5.67 -0.05
CA HIS A 8 -0.46 -4.86 0.65
C HIS A 8 -0.82 -4.68 2.11
N LYS A 9 0.10 -4.10 2.87
CA LYS A 9 -0.13 -3.87 4.30
C LYS A 9 -1.02 -2.65 4.52
N PHE A 10 -2.33 -2.84 4.38
CA PHE A 10 -3.28 -1.75 4.57
C PHE A 10 -3.79 -1.71 6.00
N THR A 11 -4.22 -0.54 6.44
CA THR A 11 -4.74 -0.37 7.80
C THR A 11 -5.82 0.70 7.85
N ALA A 12 -7.06 0.27 8.09
CA ALA A 12 -8.18 1.20 8.17
C ALA A 12 -7.86 2.40 9.05
N ARG A 13 -7.94 3.59 8.46
CA ARG A 13 -7.65 4.82 9.20
C ARG A 13 -8.41 6.00 8.59
N PHE A 14 -8.80 6.93 9.44
CA PHE A 14 -9.53 8.12 8.99
C PHE A 14 -8.59 9.13 8.35
N PHE A 15 -8.97 9.62 7.18
CA PHE A 15 -8.16 10.60 6.46
C PHE A 15 -8.77 12.00 6.56
N LYS A 16 -7.98 12.94 7.08
CA LYS A 16 -8.44 14.31 7.24
C LYS A 16 -8.13 15.14 5.99
N GLN A 17 -6.97 14.88 5.40
CA GLN A 17 -6.54 15.60 4.20
C GLN A 17 -6.90 14.81 2.94
N PRO A 18 -7.11 15.52 1.83
CA PRO A 18 -7.45 14.92 0.54
C PRO A 18 -6.29 14.13 -0.06
N THR A 19 -6.27 12.83 0.21
CA THR A 19 -5.21 11.97 -0.31
C THR A 19 -5.43 11.65 -1.78
N PHE A 20 -4.41 11.10 -2.43
CA PHE A 20 -4.49 10.75 -3.84
C PHE A 20 -4.31 9.24 -4.03
N CYS A 21 -5.20 8.63 -4.81
CA CYS A 21 -5.13 7.21 -5.08
C CYS A 21 -4.09 6.89 -6.15
N SER A 22 -3.06 6.15 -5.77
CA SER A 22 -1.99 5.79 -6.70
C SER A 22 -2.36 4.53 -7.48
N HIS A 23 -3.62 4.44 -7.87
CA HIS A 23 -4.10 3.29 -8.64
C HIS A 23 -4.95 3.72 -9.82
N CYS A 24 -5.95 4.56 -9.55
CA CYS A 24 -6.84 5.06 -10.59
C CYS A 24 -6.62 6.56 -10.82
N THR A 25 -5.52 7.07 -10.29
CA THR A 25 -5.20 8.49 -10.43
C THR A 25 -6.42 9.36 -10.18
N ASP A 26 -7.06 9.16 -9.03
CA ASP A 26 -8.26 9.93 -8.68
C ASP A 26 -8.20 10.37 -7.22
N PHE A 27 -9.05 11.31 -6.86
CA PHE A 27 -9.11 11.82 -5.49
C PHE A 27 -9.83 10.84 -4.57
N ILE A 28 -9.51 10.91 -3.28
CA ILE A 28 -10.13 10.02 -2.30
C ILE A 28 -11.13 10.78 -1.43
N TRP A 29 -10.77 12.01 -1.07
CA TRP A 29 -11.65 12.84 -0.24
C TRP A 29 -13.10 12.68 -0.66
N GLY A 30 -13.98 12.46 0.31
CA GLY A 30 -15.39 12.30 0.02
C GLY A 30 -16.14 11.59 1.14
N ILE A 31 -16.42 10.31 0.95
CA ILE A 31 -17.14 9.53 1.96
C ILE A 31 -16.55 9.75 3.35
N GLY A 32 -15.25 9.48 3.48
CA GLY A 32 -14.59 9.65 4.76
C GLY A 32 -13.58 8.56 5.04
N LYS A 33 -14.07 7.34 5.29
CA LYS A 33 -13.20 6.21 5.58
C LYS A 33 -13.06 5.31 4.35
N GLN A 34 -12.70 5.92 3.22
CA GLN A 34 -12.53 5.18 1.98
C GLN A 34 -11.10 5.31 1.46
N GLY A 35 -10.14 5.21 2.37
CA GLY A 35 -8.75 5.32 1.98
C GLY A 35 -7.83 4.50 2.88
N LEU A 36 -7.07 3.60 2.27
CA LEU A 36 -6.15 2.74 3.01
C LEU A 36 -4.72 2.90 2.50
N GLN A 37 -3.82 3.32 3.38
CA GLN A 37 -2.42 3.51 3.02
C GLN A 37 -1.59 2.30 3.42
N CYS A 38 -0.58 1.99 2.60
CA CYS A 38 0.29 0.85 2.87
C CYS A 38 1.46 1.27 3.76
N GLN A 39 1.68 0.51 4.83
CA GLN A 39 2.76 0.81 5.75
C GLN A 39 4.06 0.14 5.30
N VAL A 40 4.17 -0.10 4.00
CA VAL A 40 5.36 -0.73 3.43
C VAL A 40 5.95 0.11 2.31
N CYS A 41 5.09 0.53 1.38
CA CYS A 41 5.52 1.34 0.25
C CYS A 41 4.72 2.64 0.17
N SER A 42 4.14 3.04 1.29
CA SER A 42 3.34 4.25 1.36
C SER A 42 2.35 4.31 0.20
N PHE A 43 1.99 3.15 -0.32
CA PHE A 43 1.04 3.05 -1.42
C PHE A 43 -0.40 3.05 -0.92
N VAL A 44 -1.10 4.15 -1.12
CA VAL A 44 -2.48 4.28 -0.68
C VAL A 44 -3.44 4.24 -1.87
N VAL A 45 -4.60 3.62 -1.68
CA VAL A 45 -5.61 3.53 -2.73
C VAL A 45 -7.00 3.31 -2.14
N HIS A 46 -8.01 3.78 -2.86
CA HIS A 46 -9.39 3.63 -2.41
C HIS A 46 -9.63 2.23 -1.84
N ARG A 47 -10.70 2.10 -1.07
CA ARG A 47 -11.05 0.82 -0.46
C ARG A 47 -11.28 -0.24 -1.54
N ARG A 48 -12.08 0.11 -2.54
CA ARG A 48 -12.39 -0.82 -3.63
C ARG A 48 -11.15 -1.09 -4.48
N CYS A 49 -10.26 -0.10 -4.57
CA CYS A 49 -9.04 -0.23 -5.35
C CYS A 49 -8.08 -1.22 -4.70
N HIS A 50 -8.01 -1.18 -3.36
CA HIS A 50 -7.13 -2.06 -2.62
C HIS A 50 -7.02 -3.43 -3.31
N GLU A 51 -8.09 -4.22 -3.24
CA GLU A 51 -8.11 -5.54 -3.85
C GLU A 51 -7.71 -5.45 -5.32
N PHE A 52 -8.28 -4.49 -6.03
CA PHE A 52 -7.99 -4.30 -7.45
C PHE A 52 -6.48 -4.19 -7.68
N VAL A 53 -5.78 -3.61 -6.71
CA VAL A 53 -4.34 -3.45 -6.82
C VAL A 53 -3.69 -4.70 -7.39
N THR A 54 -2.74 -4.49 -8.31
CA THR A 54 -2.03 -5.60 -8.95
C THR A 54 -0.55 -5.59 -8.59
N PHE A 55 0.06 -4.42 -8.70
CA PHE A 55 1.48 -4.26 -8.39
C PHE A 55 1.83 -4.96 -7.08
N GLU A 56 2.94 -5.69 -7.08
CA GLU A 56 3.38 -6.41 -5.89
C GLU A 56 4.15 -5.48 -4.95
N CYS A 57 3.91 -5.64 -3.65
CA CYS A 57 4.58 -4.82 -2.65
C CYS A 57 6.08 -5.12 -2.61
N PRO A 58 6.89 -4.05 -2.58
CA PRO A 58 8.36 -4.17 -2.55
C PRO A 58 8.85 -4.71 -1.21
N GLY A 59 8.39 -4.09 -0.13
CA GLY A 59 8.80 -4.51 1.20
C GLY A 59 8.26 -5.89 1.56
N ALA A 60 6.94 -6.01 1.56
CA ALA A 60 6.28 -7.27 1.90
C ALA A 60 7.09 -8.46 1.38
N GLY A 61 7.39 -8.45 0.09
CA GLY A 61 8.16 -9.53 -0.51
C GLY A 61 9.56 -9.61 0.06
N LYS A 62 10.51 -10.01 -0.79
CA LYS A 62 11.90 -10.14 -0.37
C LYS A 62 12.35 -8.91 0.40
N GLY A 63 12.02 -7.73 -0.12
CA GLY A 63 12.39 -6.49 0.54
C GLY A 63 13.90 -6.31 0.61
N PRO A 64 14.52 -5.93 -0.51
CA PRO A 64 15.96 -5.72 -0.59
C PRO A 64 16.42 -4.49 0.19
N GLN A 65 17.73 -4.32 0.34
CA GLN A 65 18.29 -3.18 1.06
C GLN A 65 19.34 -2.47 0.22
N THR A 66 19.10 -2.40 -1.09
CA THR A 66 20.03 -1.75 -2.00
C THR A 66 19.33 -0.65 -2.80
N ASP A 67 18.49 0.12 -2.12
CA ASP A 67 17.76 1.20 -2.78
C ASP A 67 17.49 2.34 -1.79
N ASP A 68 17.90 3.55 -2.16
CA ASP A 68 17.71 4.71 -1.32
C ASP A 68 16.77 5.72 -1.99
N PRO A 69 15.50 5.31 -2.18
CA PRO A 69 14.48 6.16 -2.81
C PRO A 69 14.08 7.34 -1.93
N ARG A 70 13.73 7.05 -0.68
CA ARG A 70 13.32 8.08 0.26
C ARG A 70 13.95 7.84 1.64
N ASN A 71 13.70 8.75 2.56
CA ASN A 71 14.24 8.65 3.91
C ASN A 71 13.20 8.11 4.89
N LYS A 72 13.37 6.86 5.29
CA LYS A 72 12.43 6.22 6.21
C LYS A 72 12.14 7.14 7.40
N HIS A 73 11.18 6.73 8.23
CA HIS A 73 10.80 7.52 9.39
C HIS A 73 10.51 6.61 10.59
N LYS A 74 10.18 7.22 11.73
CA LYS A 74 9.88 6.47 12.94
C LYS A 74 8.39 6.54 13.27
N PHE A 75 7.85 5.43 13.75
CA PHE A 75 6.44 5.37 14.10
C PHE A 75 6.26 5.39 15.62
N ARG A 76 5.48 6.35 16.11
CA ARG A 76 5.24 6.48 17.54
C ARG A 76 4.57 5.22 18.09
N LEU A 77 4.94 4.86 19.32
CA LEU A 77 4.38 3.68 19.96
C LEU A 77 2.88 3.81 20.14
N GLY A 1 -10.91 -24.86 7.60
CA GLY A 1 -11.32 -24.11 6.42
C GLY A 1 -10.17 -23.33 5.81
N SER A 2 -10.51 -22.27 5.07
CA SER A 2 -9.51 -21.44 4.43
C SER A 2 -10.11 -20.10 3.99
N SER A 3 -9.45 -19.02 4.36
CA SER A 3 -9.92 -17.68 4.01
C SER A 3 -9.15 -17.13 2.82
N GLY A 4 -7.83 -17.32 2.83
CA GLY A 4 -7.00 -16.84 1.75
C GLY A 4 -6.96 -15.33 1.66
N SER A 5 -5.76 -14.76 1.67
CA SER A 5 -5.60 -13.32 1.61
C SER A 5 -4.26 -12.95 0.94
N SER A 6 -4.34 -12.19 -0.14
CA SER A 6 -3.16 -11.77 -0.88
C SER A 6 -3.25 -10.30 -1.27
N GLY A 7 -2.36 -9.49 -0.73
CA GLY A 7 -2.35 -8.07 -1.04
C GLY A 7 -1.54 -7.26 -0.05
N HIS A 8 -1.30 -5.99 -0.38
CA HIS A 8 -0.53 -5.11 0.49
C HIS A 8 -1.11 -5.08 1.90
N LYS A 9 -0.42 -4.41 2.81
CA LYS A 9 -0.88 -4.30 4.19
C LYS A 9 -1.77 -3.08 4.37
N PHE A 10 -2.99 -3.17 3.86
CA PHE A 10 -3.95 -2.07 3.97
C PHE A 10 -4.62 -2.08 5.34
N THR A 11 -4.92 -0.88 5.85
CA THR A 11 -5.57 -0.76 7.15
C THR A 11 -6.26 0.60 7.28
N ALA A 12 -7.36 0.63 8.04
CA ALA A 12 -8.10 1.85 8.25
C ALA A 12 -7.20 2.96 8.80
N ARG A 13 -7.21 4.11 8.13
CA ARG A 13 -6.40 5.24 8.54
C ARG A 13 -7.07 6.56 8.18
N PHE A 14 -7.36 7.36 9.20
CA PHE A 14 -8.01 8.66 9.00
C PHE A 14 -7.21 9.52 8.03
N PHE A 15 -7.91 10.36 7.28
CA PHE A 15 -7.27 11.24 6.30
C PHE A 15 -7.99 12.57 6.23
N LYS A 16 -7.38 13.61 6.80
CA LYS A 16 -7.96 14.94 6.79
C LYS A 16 -7.74 15.63 5.44
N GLN A 17 -6.71 15.20 4.72
CA GLN A 17 -6.38 15.78 3.43
C GLN A 17 -6.91 14.89 2.30
N PRO A 18 -7.10 15.49 1.12
CA PRO A 18 -7.60 14.77 -0.07
C PRO A 18 -6.56 13.80 -0.62
N THR A 19 -6.49 12.61 -0.02
CA THR A 19 -5.55 11.59 -0.45
C THR A 19 -5.57 11.42 -1.96
N PHE A 20 -4.51 10.85 -2.51
CA PHE A 20 -4.41 10.64 -3.95
C PHE A 20 -4.22 9.16 -4.28
N CYS A 21 -5.25 8.55 -4.83
CA CYS A 21 -5.20 7.13 -5.19
C CYS A 21 -4.11 6.88 -6.23
N SER A 22 -3.22 5.94 -5.92
CA SER A 22 -2.12 5.59 -6.81
C SER A 22 -2.47 4.36 -7.65
N HIS A 23 -3.77 4.17 -7.90
CA HIS A 23 -4.23 3.03 -8.68
C HIS A 23 -5.07 3.50 -9.86
N CYS A 24 -6.00 4.41 -9.61
CA CYS A 24 -6.87 4.93 -10.65
C CYS A 24 -6.57 6.41 -10.92
N THR A 25 -5.62 6.96 -10.17
CA THR A 25 -5.24 8.35 -10.34
C THR A 25 -6.40 9.28 -10.05
N ASP A 26 -6.99 9.14 -8.87
CA ASP A 26 -8.12 9.97 -8.47
C ASP A 26 -8.06 10.27 -6.97
N PHE A 27 -8.90 11.21 -6.53
CA PHE A 27 -8.95 11.60 -5.13
C PHE A 27 -9.81 10.62 -4.33
N ILE A 28 -9.50 10.50 -3.03
CA ILE A 28 -10.24 9.61 -2.15
C ILE A 28 -11.20 10.39 -1.25
N TRP A 29 -10.65 11.32 -0.49
CA TRP A 29 -11.44 12.15 0.41
C TRP A 29 -12.68 12.70 -0.30
N GLY A 30 -12.49 13.12 -1.56
CA GLY A 30 -13.60 13.66 -2.32
C GLY A 30 -14.90 12.93 -2.06
N ILE A 31 -14.87 11.61 -2.19
CA ILE A 31 -16.06 10.79 -1.98
C ILE A 31 -16.23 10.47 -0.50
N GLY A 32 -15.16 9.99 0.13
CA GLY A 32 -15.21 9.65 1.54
C GLY A 32 -13.84 9.32 2.10
N LYS A 33 -13.69 9.47 3.41
CA LYS A 33 -12.42 9.18 4.08
C LYS A 33 -12.06 7.70 3.95
N GLN A 34 -13.02 6.90 3.52
CA GLN A 34 -12.82 5.47 3.36
C GLN A 34 -11.57 5.20 2.52
N GLY A 35 -10.43 5.04 3.18
CA GLY A 35 -9.19 4.77 2.48
C GLY A 35 -8.24 3.89 3.28
N LEU A 36 -7.31 3.26 2.60
CA LEU A 36 -6.34 2.39 3.25
C LEU A 36 -4.94 2.62 2.69
N GLN A 37 -3.99 2.89 3.58
CA GLN A 37 -2.61 3.12 3.18
C GLN A 37 -1.71 1.98 3.63
N CYS A 38 -0.66 1.72 2.84
CA CYS A 38 0.27 0.64 3.16
C CYS A 38 1.43 1.16 4.02
N GLN A 39 1.59 0.58 5.19
CA GLN A 39 2.66 0.98 6.11
C GLN A 39 4.02 0.51 5.60
N VAL A 40 4.02 -0.12 4.43
CA VAL A 40 5.26 -0.63 3.84
C VAL A 40 5.76 0.31 2.75
N CYS A 41 4.97 0.48 1.70
CA CYS A 41 5.33 1.34 0.58
C CYS A 41 4.48 2.60 0.58
N SER A 42 3.97 2.98 1.75
CA SER A 42 3.13 4.16 1.88
C SER A 42 2.16 4.28 0.71
N PHE A 43 1.80 3.13 0.13
CA PHE A 43 0.88 3.10 -1.00
C PHE A 43 -0.56 3.05 -0.52
N VAL A 44 -1.34 4.06 -0.89
CA VAL A 44 -2.74 4.14 -0.50
C VAL A 44 -3.65 4.14 -1.71
N VAL A 45 -4.85 3.59 -1.55
CA VAL A 45 -5.81 3.53 -2.65
C VAL A 45 -7.22 3.29 -2.11
N HIS A 46 -8.22 3.66 -2.91
CA HIS A 46 -9.62 3.48 -2.53
C HIS A 46 -9.83 2.12 -1.88
N ARG A 47 -10.77 2.06 -0.95
CA ARG A 47 -11.07 0.81 -0.24
C ARG A 47 -11.28 -0.32 -1.23
N ARG A 48 -11.87 -0.01 -2.38
CA ARG A 48 -12.13 -1.01 -3.40
C ARG A 48 -10.89 -1.24 -4.26
N CYS A 49 -10.25 -0.16 -4.68
CA CYS A 49 -9.05 -0.24 -5.50
C CYS A 49 -8.04 -1.21 -4.89
N HIS A 50 -8.18 -1.45 -3.59
CA HIS A 50 -7.27 -2.35 -2.89
C HIS A 50 -7.18 -3.69 -3.61
N GLU A 51 -8.28 -4.44 -3.61
CA GLU A 51 -8.31 -5.74 -4.25
C GLU A 51 -7.88 -5.64 -5.71
N PHE A 52 -8.12 -4.49 -6.31
CA PHE A 52 -7.75 -4.25 -7.70
C PHE A 52 -6.24 -4.08 -7.84
N VAL A 53 -5.61 -3.58 -6.79
CA VAL A 53 -4.17 -3.36 -6.79
C VAL A 53 -3.42 -4.57 -7.37
N THR A 54 -2.71 -4.36 -8.46
CA THR A 54 -1.96 -5.43 -9.11
C THR A 54 -0.46 -5.21 -8.96
N PHE A 55 -0.08 -4.13 -8.28
CA PHE A 55 1.33 -3.81 -8.07
C PHE A 55 1.88 -4.57 -6.87
N GLU A 56 3.05 -5.18 -7.06
CA GLU A 56 3.69 -5.93 -5.98
C GLU A 56 4.42 -5.00 -5.01
N CYS A 57 4.14 -5.17 -3.73
CA CYS A 57 4.77 -4.34 -2.70
C CYS A 57 6.28 -4.57 -2.67
N PRO A 58 7.04 -3.47 -2.61
CA PRO A 58 8.51 -3.53 -2.57
C PRO A 58 9.04 -4.07 -1.25
N GLY A 59 8.31 -3.80 -0.17
CA GLY A 59 8.73 -4.27 1.14
C GLY A 59 8.08 -5.59 1.50
N ALA A 60 6.76 -5.67 1.33
CA ALA A 60 6.02 -6.89 1.64
C ALA A 60 6.23 -7.95 0.57
N GLY A 61 6.42 -9.19 0.99
CA GLY A 61 6.62 -10.28 0.06
C GLY A 61 7.90 -10.13 -0.73
N LYS A 62 8.65 -11.22 -0.85
CA LYS A 62 9.91 -11.21 -1.58
C LYS A 62 9.90 -12.22 -2.71
N GLY A 63 10.95 -12.23 -3.52
CA GLY A 63 11.03 -13.15 -4.64
C GLY A 63 12.27 -14.02 -4.58
N PRO A 64 13.05 -14.03 -5.67
CA PRO A 64 14.28 -14.82 -5.76
C PRO A 64 15.38 -14.29 -4.86
N GLN A 65 15.55 -12.97 -4.85
CA GLN A 65 16.57 -12.33 -4.03
C GLN A 65 16.29 -12.54 -2.55
N THR A 66 17.35 -12.68 -1.76
CA THR A 66 17.23 -12.89 -0.32
C THR A 66 17.85 -11.75 0.45
N ASP A 67 17.08 -11.15 1.35
CA ASP A 67 17.56 -10.04 2.17
C ASP A 67 18.21 -10.55 3.45
N ASP A 68 19.10 -9.74 4.02
CA ASP A 68 19.78 -10.12 5.25
C ASP A 68 19.29 -9.27 6.42
N PRO A 69 18.69 -9.93 7.41
CA PRO A 69 18.16 -9.26 8.61
C PRO A 69 19.28 -8.73 9.51
N ARG A 70 20.51 -8.83 9.03
CA ARG A 70 21.67 -8.36 9.81
C ARG A 70 21.27 -7.21 10.73
N ASN A 71 21.80 -7.24 11.95
CA ASN A 71 21.51 -6.20 12.93
C ASN A 71 22.77 -5.42 13.29
N LYS A 72 22.59 -4.16 13.66
CA LYS A 72 23.72 -3.31 14.04
C LYS A 72 24.67 -4.04 14.97
N HIS A 73 25.92 -3.59 15.01
CA HIS A 73 26.92 -4.21 15.87
C HIS A 73 26.42 -4.30 17.31
N LYS A 74 26.77 -5.39 17.99
CA LYS A 74 26.37 -5.59 19.37
C LYS A 74 27.23 -4.78 20.32
N PHE A 75 26.60 -3.81 21.01
CA PHE A 75 27.32 -2.95 21.95
C PHE A 75 27.66 -3.72 23.22
N ARG A 76 28.43 -3.08 24.10
CA ARG A 76 28.83 -3.70 25.35
C ARG A 76 28.04 -3.12 26.53
N LEU A 77 27.40 -4.00 27.30
CA LEU A 77 26.61 -3.57 28.44
C LEU A 77 27.49 -2.92 29.50
N GLY A 1 -2.81 -20.32 12.80
CA GLY A 1 -1.90 -21.40 12.44
C GLY A 1 -1.05 -21.06 11.24
N SER A 2 -1.69 -20.84 10.10
CA SER A 2 -0.97 -20.51 8.88
C SER A 2 -1.28 -19.08 8.44
N SER A 3 -0.28 -18.41 7.88
CA SER A 3 -0.42 -17.03 7.43
C SER A 3 -0.44 -16.96 5.90
N GLY A 4 -1.62 -16.77 5.34
CA GLY A 4 -1.74 -16.67 3.89
C GLY A 4 -2.51 -15.45 3.45
N SER A 5 -1.80 -14.34 3.24
CA SER A 5 -2.41 -13.10 2.82
C SER A 5 -1.77 -12.57 1.54
N SER A 6 -2.61 -12.14 0.59
CA SER A 6 -2.12 -11.62 -0.68
C SER A 6 -2.46 -10.14 -0.82
N GLY A 7 -1.43 -9.31 -0.90
CA GLY A 7 -1.63 -7.87 -1.04
C GLY A 7 -0.76 -7.07 -0.09
N HIS A 8 -1.05 -5.78 0.02
CA HIS A 8 -0.29 -4.90 0.89
C HIS A 8 -0.89 -4.86 2.29
N LYS A 9 -0.21 -4.18 3.21
CA LYS A 9 -0.69 -4.07 4.58
C LYS A 9 -1.74 -2.98 4.71
N PHE A 10 -2.66 -2.94 3.74
CA PHE A 10 -3.73 -1.96 3.75
C PHE A 10 -4.44 -1.92 5.09
N THR A 11 -5.01 -0.76 5.42
CA THR A 11 -5.71 -0.59 6.69
C THR A 11 -6.43 0.75 6.74
N ALA A 12 -7.65 0.75 7.26
CA ALA A 12 -8.45 1.97 7.38
C ALA A 12 -7.76 2.99 8.27
N ARG A 13 -7.46 4.16 7.73
CA ARG A 13 -6.80 5.21 8.49
C ARG A 13 -7.49 6.56 8.26
N PHE A 14 -8.00 7.15 9.33
CA PHE A 14 -8.68 8.44 9.24
C PHE A 14 -7.81 9.47 8.53
N PHE A 15 -8.19 9.80 7.30
CA PHE A 15 -7.45 10.77 6.51
C PHE A 15 -8.11 12.15 6.57
N LYS A 16 -7.34 13.16 6.91
CA LYS A 16 -7.84 14.52 7.00
C LYS A 16 -7.66 15.26 5.69
N GLN A 17 -6.51 15.06 5.06
CA GLN A 17 -6.21 15.72 3.78
C GLN A 17 -6.71 14.87 2.61
N PRO A 18 -6.98 15.54 1.47
CA PRO A 18 -7.47 14.86 0.27
C PRO A 18 -6.40 13.99 -0.38
N THR A 19 -6.20 12.79 0.17
CA THR A 19 -5.21 11.86 -0.36
C THR A 19 -5.43 11.60 -1.84
N PHE A 20 -4.41 11.05 -2.50
CA PHE A 20 -4.49 10.76 -3.93
C PHE A 20 -4.28 9.28 -4.19
N CYS A 21 -5.17 8.67 -4.96
CA CYS A 21 -5.08 7.25 -5.29
C CYS A 21 -4.03 7.01 -6.37
N SER A 22 -3.01 6.24 -6.04
CA SER A 22 -1.95 5.92 -6.98
C SER A 22 -2.30 4.72 -7.83
N HIS A 23 -3.59 4.56 -8.11
CA HIS A 23 -4.06 3.43 -8.92
C HIS A 23 -4.96 3.93 -10.06
N CYS A 24 -5.89 4.81 -9.73
CA CYS A 24 -6.81 5.35 -10.73
C CYS A 24 -6.73 6.87 -10.78
N THR A 25 -5.56 7.41 -10.40
CA THR A 25 -5.36 8.85 -10.39
C THR A 25 -6.64 9.59 -10.01
N ASP A 26 -7.20 9.23 -8.86
CA ASP A 26 -8.42 9.87 -8.39
C ASP A 26 -8.33 10.17 -6.89
N PHE A 27 -9.15 11.12 -6.43
CA PHE A 27 -9.16 11.51 -5.04
C PHE A 27 -9.98 10.53 -4.20
N ILE A 28 -9.53 10.27 -2.98
CA ILE A 28 -10.22 9.35 -2.08
C ILE A 28 -11.12 10.10 -1.11
N TRP A 29 -10.57 11.14 -0.49
CA TRP A 29 -11.33 11.94 0.47
C TRP A 29 -12.48 12.65 -0.21
N GLY A 30 -13.70 12.38 0.26
CA GLY A 30 -14.88 13.01 -0.33
C GLY A 30 -16.16 12.32 0.10
N ILE A 31 -16.55 11.30 -0.66
CA ILE A 31 -17.77 10.56 -0.37
C ILE A 31 -17.71 9.92 1.01
N GLY A 32 -18.73 9.13 1.35
CA GLY A 32 -18.76 8.48 2.64
C GLY A 32 -17.88 7.25 2.70
N LYS A 33 -16.68 7.37 2.15
CA LYS A 33 -15.73 6.26 2.14
C LYS A 33 -14.30 6.77 2.34
N GLN A 34 -13.46 5.93 2.95
CA GLN A 34 -12.07 6.29 3.21
C GLN A 34 -11.12 5.44 2.36
N GLY A 35 -9.82 5.71 2.49
CA GLY A 35 -8.84 4.97 1.74
C GLY A 35 -7.90 4.17 2.62
N LEU A 36 -7.31 3.12 2.07
CA LEU A 36 -6.38 2.27 2.81
C LEU A 36 -4.94 2.55 2.41
N GLN A 37 -4.09 2.83 3.40
CA GLN A 37 -2.68 3.11 3.13
C GLN A 37 -1.81 1.93 3.55
N CYS A 38 -0.77 1.68 2.78
CA CYS A 38 0.15 0.57 3.06
C CYS A 38 1.24 1.01 4.03
N GLN A 39 1.49 0.18 5.05
CA GLN A 39 2.51 0.48 6.05
C GLN A 39 3.87 -0.02 5.60
N VAL A 40 4.09 -0.07 4.29
CA VAL A 40 5.35 -0.54 3.73
C VAL A 40 5.88 0.43 2.68
N CYS A 41 5.14 0.55 1.58
CA CYS A 41 5.54 1.44 0.49
C CYS A 41 4.64 2.68 0.44
N SER A 42 4.02 2.99 1.58
CA SER A 42 3.13 4.15 1.67
C SER A 42 2.18 4.20 0.47
N PHE A 43 1.89 3.04 -0.08
CA PHE A 43 1.00 2.95 -1.24
C PHE A 43 -0.46 2.96 -0.80
N VAL A 44 -1.11 4.11 -0.95
CA VAL A 44 -2.51 4.26 -0.56
C VAL A 44 -3.42 4.19 -1.79
N VAL A 45 -4.61 3.65 -1.59
CA VAL A 45 -5.59 3.52 -2.67
C VAL A 45 -6.99 3.32 -2.13
N HIS A 46 -7.99 3.78 -2.88
CA HIS A 46 -9.38 3.65 -2.48
C HIS A 46 -9.61 2.32 -1.78
N ARG A 47 -10.62 2.27 -0.92
CA ARG A 47 -10.95 1.06 -0.17
C ARG A 47 -11.13 -0.12 -1.12
N ARG A 48 -11.87 0.10 -2.20
CA ARG A 48 -12.12 -0.94 -3.18
C ARG A 48 -10.88 -1.21 -4.03
N CYS A 49 -10.23 -0.14 -4.47
CA CYS A 49 -9.03 -0.24 -5.28
C CYS A 49 -8.03 -1.23 -4.67
N HIS A 50 -8.12 -1.38 -3.34
CA HIS A 50 -7.23 -2.29 -2.62
C HIS A 50 -7.16 -3.65 -3.31
N GLU A 51 -8.22 -4.42 -3.17
CA GLU A 51 -8.29 -5.75 -3.78
C GLU A 51 -7.89 -5.69 -5.26
N PHE A 52 -8.31 -4.63 -5.93
CA PHE A 52 -8.00 -4.45 -7.34
C PHE A 52 -6.49 -4.35 -7.57
N VAL A 53 -5.81 -3.70 -6.62
CA VAL A 53 -4.37 -3.52 -6.70
C VAL A 53 -3.69 -4.78 -7.24
N THR A 54 -2.75 -4.61 -8.16
CA THR A 54 -2.03 -5.72 -8.75
C THR A 54 -0.55 -5.65 -8.41
N PHE A 55 0.04 -4.47 -8.54
CA PHE A 55 1.45 -4.27 -8.25
C PHE A 55 1.86 -5.04 -6.99
N GLU A 56 3.11 -5.50 -6.97
CA GLU A 56 3.63 -6.24 -5.82
C GLU A 56 4.44 -5.33 -4.91
N CYS A 57 4.08 -5.30 -3.63
CA CYS A 57 4.78 -4.48 -2.65
C CYS A 57 6.27 -4.75 -2.68
N PRO A 58 7.07 -3.67 -2.69
CA PRO A 58 8.54 -3.77 -2.71
C PRO A 58 9.10 -4.31 -1.41
N GLY A 59 8.67 -3.74 -0.30
CA GLY A 59 9.14 -4.18 1.00
C GLY A 59 8.64 -5.56 1.37
N ALA A 60 7.32 -5.74 1.33
CA ALA A 60 6.72 -7.02 1.67
C ALA A 60 7.49 -8.17 1.04
N GLY A 61 7.58 -8.16 -0.29
CA GLY A 61 8.30 -9.20 -1.00
C GLY A 61 7.54 -10.52 -1.00
N LYS A 62 6.50 -10.60 -1.82
CA LYS A 62 5.69 -11.81 -1.91
C LYS A 62 6.05 -12.60 -3.16
N GLY A 63 6.21 -11.91 -4.28
CA GLY A 63 6.56 -12.58 -5.53
C GLY A 63 7.65 -13.61 -5.34
N PRO A 64 7.59 -14.70 -6.12
CA PRO A 64 8.57 -15.77 -6.05
C PRO A 64 9.94 -15.35 -6.60
N GLN A 65 10.02 -14.12 -7.08
CA GLN A 65 11.26 -13.59 -7.62
C GLN A 65 12.33 -13.51 -6.56
N THR A 66 13.14 -14.56 -6.44
CA THR A 66 14.20 -14.62 -5.45
C THR A 66 15.03 -13.34 -5.46
N ASP A 67 15.55 -12.97 -4.30
CA ASP A 67 16.36 -11.75 -4.17
C ASP A 67 17.85 -12.09 -4.22
N ASP A 68 18.21 -13.04 -5.08
CA ASP A 68 19.60 -13.45 -5.23
C ASP A 68 20.09 -13.22 -6.65
N PRO A 69 21.29 -12.62 -6.77
CA PRO A 69 21.89 -12.32 -8.08
C PRO A 69 22.35 -13.59 -8.80
N ARG A 70 21.89 -14.73 -8.32
CA ARG A 70 22.24 -16.01 -8.92
C ARG A 70 21.80 -16.08 -10.38
N ASN A 71 22.06 -17.20 -11.03
CA ASN A 71 21.69 -17.39 -12.42
C ASN A 71 20.18 -17.55 -12.57
N LYS A 72 19.60 -16.79 -13.49
CA LYS A 72 18.16 -16.86 -13.73
C LYS A 72 17.84 -17.75 -14.92
N HIS A 73 16.64 -18.31 -14.93
CA HIS A 73 16.22 -19.19 -16.01
C HIS A 73 16.55 -18.58 -17.37
N LYS A 74 16.10 -17.34 -17.59
CA LYS A 74 16.35 -16.65 -18.84
C LYS A 74 17.84 -16.70 -19.20
N PHE A 75 18.13 -17.19 -20.40
CA PHE A 75 19.51 -17.28 -20.87
C PHE A 75 19.64 -16.75 -22.29
N ARG A 76 20.85 -16.31 -22.64
CA ARG A 76 21.12 -15.77 -23.97
C ARG A 76 22.01 -16.70 -24.77
N LEU A 77 21.63 -16.98 -26.00
CA LEU A 77 22.41 -17.85 -26.87
C LEU A 77 22.25 -17.46 -28.33
N GLY A 1 -8.73 -7.04 14.81
CA GLY A 1 -8.69 -8.23 13.98
C GLY A 1 -8.10 -7.97 12.62
N SER A 2 -7.98 -9.02 11.81
CA SER A 2 -7.42 -8.91 10.48
C SER A 2 -8.40 -9.42 9.43
N SER A 3 -8.25 -8.95 8.19
CA SER A 3 -9.11 -9.37 7.10
C SER A 3 -8.40 -9.22 5.76
N GLY A 4 -8.44 -10.28 4.96
CA GLY A 4 -7.80 -10.25 3.65
C GLY A 4 -6.69 -11.28 3.53
N SER A 5 -6.70 -12.02 2.43
CA SER A 5 -5.69 -13.05 2.20
C SER A 5 -4.54 -12.49 1.37
N SER A 6 -4.87 -11.83 0.27
CA SER A 6 -3.86 -11.25 -0.61
C SER A 6 -3.97 -9.73 -0.64
N GLY A 7 -2.82 -9.06 -0.64
CA GLY A 7 -2.81 -7.60 -0.67
C GLY A 7 -1.79 -7.02 0.28
N HIS A 8 -1.50 -5.73 0.11
CA HIS A 8 -0.54 -5.04 0.96
C HIS A 8 -1.02 -4.99 2.41
N LYS A 9 -0.24 -4.36 3.28
CA LYS A 9 -0.59 -4.24 4.69
C LYS A 9 -1.58 -3.10 4.90
N PHE A 10 -2.56 -3.00 4.01
CA PHE A 10 -3.57 -1.94 4.10
C PHE A 10 -4.18 -1.90 5.50
N THR A 11 -4.56 -0.71 5.93
CA THR A 11 -5.16 -0.54 7.25
C THR A 11 -5.96 0.77 7.33
N ALA A 12 -7.10 0.72 8.01
CA ALA A 12 -7.95 1.89 8.16
C ALA A 12 -7.18 3.06 8.79
N ARG A 13 -7.19 4.20 8.12
CA ARG A 13 -6.49 5.39 8.61
C ARG A 13 -7.31 6.65 8.37
N PHE A 14 -7.45 7.46 9.40
CA PHE A 14 -8.23 8.70 9.30
C PHE A 14 -7.46 9.75 8.48
N PHE A 15 -8.02 10.10 7.33
CA PHE A 15 -7.40 11.09 6.45
C PHE A 15 -8.19 12.39 6.45
N LYS A 16 -7.51 13.48 6.75
CA LYS A 16 -8.15 14.80 6.78
C LYS A 16 -8.10 15.47 5.41
N GLN A 17 -6.93 15.40 4.77
CA GLN A 17 -6.75 15.99 3.45
C GLN A 17 -7.23 15.04 2.35
N PRO A 18 -7.48 15.59 1.16
CA PRO A 18 -7.94 14.80 0.01
C PRO A 18 -6.85 13.88 -0.54
N THR A 19 -6.73 12.70 0.07
CA THR A 19 -5.73 11.73 -0.36
C THR A 19 -5.87 11.40 -1.84
N PHE A 20 -4.74 11.12 -2.49
CA PHE A 20 -4.74 10.79 -3.91
C PHE A 20 -4.45 9.31 -4.13
N CYS A 21 -5.32 8.64 -4.88
CA CYS A 21 -5.15 7.23 -5.16
C CYS A 21 -4.10 7.00 -6.25
N SER A 22 -2.99 6.39 -5.88
CA SER A 22 -1.90 6.13 -6.82
C SER A 22 -2.22 4.90 -7.67
N HIS A 23 -3.48 4.76 -8.05
CA HIS A 23 -3.91 3.64 -8.88
C HIS A 23 -4.80 4.11 -10.02
N CYS A 24 -5.77 4.95 -9.71
CA CYS A 24 -6.69 5.48 -10.71
C CYS A 24 -6.60 7.00 -10.79
N THR A 25 -5.46 7.54 -10.37
CA THR A 25 -5.24 8.98 -10.40
C THR A 25 -6.51 9.74 -10.00
N ASP A 26 -7.16 9.25 -8.95
CA ASP A 26 -8.38 9.89 -8.47
C ASP A 26 -8.30 10.14 -6.96
N PHE A 27 -9.07 11.12 -6.49
CA PHE A 27 -9.09 11.46 -5.08
C PHE A 27 -9.91 10.46 -4.28
N ILE A 28 -9.55 10.27 -3.01
CA ILE A 28 -10.26 9.33 -2.14
C ILE A 28 -11.25 10.07 -1.25
N TRP A 29 -10.78 11.10 -0.57
CA TRP A 29 -11.63 11.88 0.31
C TRP A 29 -12.81 12.48 -0.45
N GLY A 30 -12.54 13.01 -1.63
CA GLY A 30 -13.59 13.61 -2.44
C GLY A 30 -14.61 14.35 -1.60
N ILE A 31 -15.82 13.80 -1.53
CA ILE A 31 -16.90 14.40 -0.75
C ILE A 31 -16.86 13.94 0.70
N GLY A 32 -16.68 12.64 0.89
CA GLY A 32 -16.64 12.09 2.23
C GLY A 32 -16.34 10.60 2.24
N LYS A 33 -15.07 10.26 2.06
CA LYS A 33 -14.65 8.86 2.05
C LYS A 33 -13.22 8.71 2.57
N GLN A 34 -12.89 7.51 3.04
CA GLN A 34 -11.56 7.25 3.57
C GLN A 34 -10.80 6.28 2.67
N GLY A 35 -9.49 6.20 2.86
CA GLY A 35 -8.67 5.31 2.06
C GLY A 35 -7.75 4.44 2.90
N LEU A 36 -7.25 3.37 2.30
CA LEU A 36 -6.35 2.45 3.01
C LEU A 36 -4.92 2.62 2.53
N GLN A 37 -4.04 3.00 3.45
CA GLN A 37 -2.63 3.21 3.12
C GLN A 37 -1.79 1.99 3.55
N CYS A 38 -0.79 1.68 2.75
CA CYS A 38 0.09 0.55 3.04
C CYS A 38 1.23 0.95 3.97
N GLN A 39 1.46 0.16 5.01
CA GLN A 39 2.52 0.45 5.96
C GLN A 39 3.86 -0.08 5.46
N VAL A 40 4.03 -0.11 4.15
CA VAL A 40 5.27 -0.59 3.55
C VAL A 40 5.73 0.35 2.44
N CYS A 41 4.90 0.51 1.42
CA CYS A 41 5.23 1.38 0.28
C CYS A 41 4.34 2.61 0.27
N SER A 42 3.82 2.98 1.45
CA SER A 42 2.95 4.13 1.57
C SER A 42 1.99 4.23 0.39
N PHE A 43 1.57 3.06 -0.11
CA PHE A 43 0.65 3.01 -1.24
C PHE A 43 -0.80 3.00 -0.77
N VAL A 44 -1.46 4.14 -0.91
CA VAL A 44 -2.86 4.28 -0.49
C VAL A 44 -3.79 4.28 -1.69
N VAL A 45 -4.82 3.44 -1.64
CA VAL A 45 -5.79 3.34 -2.73
C VAL A 45 -7.19 3.08 -2.19
N HIS A 46 -8.19 3.63 -2.87
CA HIS A 46 -9.58 3.46 -2.47
C HIS A 46 -9.82 2.04 -1.97
N ARG A 47 -10.87 1.86 -1.17
CA ARG A 47 -11.21 0.55 -0.61
C ARG A 47 -11.29 -0.49 -1.72
N ARG A 48 -11.99 -0.15 -2.80
CA ARG A 48 -12.15 -1.06 -3.93
C ARG A 48 -10.82 -1.27 -4.65
N CYS A 49 -10.10 -0.17 -4.88
CA CYS A 49 -8.82 -0.24 -5.56
C CYS A 49 -7.86 -1.16 -4.83
N HIS A 50 -8.00 -1.24 -3.52
CA HIS A 50 -7.14 -2.09 -2.69
C HIS A 50 -6.98 -3.47 -3.34
N GLU A 51 -8.04 -4.27 -3.31
CA GLU A 51 -8.00 -5.60 -3.89
C GLU A 51 -7.50 -5.56 -5.33
N PHE A 52 -7.99 -4.58 -6.09
CA PHE A 52 -7.59 -4.43 -7.49
C PHE A 52 -6.07 -4.33 -7.62
N VAL A 53 -5.46 -3.60 -6.69
CA VAL A 53 -4.01 -3.42 -6.69
C VAL A 53 -3.30 -4.70 -7.09
N THR A 54 -2.64 -4.68 -8.25
CA THR A 54 -1.92 -5.84 -8.74
C THR A 54 -0.44 -5.76 -8.42
N PHE A 55 0.10 -4.54 -8.48
CA PHE A 55 1.52 -4.33 -8.19
C PHE A 55 1.93 -5.06 -6.92
N GLU A 56 3.10 -5.70 -6.96
CA GLU A 56 3.60 -6.44 -5.81
C GLU A 56 4.41 -5.54 -4.89
N CYS A 57 3.91 -5.32 -3.69
CA CYS A 57 4.59 -4.47 -2.71
C CYS A 57 6.09 -4.74 -2.72
N PRO A 58 6.88 -3.65 -2.72
CA PRO A 58 8.35 -3.73 -2.73
C PRO A 58 8.90 -4.25 -1.40
N GLY A 59 8.15 -4.05 -0.33
CA GLY A 59 8.58 -4.50 0.98
C GLY A 59 7.90 -5.78 1.40
N ALA A 60 6.58 -5.74 1.50
CA ALA A 60 5.81 -6.92 1.89
C ALA A 60 6.30 -8.17 1.18
N GLY A 61 6.45 -8.08 -0.14
CA GLY A 61 6.92 -9.21 -0.91
C GLY A 61 6.83 -8.97 -2.41
N LYS A 62 7.90 -8.44 -2.98
CA LYS A 62 7.94 -8.16 -4.41
C LYS A 62 7.87 -9.45 -5.22
N GLY A 63 8.58 -10.47 -4.77
CA GLY A 63 8.58 -11.75 -5.46
C GLY A 63 8.93 -12.90 -4.55
N PRO A 64 8.85 -14.14 -5.09
CA PRO A 64 9.17 -15.35 -4.33
C PRO A 64 10.65 -15.48 -4.02
N GLN A 65 11.39 -14.38 -4.21
CA GLN A 65 12.82 -14.37 -3.95
C GLN A 65 13.11 -14.66 -2.49
N THR A 66 13.57 -15.87 -2.20
CA THR A 66 13.90 -16.27 -0.83
C THR A 66 15.38 -16.10 -0.54
N ASP A 67 15.76 -16.31 0.72
CA ASP A 67 17.15 -16.19 1.12
C ASP A 67 18.06 -17.02 0.22
N ASP A 68 19.36 -16.91 0.45
CA ASP A 68 20.34 -17.65 -0.35
C ASP A 68 19.79 -19.01 -0.75
N PRO A 69 20.07 -19.43 -1.99
CA PRO A 69 19.62 -20.71 -2.53
C PRO A 69 20.32 -21.90 -1.86
N ARG A 70 20.89 -21.66 -0.69
CA ARG A 70 21.60 -22.70 0.04
C ARG A 70 21.03 -24.08 -0.28
N ASN A 71 21.73 -24.81 -1.14
CA ASN A 71 21.29 -26.14 -1.56
C ASN A 71 22.43 -27.15 -1.42
N LYS A 72 22.12 -28.41 -1.68
CA LYS A 72 23.11 -29.48 -1.59
C LYS A 72 24.48 -28.99 -2.07
N HIS A 73 25.54 -29.51 -1.46
CA HIS A 73 26.90 -29.12 -1.83
C HIS A 73 27.01 -28.88 -3.33
N LYS A 74 27.92 -28.00 -3.72
CA LYS A 74 28.12 -27.68 -5.12
C LYS A 74 27.93 -28.91 -6.00
N PHE A 75 27.53 -28.70 -7.25
CA PHE A 75 27.32 -29.79 -8.18
C PHE A 75 28.61 -30.54 -8.46
N ARG A 76 28.53 -31.58 -9.28
CA ARG A 76 29.69 -32.38 -9.62
C ARG A 76 30.06 -32.21 -11.10
N LEU A 77 31.13 -32.88 -11.52
CA LEU A 77 31.59 -32.80 -12.90
C LEU A 77 30.44 -33.11 -13.87
N GLY A 1 -3.16 -12.35 6.06
CA GLY A 1 -4.60 -12.43 5.87
C GLY A 1 -5.17 -13.79 6.22
N SER A 2 -5.59 -14.53 5.21
CA SER A 2 -6.17 -15.85 5.40
C SER A 2 -5.16 -16.94 5.02
N SER A 3 -4.26 -17.26 5.95
CA SER A 3 -3.25 -18.28 5.71
C SER A 3 -2.52 -18.02 4.39
N GLY A 4 -2.20 -16.76 4.14
CA GLY A 4 -1.51 -16.40 2.91
C GLY A 4 -1.45 -14.90 2.70
N SER A 5 -0.60 -14.47 1.77
CA SER A 5 -0.44 -13.05 1.47
C SER A 5 -1.54 -12.57 0.51
N SER A 6 -2.40 -11.69 1.01
CA SER A 6 -3.49 -11.16 0.21
C SER A 6 -3.40 -9.64 0.11
N GLY A 7 -2.82 -9.15 -0.99
CA GLY A 7 -2.67 -7.73 -1.18
C GLY A 7 -1.69 -7.10 -0.22
N HIS A 8 -1.47 -5.80 -0.36
CA HIS A 8 -0.55 -5.08 0.52
C HIS A 8 -1.02 -5.14 1.97
N LYS A 9 -0.25 -4.53 2.86
CA LYS A 9 -0.59 -4.51 4.28
C LYS A 9 -1.30 -3.22 4.65
N PHE A 10 -2.35 -2.89 3.92
CA PHE A 10 -3.13 -1.68 4.17
C PHE A 10 -3.68 -1.68 5.59
N THR A 11 -4.15 -0.52 6.04
CA THR A 11 -4.71 -0.38 7.38
C THR A 11 -5.62 0.84 7.48
N ALA A 12 -6.92 0.58 7.51
CA ALA A 12 -7.90 1.66 7.60
C ALA A 12 -7.50 2.69 8.64
N ARG A 13 -7.15 3.88 8.17
CA ARG A 13 -6.74 4.96 9.08
C ARG A 13 -7.37 6.29 8.65
N PHE A 14 -7.87 7.03 9.63
CA PHE A 14 -8.50 8.32 9.37
C PHE A 14 -7.61 9.18 8.47
N PHE A 15 -8.24 10.04 7.68
CA PHE A 15 -7.52 10.93 6.77
C PHE A 15 -7.93 12.38 6.97
N LYS A 16 -7.21 13.08 7.85
CA LYS A 16 -7.50 14.48 8.14
C LYS A 16 -7.36 15.33 6.88
N GLN A 17 -6.53 14.88 5.96
CA GLN A 17 -6.31 15.61 4.71
C GLN A 17 -6.65 14.73 3.51
N PRO A 18 -6.94 15.38 2.36
CA PRO A 18 -7.29 14.68 1.13
C PRO A 18 -6.10 13.95 0.52
N THR A 19 -6.30 12.68 0.16
CA THR A 19 -5.24 11.87 -0.43
C THR A 19 -5.55 11.55 -1.89
N PHE A 20 -4.59 10.92 -2.56
CA PHE A 20 -4.76 10.56 -3.97
C PHE A 20 -4.57 9.06 -4.17
N CYS A 21 -5.42 8.47 -5.00
CA CYS A 21 -5.35 7.04 -5.28
C CYS A 21 -4.31 6.74 -6.35
N SER A 22 -3.24 6.06 -5.96
CA SER A 22 -2.17 5.73 -6.89
C SER A 22 -2.57 4.54 -7.77
N HIS A 23 -3.84 4.16 -7.69
CA HIS A 23 -4.36 3.05 -8.48
C HIS A 23 -5.23 3.55 -9.62
N CYS A 24 -6.23 4.35 -9.29
CA CYS A 24 -7.14 4.90 -10.28
C CYS A 24 -6.89 6.39 -10.48
N THR A 25 -5.69 6.83 -10.15
CA THR A 25 -5.32 8.24 -10.30
C THR A 25 -6.52 9.15 -10.05
N ASP A 26 -7.16 8.98 -8.90
CA ASP A 26 -8.32 9.79 -8.55
C ASP A 26 -8.16 10.37 -7.14
N PHE A 27 -8.83 11.49 -6.89
CA PHE A 27 -8.78 12.14 -5.59
C PHE A 27 -9.41 11.26 -4.51
N ILE A 28 -8.96 11.45 -3.28
CA ILE A 28 -9.49 10.68 -2.16
C ILE A 28 -9.96 11.59 -1.03
N TRP A 29 -11.18 12.11 -1.16
CA TRP A 29 -11.73 13.00 -0.15
C TRP A 29 -13.25 12.86 -0.09
N GLY A 30 -13.83 13.20 1.05
CA GLY A 30 -15.28 13.12 1.21
C GLY A 30 -15.68 12.71 2.61
N ILE A 31 -16.74 11.92 2.71
CA ILE A 31 -17.23 11.45 4.00
C ILE A 31 -16.92 9.98 4.22
N GLY A 32 -16.49 9.64 5.44
CA GLY A 32 -16.16 8.27 5.75
C GLY A 32 -14.68 7.98 5.61
N LYS A 33 -14.30 6.71 5.72
CA LYS A 33 -12.91 6.31 5.61
C LYS A 33 -12.73 5.24 4.53
N GLN A 34 -12.63 5.68 3.28
CA GLN A 34 -12.46 4.77 2.17
C GLN A 34 -11.05 4.87 1.59
N GLY A 35 -10.05 4.82 2.48
CA GLY A 35 -8.67 4.91 2.04
C GLY A 35 -7.79 3.87 2.69
N LEU A 36 -7.08 3.09 1.88
CA LEU A 36 -6.20 2.04 2.38
C LEU A 36 -4.74 2.40 2.13
N GLN A 37 -4.08 2.96 3.14
CA GLN A 37 -2.68 3.35 3.03
C GLN A 37 -1.77 2.23 3.52
N CYS A 38 -1.04 1.62 2.60
CA CYS A 38 -0.13 0.53 2.93
C CYS A 38 0.98 1.02 3.87
N GLN A 39 1.22 0.27 4.93
CA GLN A 39 2.25 0.63 5.90
C GLN A 39 3.61 0.10 5.47
N VAL A 40 3.81 -0.01 4.16
CA VAL A 40 5.07 -0.50 3.61
C VAL A 40 5.61 0.45 2.55
N CYS A 41 4.93 0.51 1.40
CA CYS A 41 5.35 1.38 0.32
C CYS A 41 4.56 2.68 0.33
N SER A 42 3.73 2.86 1.36
CA SER A 42 2.92 4.07 1.49
C SER A 42 1.91 4.16 0.35
N PHE A 43 1.48 3.01 -0.14
CA PHE A 43 0.51 2.97 -1.24
C PHE A 43 -0.92 3.15 -0.72
N VAL A 44 -1.50 4.31 -1.01
CA VAL A 44 -2.86 4.62 -0.57
C VAL A 44 -3.84 4.57 -1.75
N VAL A 45 -4.82 3.68 -1.65
CA VAL A 45 -5.82 3.54 -2.71
C VAL A 45 -7.19 3.22 -2.12
N HIS A 46 -8.23 3.73 -2.76
CA HIS A 46 -9.60 3.49 -2.31
C HIS A 46 -9.78 2.06 -1.81
N ARG A 47 -10.79 1.84 -0.99
CA ARG A 47 -11.07 0.51 -0.44
C ARG A 47 -11.50 -0.44 -1.55
N ARG A 48 -12.16 0.09 -2.56
CA ARG A 48 -12.64 -0.72 -3.69
C ARG A 48 -11.49 -1.03 -4.65
N CYS A 49 -10.42 -0.25 -4.56
CA CYS A 49 -9.26 -0.44 -5.42
C CYS A 49 -8.23 -1.37 -4.77
N HIS A 50 -8.18 -1.34 -3.44
CA HIS A 50 -7.25 -2.17 -2.69
C HIS A 50 -7.05 -3.51 -3.39
N GLU A 51 -8.11 -4.29 -3.48
CA GLU A 51 -8.04 -5.60 -4.12
C GLU A 51 -7.52 -5.48 -5.55
N PHE A 52 -8.17 -4.62 -6.34
CA PHE A 52 -7.77 -4.41 -7.72
C PHE A 52 -6.25 -4.34 -7.85
N VAL A 53 -5.63 -3.52 -7.01
CA VAL A 53 -4.18 -3.35 -7.03
C VAL A 53 -3.49 -4.66 -7.42
N THR A 54 -2.40 -4.55 -8.18
CA THR A 54 -1.65 -5.71 -8.62
C THR A 54 -0.16 -5.55 -8.33
N PHE A 55 0.33 -4.32 -8.42
CA PHE A 55 1.73 -4.03 -8.16
C PHE A 55 2.20 -4.72 -6.89
N GLU A 56 3.29 -5.47 -7.00
CA GLU A 56 3.85 -6.19 -5.85
C GLU A 56 4.53 -5.22 -4.88
N CYS A 57 4.23 -5.38 -3.60
CA CYS A 57 4.79 -4.53 -2.57
C CYS A 57 6.30 -4.72 -2.47
N PRO A 58 7.05 -3.61 -2.41
CA PRO A 58 8.51 -3.64 -2.32
C PRO A 58 9.00 -4.14 -0.97
N GLY A 59 8.31 -3.73 0.10
CA GLY A 59 8.68 -4.16 1.43
C GLY A 59 7.93 -5.40 1.88
N ALA A 60 6.61 -5.35 1.81
CA ALA A 60 5.77 -6.48 2.21
C ALA A 60 5.96 -7.66 1.26
N GLY A 61 5.75 -8.86 1.79
CA GLY A 61 5.91 -10.06 0.98
C GLY A 61 7.33 -10.28 0.53
N LYS A 62 7.53 -11.18 -0.43
CA LYS A 62 8.86 -11.47 -0.95
C LYS A 62 9.21 -10.57 -2.11
N GLY A 63 10.02 -9.55 -1.85
CA GLY A 63 10.42 -8.63 -2.89
C GLY A 63 11.77 -8.97 -3.49
N PRO A 64 12.27 -8.11 -4.38
CA PRO A 64 13.56 -8.30 -5.04
C PRO A 64 14.73 -8.14 -4.08
N GLN A 65 14.43 -7.90 -2.82
CA GLN A 65 15.46 -7.72 -1.81
C GLN A 65 16.05 -9.06 -1.39
N THR A 66 17.29 -9.31 -1.83
CA THR A 66 17.97 -10.56 -1.51
C THR A 66 18.32 -10.64 -0.02
N ASP A 67 17.85 -11.70 0.63
CA ASP A 67 18.10 -11.88 2.06
C ASP A 67 19.26 -12.87 2.27
N ASP A 68 19.62 -13.06 3.53
CA ASP A 68 20.71 -13.99 3.86
C ASP A 68 20.72 -15.19 2.93
N PRO A 69 21.66 -15.19 1.97
CA PRO A 69 21.80 -16.27 0.99
C PRO A 69 22.30 -17.56 1.62
N ARG A 70 22.51 -17.54 2.93
CA ARG A 70 22.99 -18.70 3.66
C ARG A 70 21.83 -19.54 4.17
N ASN A 71 21.32 -20.43 3.33
CA ASN A 71 20.21 -21.29 3.69
C ASN A 71 20.31 -22.65 3.02
N LYS A 72 19.40 -23.56 3.36
CA LYS A 72 19.39 -24.89 2.78
C LYS A 72 19.49 -24.82 1.26
N HIS A 73 19.84 -25.95 0.64
CA HIS A 73 19.96 -26.02 -0.81
C HIS A 73 18.81 -25.30 -1.48
N LYS A 74 19.05 -24.07 -1.93
CA LYS A 74 18.03 -23.28 -2.59
C LYS A 74 17.81 -23.76 -4.03
N PHE A 75 16.55 -23.99 -4.38
CA PHE A 75 16.21 -24.44 -5.73
C PHE A 75 16.39 -23.33 -6.75
N ARG A 76 17.45 -23.43 -7.55
CA ARG A 76 17.74 -22.43 -8.57
C ARG A 76 17.47 -22.99 -9.96
N LEU A 77 17.42 -22.09 -10.95
CA LEU A 77 17.17 -22.49 -12.34
C LEU A 77 18.49 -22.62 -13.09
N GLY A 1 -9.51 -24.14 5.17
CA GLY A 1 -8.10 -24.29 4.90
C GLY A 1 -7.33 -23.01 5.15
N SER A 2 -6.04 -23.03 4.82
CA SER A 2 -5.19 -21.86 5.02
C SER A 2 -5.38 -20.85 3.89
N SER A 3 -5.86 -19.65 4.25
CA SER A 3 -6.10 -18.60 3.27
C SER A 3 -6.05 -17.22 3.93
N GLY A 4 -5.11 -16.39 3.47
CA GLY A 4 -4.98 -15.06 4.04
C GLY A 4 -5.60 -14.00 3.14
N SER A 5 -4.75 -13.26 2.43
CA SER A 5 -5.22 -12.20 1.55
C SER A 5 -4.07 -11.63 0.72
N SER A 6 -4.18 -11.75 -0.60
CA SER A 6 -3.16 -11.26 -1.50
C SER A 6 -3.28 -9.75 -1.70
N GLY A 7 -2.56 -8.99 -0.87
CA GLY A 7 -2.61 -7.54 -0.98
C GLY A 7 -1.64 -6.86 -0.03
N HIS A 8 -1.61 -5.54 -0.06
CA HIS A 8 -0.72 -4.77 0.79
C HIS A 8 -1.25 -4.72 2.22
N LYS A 9 -0.49 -4.10 3.11
CA LYS A 9 -0.89 -3.97 4.51
C LYS A 9 -1.92 -2.85 4.68
N PHE A 10 -2.91 -2.83 3.79
CA PHE A 10 -3.95 -1.82 3.85
C PHE A 10 -4.63 -1.81 5.21
N THR A 11 -4.95 -0.61 5.71
CA THR A 11 -5.60 -0.48 7.01
C THR A 11 -6.36 0.85 7.10
N ALA A 12 -7.53 0.82 7.73
CA ALA A 12 -8.34 2.01 7.89
C ALA A 12 -7.57 3.10 8.62
N ARG A 13 -7.45 4.26 7.98
CA ARG A 13 -6.74 5.39 8.57
C ARG A 13 -7.51 6.69 8.37
N PHE A 14 -7.68 7.45 9.45
CA PHE A 14 -8.40 8.71 9.40
C PHE A 14 -7.69 9.70 8.47
N PHE A 15 -8.38 10.09 7.41
CA PHE A 15 -7.82 11.04 6.45
C PHE A 15 -8.63 12.33 6.42
N LYS A 16 -8.02 13.41 6.91
CA LYS A 16 -8.67 14.71 6.94
C LYS A 16 -8.70 15.34 5.56
N GLN A 17 -7.64 15.10 4.78
CA GLN A 17 -7.54 15.65 3.43
C GLN A 17 -7.83 14.58 2.39
N PRO A 18 -8.15 15.02 1.16
CA PRO A 18 -8.45 14.11 0.05
C PRO A 18 -7.23 13.35 -0.43
N THR A 19 -7.00 12.18 0.15
CA THR A 19 -5.85 11.35 -0.21
C THR A 19 -5.90 10.98 -1.69
N PHE A 20 -4.73 10.85 -2.30
CA PHE A 20 -4.64 10.50 -3.71
C PHE A 20 -4.44 8.99 -3.88
N CYS A 21 -5.16 8.41 -4.83
CA CYS A 21 -5.07 6.98 -5.10
C CYS A 21 -4.00 6.70 -6.15
N SER A 22 -2.98 5.94 -5.76
CA SER A 22 -1.88 5.59 -6.66
C SER A 22 -2.25 4.37 -7.50
N HIS A 23 -3.55 4.17 -7.71
CA HIS A 23 -4.03 3.05 -8.50
C HIS A 23 -4.88 3.52 -9.67
N CYS A 24 -5.85 4.39 -9.37
CA CYS A 24 -6.74 4.92 -10.40
C CYS A 24 -6.56 6.44 -10.53
N THR A 25 -5.37 6.92 -10.17
CA THR A 25 -5.08 8.35 -10.25
C THR A 25 -6.32 9.19 -9.96
N ASP A 26 -6.94 8.95 -8.81
CA ASP A 26 -8.13 9.67 -8.41
C ASP A 26 -8.04 10.09 -6.94
N PHE A 27 -8.86 11.08 -6.57
CA PHE A 27 -8.88 11.57 -5.20
C PHE A 27 -9.66 10.62 -4.29
N ILE A 28 -9.35 10.67 -3.00
CA ILE A 28 -10.02 9.81 -2.02
C ILE A 28 -10.87 10.64 -1.07
N TRP A 29 -12.05 11.04 -1.52
CA TRP A 29 -12.95 11.83 -0.70
C TRP A 29 -14.39 11.34 -0.83
N GLY A 30 -15.23 11.70 0.12
CA GLY A 30 -16.62 11.29 0.09
C GLY A 30 -16.99 10.38 1.24
N ILE A 31 -18.07 10.72 1.95
CA ILE A 31 -18.51 9.92 3.08
C ILE A 31 -18.82 8.48 2.66
N GLY A 32 -18.55 7.54 3.56
CA GLY A 32 -18.80 6.15 3.26
C GLY A 32 -17.60 5.45 2.66
N LYS A 33 -16.98 6.09 1.66
CA LYS A 33 -15.82 5.53 0.99
C LYS A 33 -14.53 6.18 1.52
N GLN A 34 -13.53 5.34 1.79
CA GLN A 34 -12.25 5.83 2.29
C GLN A 34 -11.08 5.13 1.59
N GLY A 35 -9.87 5.41 2.05
CA GLY A 35 -8.70 4.80 1.46
C GLY A 35 -7.82 4.12 2.49
N LEU A 36 -6.98 3.19 2.03
CA LEU A 36 -6.09 2.46 2.93
C LEU A 36 -4.63 2.68 2.53
N GLN A 37 -3.84 3.22 3.47
CA GLN A 37 -2.43 3.47 3.21
C GLN A 37 -1.58 2.27 3.60
N CYS A 38 -0.61 1.94 2.77
CA CYS A 38 0.28 0.81 3.02
C CYS A 38 1.44 1.22 3.92
N GLN A 39 1.68 0.44 4.96
CA GLN A 39 2.76 0.72 5.90
C GLN A 39 4.09 0.13 5.39
N VAL A 40 4.20 0.00 4.08
CA VAL A 40 5.41 -0.55 3.47
C VAL A 40 5.92 0.36 2.36
N CYS A 41 5.08 0.59 1.36
CA CYS A 41 5.45 1.45 0.23
C CYS A 41 4.58 2.71 0.19
N SER A 42 4.07 3.10 1.35
CA SER A 42 3.22 4.28 1.45
C SER A 42 2.19 4.31 0.33
N PHE A 43 1.87 3.14 -0.19
CA PHE A 43 0.89 3.02 -1.28
C PHE A 43 -0.53 3.04 -0.74
N VAL A 44 -1.17 4.19 -0.85
CA VAL A 44 -2.54 4.35 -0.37
C VAL A 44 -3.52 4.43 -1.54
N VAL A 45 -4.52 3.55 -1.52
CA VAL A 45 -5.53 3.52 -2.58
C VAL A 45 -6.90 3.19 -2.00
N HIS A 46 -7.94 3.66 -2.69
CA HIS A 46 -9.31 3.42 -2.26
C HIS A 46 -9.48 2.00 -1.73
N ARG A 47 -10.51 1.79 -0.92
CA ARG A 47 -10.77 0.48 -0.35
C ARG A 47 -11.03 -0.56 -1.44
N ARG A 48 -11.97 -0.25 -2.34
CA ARG A 48 -12.31 -1.15 -3.43
C ARG A 48 -11.08 -1.43 -4.29
N CYS A 49 -10.21 -0.45 -4.42
CA CYS A 49 -8.99 -0.60 -5.22
C CYS A 49 -8.02 -1.57 -4.56
N HIS A 50 -7.97 -1.53 -3.23
CA HIS A 50 -7.09 -2.42 -2.47
C HIS A 50 -6.99 -3.78 -3.13
N GLU A 51 -8.09 -4.23 -3.73
CA GLU A 51 -8.13 -5.52 -4.39
C GLU A 51 -7.69 -5.40 -5.85
N PHE A 52 -8.12 -4.33 -6.50
CA PHE A 52 -7.77 -4.10 -7.90
C PHE A 52 -6.26 -3.95 -8.06
N VAL A 53 -5.61 -3.40 -7.05
CA VAL A 53 -4.16 -3.20 -7.08
C VAL A 53 -3.46 -4.44 -7.65
N THR A 54 -2.73 -4.25 -8.74
CA THR A 54 -2.00 -5.33 -9.38
C THR A 54 -0.53 -5.31 -9.00
N PHE A 55 -0.02 -4.12 -8.70
CA PHE A 55 1.38 -3.97 -8.32
C PHE A 55 1.67 -4.68 -7.01
N GLU A 56 2.78 -5.41 -6.96
CA GLU A 56 3.17 -6.14 -5.77
C GLU A 56 4.00 -5.26 -4.82
N CYS A 57 3.73 -5.36 -3.53
CA CYS A 57 4.45 -4.57 -2.54
C CYS A 57 5.94 -4.86 -2.59
N PRO A 58 6.75 -3.79 -2.61
CA PRO A 58 8.21 -3.89 -2.67
C PRO A 58 8.80 -4.44 -1.37
N GLY A 59 8.40 -3.83 -0.25
CA GLY A 59 8.90 -4.26 1.05
C GLY A 59 8.42 -5.65 1.42
N ALA A 60 7.10 -5.84 1.39
CA ALA A 60 6.50 -7.13 1.73
C ALA A 60 6.85 -8.19 0.69
N GLY A 61 7.45 -9.28 1.12
CA GLY A 61 7.81 -10.35 0.21
C GLY A 61 9.18 -10.93 0.53
N LYS A 62 9.21 -12.22 0.85
CA LYS A 62 10.45 -12.90 1.18
C LYS A 62 11.54 -12.54 0.17
N GLY A 63 12.73 -12.24 0.69
CA GLY A 63 13.84 -11.88 -0.18
C GLY A 63 15.14 -12.56 0.23
N PRO A 64 16.17 -12.43 -0.62
CA PRO A 64 17.48 -13.03 -0.37
C PRO A 64 18.21 -12.35 0.79
N GLN A 65 18.29 -11.03 0.74
CA GLN A 65 18.98 -10.27 1.78
C GLN A 65 18.10 -9.11 2.26
N THR A 66 17.35 -9.34 3.34
CA THR A 66 16.48 -8.33 3.89
C THR A 66 17.26 -7.35 4.75
N ASP A 67 17.00 -6.06 4.56
CA ASP A 67 17.68 -5.01 5.32
C ASP A 67 16.93 -4.73 6.62
N ASP A 68 17.62 -4.05 7.54
CA ASP A 68 17.02 -3.71 8.84
C ASP A 68 15.52 -3.45 8.70
N PRO A 69 14.71 -4.48 8.98
CA PRO A 69 13.25 -4.37 8.88
C PRO A 69 12.66 -3.48 9.98
N ARG A 70 13.25 -3.53 11.16
CA ARG A 70 12.79 -2.73 12.29
C ARG A 70 13.96 -2.27 13.15
N ASN A 71 13.72 -1.25 13.97
CA ASN A 71 14.76 -0.73 14.85
C ASN A 71 15.14 -1.75 15.91
N LYS A 72 16.39 -2.19 15.87
CA LYS A 72 16.88 -3.17 16.84
C LYS A 72 16.52 -2.77 18.26
N HIS A 73 15.88 -3.68 18.98
CA HIS A 73 15.47 -3.43 20.35
C HIS A 73 15.99 -4.52 21.29
N LYS A 74 15.77 -4.33 22.59
CA LYS A 74 16.21 -5.31 23.59
C LYS A 74 15.17 -5.45 24.70
N PHE A 75 15.11 -6.64 25.30
CA PHE A 75 14.17 -6.90 26.38
C PHE A 75 14.90 -7.34 27.65
N ARG A 76 14.18 -7.40 28.75
CA ARG A 76 14.75 -7.81 30.03
C ARG A 76 13.72 -8.53 30.89
N LEU A 77 14.16 -9.55 31.61
CA LEU A 77 13.27 -10.33 32.47
C LEU A 77 13.19 -9.70 33.87
N GLY A 1 1.26 -21.46 -4.22
CA GLY A 1 0.30 -21.47 -3.14
C GLY A 1 -0.07 -20.08 -2.67
N SER A 2 -1.33 -19.69 -2.90
CA SER A 2 -1.81 -18.38 -2.50
C SER A 2 -2.77 -18.48 -1.32
N SER A 3 -2.23 -18.28 -0.12
CA SER A 3 -3.04 -18.36 1.09
C SER A 3 -3.80 -17.05 1.32
N GLY A 4 -5.11 -17.09 1.08
CA GLY A 4 -5.93 -15.91 1.26
C GLY A 4 -5.79 -14.93 0.11
N SER A 5 -5.43 -13.68 0.44
CA SER A 5 -5.28 -12.64 -0.57
C SER A 5 -3.97 -11.87 -0.35
N SER A 6 -2.95 -12.24 -1.10
CA SER A 6 -1.65 -11.58 -0.99
C SER A 6 -1.76 -10.09 -1.34
N GLY A 7 -2.08 -9.28 -0.34
CA GLY A 7 -2.21 -7.85 -0.56
C GLY A 7 -1.37 -7.04 0.40
N HIS A 8 -1.12 -5.78 0.05
CA HIS A 8 -0.31 -4.90 0.89
C HIS A 8 -0.88 -4.84 2.30
N LYS A 9 -0.19 -4.12 3.18
CA LYS A 9 -0.61 -3.99 4.57
C LYS A 9 -1.70 -2.92 4.71
N PHE A 10 -2.59 -2.87 3.72
CA PHE A 10 -3.68 -1.90 3.74
C PHE A 10 -4.41 -1.91 5.08
N THR A 11 -4.57 -0.72 5.66
CA THR A 11 -5.26 -0.59 6.94
C THR A 11 -6.13 0.66 6.98
N ALA A 12 -7.43 0.46 7.14
CA ALA A 12 -8.37 1.57 7.20
C ALA A 12 -8.04 2.51 8.35
N ARG A 13 -7.88 3.79 8.04
CA ARG A 13 -7.56 4.79 9.05
C ARG A 13 -8.20 6.13 8.72
N PHE A 14 -8.29 7.01 9.71
CA PHE A 14 -8.89 8.32 9.53
C PHE A 14 -7.94 9.25 8.76
N PHE A 15 -8.42 9.78 7.63
CA PHE A 15 -7.63 10.67 6.81
C PHE A 15 -8.09 12.12 6.96
N LYS A 16 -7.41 12.87 7.81
CA LYS A 16 -7.75 14.27 8.05
C LYS A 16 -7.71 15.07 6.75
N GLN A 17 -6.67 14.84 5.96
CA GLN A 17 -6.51 15.54 4.68
C GLN A 17 -6.89 14.64 3.52
N PRO A 18 -7.32 15.26 2.40
CA PRO A 18 -7.71 14.53 1.19
C PRO A 18 -6.54 13.85 0.50
N THR A 19 -6.50 12.53 0.55
CA THR A 19 -5.43 11.77 -0.07
C THR A 19 -5.78 11.38 -1.50
N PHE A 20 -4.76 11.17 -2.32
CA PHE A 20 -4.97 10.79 -3.72
C PHE A 20 -4.81 9.29 -3.91
N CYS A 21 -5.38 8.76 -4.98
CA CYS A 21 -5.29 7.33 -5.28
C CYS A 21 -4.20 7.06 -6.31
N SER A 22 -3.14 6.39 -5.85
CA SER A 22 -2.02 6.07 -6.73
C SER A 22 -2.32 4.81 -7.55
N HIS A 23 -3.56 4.68 -7.98
CA HIS A 23 -3.98 3.53 -8.78
C HIS A 23 -4.82 3.98 -9.97
N CYS A 24 -5.86 4.76 -9.70
CA CYS A 24 -6.74 5.26 -10.75
C CYS A 24 -6.64 6.78 -10.87
N THR A 25 -5.48 7.32 -10.52
CA THR A 25 -5.26 8.76 -10.59
C THR A 25 -6.54 9.53 -10.26
N ASP A 26 -7.12 9.24 -9.10
CA ASP A 26 -8.34 9.90 -8.66
C ASP A 26 -8.26 10.29 -7.20
N PHE A 27 -9.17 11.15 -6.76
CA PHE A 27 -9.20 11.60 -5.37
C PHE A 27 -10.00 10.64 -4.50
N ILE A 28 -9.54 10.42 -3.28
CA ILE A 28 -10.21 9.53 -2.35
C ILE A 28 -11.25 10.28 -1.53
N TRP A 29 -10.87 11.45 -1.03
CA TRP A 29 -11.78 12.26 -0.23
C TRP A 29 -13.10 12.49 -0.96
N GLY A 30 -14.10 11.69 -0.62
CA GLY A 30 -15.40 11.82 -1.26
C GLY A 30 -16.49 12.19 -0.27
N ILE A 31 -17.73 11.93 -0.64
CA ILE A 31 -18.87 12.23 0.22
C ILE A 31 -18.70 11.62 1.60
N GLY A 32 -17.92 10.54 1.68
CA GLY A 32 -17.69 9.88 2.94
C GLY A 32 -16.96 8.55 2.78
N LYS A 33 -15.77 8.61 2.20
CA LYS A 33 -14.97 7.40 1.98
C LYS A 33 -13.54 7.61 2.44
N GLN A 34 -12.85 6.52 2.76
CA GLN A 34 -11.47 6.58 3.21
C GLN A 34 -10.59 5.65 2.39
N GLY A 35 -9.28 5.90 2.41
CA GLY A 35 -8.35 5.07 1.67
C GLY A 35 -7.53 4.17 2.57
N LEU A 36 -6.63 3.39 1.97
CA LEU A 36 -5.78 2.49 2.73
C LEU A 36 -4.31 2.69 2.38
N GLN A 37 -3.57 3.29 3.31
CA GLN A 37 -2.15 3.56 3.10
C GLN A 37 -1.31 2.39 3.60
N CYS A 38 -0.58 1.77 2.68
CA CYS A 38 0.27 0.63 3.02
C CYS A 38 1.43 1.07 3.91
N GLN A 39 1.70 0.30 4.96
CA GLN A 39 2.78 0.60 5.88
C GLN A 39 4.11 0.05 5.38
N VAL A 40 4.26 -0.01 4.06
CA VAL A 40 5.48 -0.51 3.44
C VAL A 40 5.95 0.40 2.32
N CYS A 41 5.12 0.55 1.30
CA CYS A 41 5.45 1.40 0.16
C CYS A 41 4.56 2.64 0.13
N SER A 42 4.02 3.00 1.28
CA SER A 42 3.14 4.17 1.39
C SER A 42 2.20 4.25 0.19
N PHE A 43 1.65 3.10 -0.21
CA PHE A 43 0.74 3.05 -1.33
C PHE A 43 -0.70 3.20 -0.88
N VAL A 44 -1.20 4.43 -0.91
CA VAL A 44 -2.57 4.72 -0.51
C VAL A 44 -3.51 4.77 -1.70
N VAL A 45 -4.49 3.88 -1.72
CA VAL A 45 -5.46 3.82 -2.81
C VAL A 45 -6.86 3.54 -2.28
N HIS A 46 -7.86 3.96 -3.04
CA HIS A 46 -9.26 3.75 -2.65
C HIS A 46 -9.43 2.41 -1.94
N ARG A 47 -10.33 2.38 -0.96
CA ARG A 47 -10.58 1.15 -0.21
C ARG A 47 -10.94 0.01 -1.13
N ARG A 48 -11.72 0.31 -2.17
CA ARG A 48 -12.13 -0.70 -3.13
C ARG A 48 -11.00 -1.05 -4.09
N CYS A 49 -10.22 -0.04 -4.46
CA CYS A 49 -9.09 -0.24 -5.36
C CYS A 49 -8.09 -1.24 -4.78
N HIS A 50 -8.13 -1.40 -3.47
CA HIS A 50 -7.22 -2.32 -2.78
C HIS A 50 -7.21 -3.68 -3.47
N GLU A 51 -8.31 -4.42 -3.33
CA GLU A 51 -8.43 -5.74 -3.94
C GLU A 51 -7.87 -5.73 -5.37
N PHE A 52 -8.14 -4.64 -6.09
CA PHE A 52 -7.66 -4.52 -7.46
C PHE A 52 -6.14 -4.45 -7.52
N VAL A 53 -5.55 -3.67 -6.60
CA VAL A 53 -4.11 -3.53 -6.54
C VAL A 53 -3.40 -4.83 -6.90
N THR A 54 -2.87 -4.89 -8.12
CA THR A 54 -2.16 -6.08 -8.59
C THR A 54 -0.67 -5.99 -8.28
N PHE A 55 -0.14 -4.76 -8.27
CA PHE A 55 1.27 -4.55 -7.99
C PHE A 55 1.70 -5.29 -6.74
N GLU A 56 2.92 -5.82 -6.75
CA GLU A 56 3.45 -6.56 -5.62
C GLU A 56 4.29 -5.65 -4.72
N CYS A 57 3.87 -5.50 -3.47
CA CYS A 57 4.59 -4.67 -2.51
C CYS A 57 6.09 -4.91 -2.59
N PRO A 58 6.87 -3.83 -2.62
CA PRO A 58 8.33 -3.90 -2.68
C PRO A 58 8.95 -4.42 -1.39
N GLY A 59 8.42 -3.96 -0.26
CA GLY A 59 8.93 -4.39 1.03
C GLY A 59 8.48 -5.79 1.39
N ALA A 60 7.18 -5.98 1.55
CA ALA A 60 6.62 -7.28 1.89
C ALA A 60 7.38 -8.40 1.21
N GLY A 61 7.63 -9.48 1.94
CA GLY A 61 8.35 -10.61 1.37
C GLY A 61 9.66 -10.20 0.73
N LYS A 62 9.85 -10.58 -0.53
CA LYS A 62 11.07 -10.25 -1.25
C LYS A 62 10.92 -8.93 -2.01
N GLY A 63 12.01 -8.46 -2.59
CA GLY A 63 11.98 -7.21 -3.34
C GLY A 63 13.36 -6.65 -3.59
N PRO A 64 13.72 -6.54 -4.87
CA PRO A 64 15.03 -6.01 -5.29
C PRO A 64 15.16 -4.51 -5.01
N GLN A 65 14.18 -3.96 -4.32
CA GLN A 65 14.18 -2.53 -3.99
C GLN A 65 15.20 -2.23 -2.90
N THR A 66 15.86 -1.09 -3.00
CA THR A 66 16.86 -0.68 -2.02
C THR A 66 16.44 -1.08 -0.61
N ASP A 67 17.41 -1.46 0.20
CA ASP A 67 17.14 -1.86 1.58
C ASP A 67 16.99 -0.65 2.49
N ASP A 68 16.27 0.36 2.01
CA ASP A 68 16.05 1.57 2.79
C ASP A 68 15.88 1.25 4.26
N PRO A 69 16.52 2.06 5.13
CA PRO A 69 16.45 1.89 6.58
C PRO A 69 15.07 2.22 7.13
N ARG A 70 14.11 2.45 6.24
CA ARG A 70 12.75 2.79 6.65
C ARG A 70 12.17 1.71 7.55
N ASN A 71 11.79 2.10 8.77
CA ASN A 71 11.21 1.16 9.72
C ASN A 71 10.10 1.82 10.52
N LYS A 72 9.01 1.08 10.72
CA LYS A 72 7.87 1.60 11.48
C LYS A 72 7.13 0.46 12.19
N HIS A 73 6.70 0.73 13.42
CA HIS A 73 5.99 -0.26 14.21
C HIS A 73 5.00 -1.04 13.35
N LYS A 74 4.83 -2.32 13.66
CA LYS A 74 3.91 -3.17 12.92
C LYS A 74 2.73 -3.60 13.79
N PHE A 75 1.64 -2.86 13.70
CA PHE A 75 0.45 -3.16 14.48
C PHE A 75 -0.10 -4.53 14.12
N ARG A 76 0.35 -5.56 14.84
CA ARG A 76 -0.09 -6.92 14.59
C ARG A 76 -1.41 -7.21 15.32
N LEU A 77 -1.50 -6.73 16.55
CA LEU A 77 -2.70 -6.93 17.35
C LEU A 77 -3.05 -5.67 18.14
N GLY A 1 -14.75 -15.94 -0.88
CA GLY A 1 -13.77 -15.03 -0.33
C GLY A 1 -12.44 -15.09 -1.07
N SER A 2 -11.36 -14.84 -0.36
CA SER A 2 -10.03 -14.85 -0.95
C SER A 2 -9.33 -16.19 -0.68
N SER A 3 -8.99 -16.89 -1.76
CA SER A 3 -8.32 -18.19 -1.64
C SER A 3 -6.89 -18.02 -1.10
N GLY A 4 -6.12 -17.16 -1.77
CA GLY A 4 -4.75 -16.93 -1.35
C GLY A 4 -4.18 -15.65 -1.94
N SER A 5 -4.84 -14.53 -1.64
CA SER A 5 -4.40 -13.24 -2.14
C SER A 5 -4.03 -12.30 -0.99
N SER A 6 -2.74 -12.25 -0.66
CA SER A 6 -2.27 -11.40 0.43
C SER A 6 -1.88 -10.02 -0.10
N GLY A 7 -2.77 -9.05 0.10
CA GLY A 7 -2.50 -7.69 -0.36
C GLY A 7 -1.56 -6.95 0.56
N HIS A 8 -1.31 -5.68 0.25
CA HIS A 8 -0.41 -4.85 1.06
C HIS A 8 -0.90 -4.78 2.50
N LYS A 9 -0.11 -4.14 3.35
CA LYS A 9 -0.46 -4.00 4.76
C LYS A 9 -1.51 -2.91 4.96
N PHE A 10 -2.51 -2.90 4.10
CA PHE A 10 -3.58 -1.91 4.19
C PHE A 10 -4.15 -1.83 5.59
N THR A 11 -4.33 -0.61 6.09
CA THR A 11 -4.86 -0.40 7.44
C THR A 11 -5.86 0.75 7.45
N ALA A 12 -7.07 0.46 7.91
CA ALA A 12 -8.13 1.48 7.98
C ALA A 12 -7.67 2.68 8.81
N ARG A 13 -7.70 3.86 8.20
CA ARG A 13 -7.30 5.08 8.88
C ARG A 13 -7.96 6.30 8.26
N PHE A 14 -8.43 7.21 9.10
CA PHE A 14 -9.08 8.43 8.62
C PHE A 14 -8.09 9.35 7.93
N PHE A 15 -8.57 10.12 6.97
CA PHE A 15 -7.73 11.05 6.22
C PHE A 15 -8.31 12.46 6.25
N LYS A 16 -7.74 13.31 7.11
CA LYS A 16 -8.20 14.69 7.24
C LYS A 16 -8.08 15.42 5.92
N GLN A 17 -6.92 15.31 5.27
CA GLN A 17 -6.68 15.97 3.99
C GLN A 17 -7.00 15.03 2.83
N PRO A 18 -7.17 15.62 1.64
CA PRO A 18 -7.49 14.85 0.43
C PRO A 18 -6.30 14.00 -0.05
N THR A 19 -6.46 12.68 0.04
CA THR A 19 -5.41 11.77 -0.38
C THR A 19 -5.54 11.40 -1.86
N PHE A 20 -4.42 11.11 -2.50
CA PHE A 20 -4.41 10.75 -3.90
C PHE A 20 -4.26 9.25 -4.08
N CYS A 21 -5.18 8.65 -4.84
CA CYS A 21 -5.16 7.22 -5.10
C CYS A 21 -4.10 6.86 -6.14
N SER A 22 -3.07 6.14 -5.71
CA SER A 22 -1.99 5.75 -6.61
C SER A 22 -2.39 4.51 -7.43
N HIS A 23 -3.66 4.47 -7.83
CA HIS A 23 -4.17 3.36 -8.62
C HIS A 23 -4.98 3.86 -9.81
N CYS A 24 -5.90 4.78 -9.55
CA CYS A 24 -6.74 5.34 -10.60
C CYS A 24 -6.54 6.85 -10.71
N THR A 25 -5.37 7.33 -10.28
CA THR A 25 -5.05 8.74 -10.33
C THR A 25 -6.27 9.59 -9.99
N ASP A 26 -6.97 9.23 -8.93
CA ASP A 26 -8.16 9.96 -8.50
C ASP A 26 -8.10 10.28 -7.02
N PHE A 27 -8.93 11.21 -6.58
CA PHE A 27 -8.97 11.62 -5.18
C PHE A 27 -9.75 10.60 -4.35
N ILE A 28 -9.37 10.48 -3.08
CA ILE A 28 -10.04 9.54 -2.18
C ILE A 28 -11.04 10.25 -1.28
N TRP A 29 -10.63 11.39 -0.74
CA TRP A 29 -11.49 12.18 0.15
C TRP A 29 -12.81 12.52 -0.55
N GLY A 30 -12.70 13.07 -1.76
CA GLY A 30 -13.88 13.43 -2.51
C GLY A 30 -14.87 14.25 -1.69
N ILE A 31 -15.90 13.60 -1.19
CA ILE A 31 -16.91 14.27 -0.38
C ILE A 31 -16.97 13.68 1.03
N GLY A 32 -16.90 12.36 1.11
CA GLY A 32 -16.95 11.69 2.40
C GLY A 32 -16.58 10.22 2.32
N LYS A 33 -15.34 9.95 1.93
CA LYS A 33 -14.85 8.59 1.81
C LYS A 33 -13.44 8.45 2.37
N GLN A 34 -13.03 7.22 2.64
CA GLN A 34 -11.71 6.95 3.18
C GLN A 34 -10.99 5.88 2.38
N GLY A 35 -9.67 5.77 2.58
CA GLY A 35 -8.89 4.78 1.86
C GLY A 35 -8.06 3.93 2.79
N LEU A 36 -7.05 3.26 2.22
CA LEU A 36 -6.16 2.40 3.00
C LEU A 36 -4.72 2.57 2.57
N GLN A 37 -3.88 3.03 3.49
CA GLN A 37 -2.46 3.24 3.21
C GLN A 37 -1.64 2.03 3.63
N CYS A 38 -0.62 1.72 2.85
CA CYS A 38 0.26 0.58 3.13
C CYS A 38 1.41 0.99 4.02
N GLN A 39 1.68 0.19 5.06
CA GLN A 39 2.75 0.48 5.99
C GLN A 39 4.08 -0.07 5.47
N VAL A 40 4.24 -0.06 4.14
CA VAL A 40 5.46 -0.56 3.52
C VAL A 40 5.94 0.39 2.43
N CYS A 41 5.13 0.53 1.37
CA CYS A 41 5.47 1.42 0.26
C CYS A 41 4.55 2.62 0.23
N SER A 42 4.00 2.98 1.38
CA SER A 42 3.10 4.12 1.48
C SER A 42 2.14 4.16 0.29
N PHE A 43 1.70 2.98 -0.14
CA PHE A 43 0.78 2.88 -1.27
C PHE A 43 -0.67 2.90 -0.80
N VAL A 44 -1.32 4.05 -0.93
CA VAL A 44 -2.71 4.20 -0.51
C VAL A 44 -3.64 4.22 -1.72
N VAL A 45 -4.76 3.52 -1.61
CA VAL A 45 -5.74 3.47 -2.69
C VAL A 45 -7.14 3.20 -2.16
N HIS A 46 -8.14 3.74 -2.84
CA HIS A 46 -9.53 3.57 -2.43
C HIS A 46 -9.75 2.17 -1.86
N ARG A 47 -10.75 2.04 -0.99
CA ARG A 47 -11.06 0.76 -0.36
C ARG A 47 -11.35 -0.30 -1.42
N ARG A 48 -12.03 0.11 -2.49
CA ARG A 48 -12.36 -0.81 -3.57
C ARG A 48 -11.15 -1.11 -4.44
N CYS A 49 -10.35 -0.08 -4.69
CA CYS A 49 -9.14 -0.23 -5.51
C CYS A 49 -8.18 -1.23 -4.89
N HIS A 50 -8.15 -1.27 -3.55
CA HIS A 50 -7.28 -2.18 -2.83
C HIS A 50 -7.20 -3.54 -3.54
N GLU A 51 -8.26 -4.32 -3.41
CA GLU A 51 -8.32 -5.64 -4.04
C GLU A 51 -7.81 -5.58 -5.48
N PHE A 52 -8.28 -4.58 -6.21
CA PHE A 52 -7.87 -4.41 -7.61
C PHE A 52 -6.36 -4.30 -7.73
N VAL A 53 -5.74 -3.60 -6.78
CA VAL A 53 -4.29 -3.41 -6.78
C VAL A 53 -3.59 -4.67 -7.28
N THR A 54 -2.90 -4.54 -8.41
CA THR A 54 -2.18 -5.66 -8.99
C THR A 54 -0.70 -5.63 -8.60
N PHE A 55 -0.06 -4.47 -8.81
CA PHE A 55 1.35 -4.31 -8.48
C PHE A 55 1.66 -4.94 -7.13
N GLU A 56 2.86 -5.49 -7.00
CA GLU A 56 3.29 -6.12 -5.76
C GLU A 56 4.09 -5.15 -4.90
N CYS A 57 4.04 -5.37 -3.59
CA CYS A 57 4.76 -4.51 -2.65
C CYS A 57 6.25 -4.83 -2.64
N PRO A 58 7.08 -3.77 -2.70
CA PRO A 58 8.54 -3.93 -2.70
C PRO A 58 9.08 -4.40 -1.35
N GLY A 59 8.70 -3.70 -0.29
CA GLY A 59 9.14 -4.07 1.04
C GLY A 59 8.77 -5.49 1.40
N ALA A 60 7.47 -5.78 1.42
CA ALA A 60 6.98 -7.10 1.76
C ALA A 60 7.68 -8.17 0.92
N GLY A 61 7.74 -7.95 -0.38
CA GLY A 61 8.37 -8.90 -1.27
C GLY A 61 9.89 -8.88 -1.16
N LYS A 62 10.51 -10.05 -1.32
CA LYS A 62 11.97 -10.16 -1.23
C LYS A 62 12.57 -10.38 -2.61
N GLY A 63 13.30 -9.37 -3.10
CA GLY A 63 13.93 -9.49 -4.40
C GLY A 63 14.28 -8.13 -5.00
N PRO A 64 13.54 -7.73 -6.03
CA PRO A 64 13.75 -6.45 -6.71
C PRO A 64 13.36 -5.26 -5.85
N GLN A 65 13.27 -5.49 -4.54
CA GLN A 65 12.91 -4.43 -3.60
C GLN A 65 13.43 -3.08 -4.06
N THR A 66 14.75 -2.99 -4.22
CA THR A 66 15.38 -1.75 -4.66
C THR A 66 16.54 -2.04 -5.60
N ASP A 67 16.77 -1.12 -6.54
CA ASP A 67 17.85 -1.26 -7.50
C ASP A 67 19.21 -1.07 -6.85
N ASP A 68 20.24 -1.67 -7.43
CA ASP A 68 21.58 -1.57 -6.89
C ASP A 68 21.87 -0.16 -6.37
N PRO A 69 22.52 -0.08 -5.21
CA PRO A 69 22.85 1.21 -4.57
C PRO A 69 23.92 1.97 -5.34
N ARG A 70 24.21 1.51 -6.55
CA ARG A 70 25.21 2.16 -7.40
C ARG A 70 25.02 3.67 -7.41
N ASN A 71 26.09 4.39 -7.08
CA ASN A 71 26.03 5.85 -7.06
C ASN A 71 27.36 6.45 -7.51
N LYS A 72 27.41 7.78 -7.60
CA LYS A 72 28.62 8.48 -8.00
C LYS A 72 29.27 9.19 -6.83
N HIS A 73 30.59 9.13 -6.76
CA HIS A 73 31.34 9.76 -5.67
C HIS A 73 31.37 11.28 -5.87
N LYS A 74 31.75 11.99 -4.81
CA LYS A 74 31.82 13.46 -4.86
C LYS A 74 33.27 13.93 -4.73
N PHE A 75 33.50 15.19 -5.05
CA PHE A 75 34.84 15.77 -4.98
C PHE A 75 34.88 16.90 -3.94
N ARG A 76 36.07 17.44 -3.73
CA ARG A 76 36.26 18.52 -2.77
C ARG A 76 35.72 19.84 -3.32
N LEU A 77 35.34 20.74 -2.41
CA LEU A 77 34.80 22.04 -2.80
C LEU A 77 35.89 22.92 -3.42
N GLY A 1 -4.79 -12.48 11.79
CA GLY A 1 -4.47 -12.69 10.40
C GLY A 1 -3.12 -12.10 10.03
N SER A 2 -2.06 -12.91 10.16
CA SER A 2 -0.71 -12.45 9.86
C SER A 2 -0.28 -12.97 8.48
N SER A 3 0.14 -12.04 7.62
CA SER A 3 0.58 -12.39 6.27
C SER A 3 -0.27 -13.54 5.71
N GLY A 4 -1.58 -13.44 5.90
CA GLY A 4 -2.47 -14.47 5.40
C GLY A 4 -3.15 -14.08 4.10
N SER A 5 -3.71 -12.88 4.07
CA SER A 5 -4.40 -12.39 2.87
C SER A 5 -3.40 -11.86 1.85
N SER A 6 -3.78 -11.92 0.59
CA SER A 6 -2.91 -11.45 -0.49
C SER A 6 -3.09 -9.95 -0.72
N GLY A 7 -1.98 -9.24 -0.88
CA GLY A 7 -2.05 -7.80 -1.10
C GLY A 7 -1.17 -7.03 -0.13
N HIS A 8 -1.34 -5.71 -0.12
CA HIS A 8 -0.57 -4.85 0.77
C HIS A 8 -1.13 -4.87 2.18
N LYS A 9 -0.39 -4.29 3.12
CA LYS A 9 -0.82 -4.24 4.51
C LYS A 9 -1.85 -3.14 4.73
N PHE A 10 -2.82 -3.05 3.82
CA PHE A 10 -3.86 -2.04 3.91
C PHE A 10 -4.49 -2.03 5.30
N THR A 11 -4.47 -0.87 5.95
CA THR A 11 -5.04 -0.72 7.28
C THR A 11 -5.80 0.59 7.41
N ALA A 12 -7.07 0.49 7.80
CA ALA A 12 -7.90 1.67 7.97
C ALA A 12 -7.15 2.79 8.66
N ARG A 13 -7.29 4.01 8.14
CA ARG A 13 -6.61 5.17 8.71
C ARG A 13 -7.41 6.45 8.44
N PHE A 14 -7.33 7.38 9.38
CA PHE A 14 -8.04 8.65 9.24
C PHE A 14 -7.26 9.62 8.36
N PHE A 15 -7.94 10.17 7.35
CA PHE A 15 -7.31 11.12 6.43
C PHE A 15 -7.99 12.48 6.51
N LYS A 16 -7.30 13.44 7.10
CA LYS A 16 -7.83 14.79 7.24
C LYS A 16 -7.82 15.52 5.90
N GLN A 17 -6.87 15.16 5.05
CA GLN A 17 -6.76 15.78 3.73
C GLN A 17 -7.19 14.81 2.63
N PRO A 18 -7.54 15.37 1.46
CA PRO A 18 -7.98 14.57 0.31
C PRO A 18 -6.84 13.76 -0.30
N THR A 19 -6.58 12.59 0.27
CA THR A 19 -5.52 11.72 -0.22
C THR A 19 -5.70 11.41 -1.71
N PHE A 20 -4.66 10.85 -2.32
CA PHE A 20 -4.69 10.52 -3.73
C PHE A 20 -4.56 9.02 -3.94
N CYS A 21 -5.28 8.49 -4.92
CA CYS A 21 -5.25 7.06 -5.22
C CYS A 21 -4.10 6.75 -6.19
N SER A 22 -3.15 5.94 -5.72
CA SER A 22 -2.00 5.57 -6.54
C SER A 22 -2.35 4.40 -7.46
N HIS A 23 -3.64 4.18 -7.67
CA HIS A 23 -4.12 3.09 -8.51
C HIS A 23 -4.84 3.64 -9.74
N CYS A 24 -5.83 4.49 -9.50
CA CYS A 24 -6.61 5.09 -10.58
C CYS A 24 -6.42 6.60 -10.62
N THR A 25 -5.23 7.05 -10.24
CA THR A 25 -4.92 8.48 -10.24
C THR A 25 -6.17 9.31 -9.92
N ASP A 26 -6.81 9.00 -8.81
CA ASP A 26 -8.01 9.72 -8.40
C ASP A 26 -7.84 10.32 -7.01
N PHE A 27 -8.93 10.87 -6.47
CA PHE A 27 -8.89 11.48 -5.14
C PHE A 27 -9.91 10.81 -4.22
N ILE A 28 -9.48 10.51 -3.00
CA ILE A 28 -10.34 9.87 -2.02
C ILE A 28 -10.90 10.89 -1.03
N TRP A 29 -11.91 11.63 -1.46
CA TRP A 29 -12.53 12.64 -0.61
C TRP A 29 -14.01 12.79 -0.94
N GLY A 30 -14.77 13.35 0.00
CA GLY A 30 -16.19 13.54 -0.21
C GLY A 30 -17.02 12.38 0.30
N ILE A 31 -17.96 11.92 -0.51
CA ILE A 31 -18.82 10.81 -0.14
C ILE A 31 -18.02 9.52 0.02
N GLY A 32 -18.40 8.70 1.00
CA GLY A 32 -17.70 7.46 1.22
C GLY A 32 -16.21 7.64 1.40
N LYS A 33 -15.83 8.39 2.44
CA LYS A 33 -14.42 8.65 2.72
C LYS A 33 -13.74 7.41 3.29
N GLN A 34 -13.18 6.59 2.40
CA GLN A 34 -12.50 5.37 2.82
C GLN A 34 -11.20 5.17 2.04
N GLY A 35 -10.08 5.18 2.75
CA GLY A 35 -8.79 5.00 2.11
C GLY A 35 -7.84 4.16 2.95
N LEU A 36 -7.15 3.23 2.29
CA LEU A 36 -6.20 2.37 2.98
C LEU A 36 -4.77 2.63 2.51
N GLN A 37 -3.94 3.12 3.41
CA GLN A 37 -2.55 3.42 3.08
C GLN A 37 -1.63 2.32 3.61
N CYS A 38 -0.75 1.82 2.73
CA CYS A 38 0.18 0.78 3.10
C CYS A 38 1.29 1.33 4.01
N GLN A 39 1.47 0.69 5.16
CA GLN A 39 2.48 1.12 6.11
C GLN A 39 3.86 0.63 5.69
N VAL A 40 3.99 0.26 4.42
CA VAL A 40 5.26 -0.22 3.88
C VAL A 40 5.75 0.68 2.75
N CYS A 41 4.92 0.82 1.72
CA CYS A 41 5.27 1.65 0.57
C CYS A 41 4.33 2.85 0.46
N SER A 42 3.83 3.31 1.60
CA SER A 42 2.92 4.45 1.63
C SER A 42 1.96 4.41 0.44
N PHE A 43 1.62 3.20 0.01
CA PHE A 43 0.71 3.02 -1.12
C PHE A 43 -0.75 3.07 -0.67
N VAL A 44 -1.39 4.21 -0.86
CA VAL A 44 -2.78 4.39 -0.48
C VAL A 44 -3.69 4.45 -1.70
N VAL A 45 -4.70 3.59 -1.72
CA VAL A 45 -5.65 3.56 -2.84
C VAL A 45 -7.06 3.26 -2.34
N HIS A 46 -8.05 3.68 -3.12
CA HIS A 46 -9.45 3.46 -2.77
C HIS A 46 -9.63 2.12 -2.06
N ARG A 47 -10.63 2.03 -1.21
CA ARG A 47 -10.91 0.81 -0.46
C ARG A 47 -11.16 -0.36 -1.41
N ARG A 48 -11.86 -0.09 -2.50
CA ARG A 48 -12.16 -1.12 -3.49
C ARG A 48 -10.95 -1.41 -4.37
N CYS A 49 -10.28 -0.34 -4.80
CA CYS A 49 -9.10 -0.49 -5.65
C CYS A 49 -8.10 -1.46 -5.05
N HIS A 50 -8.02 -1.49 -3.72
CA HIS A 50 -7.11 -2.38 -3.02
C HIS A 50 -7.13 -3.77 -3.65
N GLU A 51 -8.29 -4.43 -3.60
CA GLU A 51 -8.43 -5.76 -4.16
C GLU A 51 -8.13 -5.76 -5.66
N PHE A 52 -8.37 -4.63 -6.30
CA PHE A 52 -8.13 -4.49 -7.73
C PHE A 52 -6.63 -4.30 -8.02
N VAL A 53 -5.91 -3.79 -7.02
CA VAL A 53 -4.48 -3.56 -7.15
C VAL A 53 -3.78 -4.79 -7.72
N THR A 54 -2.77 -4.55 -8.56
CA THR A 54 -2.01 -5.64 -9.17
C THR A 54 -0.53 -5.57 -8.79
N PHE A 55 -0.01 -4.35 -8.72
CA PHE A 55 1.39 -4.15 -8.36
C PHE A 55 1.78 -4.96 -7.13
N GLU A 56 3.06 -5.28 -7.01
CA GLU A 56 3.55 -6.05 -5.89
C GLU A 56 4.35 -5.19 -4.92
N CYS A 57 3.96 -5.19 -3.66
CA CYS A 57 4.64 -4.40 -2.64
C CYS A 57 6.13 -4.67 -2.65
N PRO A 58 6.94 -3.60 -2.60
CA PRO A 58 8.40 -3.69 -2.60
C PRO A 58 8.94 -4.28 -1.30
N GLY A 59 8.33 -3.90 -0.18
CA GLY A 59 8.76 -4.40 1.11
C GLY A 59 8.09 -5.71 1.48
N ALA A 60 6.78 -5.64 1.72
CA ALA A 60 6.02 -6.82 2.10
C ALA A 60 6.48 -8.05 1.31
N GLY A 61 6.75 -9.13 2.02
CA GLY A 61 7.21 -10.35 1.37
C GLY A 61 8.52 -10.86 1.93
N LYS A 62 9.29 -11.55 1.09
CA LYS A 62 10.58 -12.09 1.51
C LYS A 62 11.70 -11.54 0.64
N GLY A 63 12.42 -10.54 1.16
CA GLY A 63 13.51 -9.95 0.41
C GLY A 63 13.21 -8.53 -0.04
N PRO A 64 14.03 -7.57 0.41
CA PRO A 64 13.85 -6.16 0.06
C PRO A 64 14.17 -5.89 -1.41
N GLN A 65 13.57 -4.82 -1.96
CA GLN A 65 13.80 -4.45 -3.35
C GLN A 65 14.92 -3.43 -3.47
N THR A 66 15.83 -3.69 -4.40
CA THR A 66 16.96 -2.79 -4.62
C THR A 66 16.53 -1.53 -5.37
N ASP A 67 17.38 -0.52 -5.35
CA ASP A 67 17.09 0.74 -6.03
C ASP A 67 18.33 1.29 -6.71
N ASP A 68 18.14 2.28 -7.59
CA ASP A 68 19.24 2.88 -8.31
C ASP A 68 19.99 3.88 -7.42
N PRO A 69 21.32 3.96 -7.62
CA PRO A 69 22.18 4.86 -6.85
C PRO A 69 21.92 6.34 -7.17
N ARG A 70 20.88 6.60 -7.95
CA ARG A 70 20.53 7.95 -8.33
C ARG A 70 20.55 8.88 -7.13
N ASN A 71 20.84 10.16 -7.37
CA ASN A 71 20.89 11.14 -6.30
C ASN A 71 20.52 12.53 -6.82
N LYS A 72 20.40 13.49 -5.91
CA LYS A 72 20.05 14.86 -6.27
C LYS A 72 21.17 15.82 -5.91
N HIS A 73 21.15 17.00 -6.52
CA HIS A 73 22.17 18.01 -6.26
C HIS A 73 22.32 18.25 -4.76
N LYS A 74 23.20 19.18 -4.41
CA LYS A 74 23.45 19.50 -3.01
C LYS A 74 23.05 20.94 -2.69
N PHE A 75 22.87 21.24 -1.42
CA PHE A 75 22.48 22.58 -0.99
C PHE A 75 23.11 22.92 0.36
N ARG A 76 23.25 24.22 0.64
CA ARG A 76 23.83 24.67 1.90
C ARG A 76 23.11 25.93 2.40
N LEU A 77 23.10 26.09 3.71
CA LEU A 77 22.45 27.24 4.33
C LEU A 77 23.40 28.44 4.37
N GLY A 1 -1.68 -13.62 13.48
CA GLY A 1 -0.64 -14.36 12.79
C GLY A 1 -1.19 -15.25 11.70
N SER A 2 -1.23 -14.74 10.48
CA SER A 2 -1.74 -15.49 9.34
C SER A 2 -0.59 -16.02 8.48
N SER A 3 -0.87 -17.07 7.71
CA SER A 3 0.13 -17.67 6.85
C SER A 3 0.62 -16.68 5.81
N GLY A 4 -0.31 -16.19 4.98
CA GLY A 4 0.04 -15.24 3.94
C GLY A 4 -0.88 -14.03 3.94
N SER A 5 -0.30 -12.86 3.68
CA SER A 5 -1.07 -11.62 3.65
C SER A 5 -1.29 -11.14 2.22
N SER A 6 -2.52 -11.28 1.73
CA SER A 6 -2.85 -10.87 0.37
C SER A 6 -2.77 -9.36 0.23
N GLY A 7 -2.37 -8.90 -0.96
CA GLY A 7 -2.26 -7.47 -1.20
C GLY A 7 -1.22 -6.82 -0.32
N HIS A 8 -1.36 -5.51 -0.14
CA HIS A 8 -0.42 -4.76 0.70
C HIS A 8 -0.88 -4.74 2.15
N LYS A 9 -0.06 -4.15 3.02
CA LYS A 9 -0.38 -4.07 4.44
C LYS A 9 -1.24 -2.84 4.74
N PHE A 10 -2.42 -2.80 4.15
CA PHE A 10 -3.33 -1.68 4.37
C PHE A 10 -3.83 -1.64 5.80
N THR A 11 -4.31 -0.47 6.23
CA THR A 11 -4.81 -0.29 7.58
C THR A 11 -5.76 0.90 7.67
N ALA A 12 -7.00 0.62 8.04
CA ALA A 12 -8.02 1.66 8.17
C ALA A 12 -7.51 2.82 9.02
N ARG A 13 -7.50 4.02 8.44
CA ARG A 13 -7.05 5.21 9.15
C ARG A 13 -7.80 6.45 8.67
N PHE A 14 -8.47 7.12 9.60
CA PHE A 14 -9.23 8.32 9.29
C PHE A 14 -8.37 9.34 8.56
N PHE A 15 -8.79 9.71 7.35
CA PHE A 15 -8.05 10.67 6.54
C PHE A 15 -8.71 12.05 6.62
N LYS A 16 -7.88 13.07 6.79
CA LYS A 16 -8.37 14.44 6.87
C LYS A 16 -8.21 15.16 5.54
N GLN A 17 -7.08 14.93 4.88
CA GLN A 17 -6.81 15.56 3.59
C GLN A 17 -7.21 14.64 2.45
N PRO A 18 -7.38 15.22 1.25
CA PRO A 18 -7.76 14.46 0.05
C PRO A 18 -6.63 13.56 -0.44
N THR A 19 -6.56 12.36 0.13
CA THR A 19 -5.54 11.39 -0.25
C THR A 19 -5.63 11.05 -1.73
N PHE A 20 -4.47 10.81 -2.35
CA PHE A 20 -4.42 10.47 -3.76
C PHE A 20 -4.35 8.95 -3.96
N CYS A 21 -5.16 8.45 -4.89
CA CYS A 21 -5.20 7.02 -5.17
C CYS A 21 -4.13 6.64 -6.19
N SER A 22 -3.13 5.88 -5.75
CA SER A 22 -2.05 5.45 -6.61
C SER A 22 -2.48 4.26 -7.47
N HIS A 23 -3.72 4.28 -7.92
CA HIS A 23 -4.26 3.20 -8.75
C HIS A 23 -5.04 3.76 -9.93
N CYS A 24 -6.01 4.63 -9.64
CA CYS A 24 -6.83 5.23 -10.68
C CYS A 24 -6.61 6.74 -10.73
N THR A 25 -5.41 7.18 -10.36
CA THR A 25 -5.07 8.59 -10.35
C THR A 25 -6.29 9.45 -10.01
N ASP A 26 -6.91 9.15 -8.87
CA ASP A 26 -8.08 9.89 -8.42
C ASP A 26 -7.85 10.46 -7.03
N PHE A 27 -8.86 11.15 -6.50
CA PHE A 27 -8.78 11.74 -5.18
C PHE A 27 -9.82 11.13 -4.24
N ILE A 28 -9.35 10.70 -3.07
CA ILE A 28 -10.24 10.09 -2.07
C ILE A 28 -10.86 11.15 -1.17
N TRP A 29 -11.95 11.76 -1.64
CA TRP A 29 -12.65 12.78 -0.88
C TRP A 29 -14.13 12.80 -1.21
N GLY A 30 -14.96 12.96 -0.19
CA GLY A 30 -16.40 12.98 -0.39
C GLY A 30 -17.17 12.80 0.90
N ILE A 31 -18.36 12.21 0.79
CA ILE A 31 -19.20 11.98 1.96
C ILE A 31 -19.12 10.53 2.42
N GLY A 32 -18.50 10.31 3.56
CA GLY A 32 -18.37 8.96 4.09
C GLY A 32 -17.40 8.11 3.29
N LYS A 33 -16.33 8.73 2.82
CA LYS A 33 -15.32 8.03 2.03
C LYS A 33 -13.95 8.12 2.70
N GLN A 34 -13.22 7.01 2.68
CA GLN A 34 -11.90 6.95 3.28
C GLN A 34 -10.92 6.20 2.39
N GLY A 35 -9.65 6.23 2.75
CA GLY A 35 -8.63 5.54 1.98
C GLY A 35 -7.74 4.67 2.83
N LEU A 36 -7.06 3.72 2.20
CA LEU A 36 -6.16 2.81 2.91
C LEU A 36 -4.73 2.98 2.44
N GLN A 37 -3.85 3.37 3.35
CA GLN A 37 -2.44 3.56 3.02
C GLN A 37 -1.61 2.36 3.47
N CYS A 38 -0.68 1.94 2.62
CA CYS A 38 0.18 0.81 2.94
C CYS A 38 1.32 1.23 3.86
N GLN A 39 1.56 0.43 4.90
CA GLN A 39 2.62 0.73 5.84
C GLN A 39 3.95 0.13 5.39
N VAL A 40 4.15 0.07 4.07
CA VAL A 40 5.38 -0.47 3.50
C VAL A 40 5.91 0.42 2.38
N CYS A 41 5.09 0.60 1.35
CA CYS A 41 5.48 1.43 0.21
C CYS A 41 4.59 2.67 0.12
N SER A 42 4.03 3.08 1.26
CA SER A 42 3.16 4.25 1.31
C SER A 42 2.18 4.23 0.14
N PHE A 43 1.82 3.04 -0.32
CA PHE A 43 0.89 2.90 -1.42
C PHE A 43 -0.56 2.97 -0.93
N VAL A 44 -1.19 4.13 -1.13
CA VAL A 44 -2.57 4.33 -0.71
C VAL A 44 -3.52 4.34 -1.91
N VAL A 45 -4.65 3.64 -1.76
CA VAL A 45 -5.64 3.57 -2.83
C VAL A 45 -7.01 3.26 -2.27
N HIS A 46 -8.06 3.71 -2.98
CA HIS A 46 -9.42 3.48 -2.56
C HIS A 46 -9.57 2.13 -1.88
N ARG A 47 -10.55 2.01 -0.99
CA ARG A 47 -10.79 0.77 -0.27
C ARG A 47 -11.06 -0.38 -1.24
N ARG A 48 -11.85 -0.11 -2.27
CA ARG A 48 -12.19 -1.11 -3.26
C ARG A 48 -11.01 -1.37 -4.19
N CYS A 49 -10.38 -0.30 -4.67
CA CYS A 49 -9.24 -0.40 -5.56
C CYS A 49 -8.23 -1.41 -5.03
N HIS A 50 -8.11 -1.48 -3.71
CA HIS A 50 -7.17 -2.40 -3.08
C HIS A 50 -7.15 -3.74 -3.80
N GLU A 51 -8.25 -4.48 -3.70
CA GLU A 51 -8.35 -5.78 -4.34
C GLU A 51 -7.97 -5.69 -5.82
N PHE A 52 -8.31 -4.58 -6.45
CA PHE A 52 -8.01 -4.37 -7.86
C PHE A 52 -6.50 -4.21 -8.07
N VAL A 53 -5.84 -3.57 -7.11
CA VAL A 53 -4.40 -3.35 -7.19
C VAL A 53 -3.67 -4.61 -7.65
N THR A 54 -2.70 -4.44 -8.53
CA THR A 54 -1.93 -5.57 -9.06
C THR A 54 -0.48 -5.50 -8.60
N PHE A 55 0.10 -4.31 -8.64
CA PHE A 55 1.49 -4.11 -8.22
C PHE A 55 1.77 -4.82 -6.91
N GLU A 56 2.91 -5.49 -6.83
CA GLU A 56 3.30 -6.20 -5.63
C GLU A 56 4.09 -5.30 -4.68
N CYS A 57 3.87 -5.49 -3.38
CA CYS A 57 4.56 -4.70 -2.37
C CYS A 57 6.06 -4.97 -2.39
N PRO A 58 6.86 -3.90 -2.44
CA PRO A 58 8.33 -4.00 -2.46
C PRO A 58 8.90 -4.49 -1.14
N GLY A 59 8.30 -4.04 -0.04
CA GLY A 59 8.76 -4.45 1.27
C GLY A 59 8.17 -5.77 1.71
N ALA A 60 6.85 -5.88 1.68
CA ALA A 60 6.16 -7.09 2.08
C ALA A 60 6.38 -8.21 1.06
N GLY A 61 6.90 -9.34 1.52
CA GLY A 61 7.17 -10.46 0.64
C GLY A 61 8.65 -10.63 0.34
N LYS A 62 8.94 -11.29 -0.77
CA LYS A 62 10.33 -11.53 -1.17
C LYS A 62 10.83 -10.39 -2.05
N GLY A 63 10.15 -10.15 -3.16
CA GLY A 63 10.55 -9.09 -4.06
C GLY A 63 11.37 -9.59 -5.23
N PRO A 64 10.85 -9.44 -6.45
CA PRO A 64 11.52 -9.87 -7.67
C PRO A 64 12.76 -9.04 -7.98
N GLN A 65 13.21 -8.26 -7.01
CA GLN A 65 14.37 -7.41 -7.18
C GLN A 65 15.53 -8.19 -7.79
N THR A 66 16.34 -7.50 -8.59
CA THR A 66 17.49 -8.12 -9.25
C THR A 66 18.24 -9.04 -8.28
N ASP A 67 18.34 -10.31 -8.63
CA ASP A 67 19.03 -11.28 -7.79
C ASP A 67 19.76 -12.30 -8.64
N ASP A 68 20.59 -13.13 -8.00
CA ASP A 68 21.35 -14.15 -8.70
C ASP A 68 20.91 -15.54 -8.27
N PRO A 69 19.79 -16.01 -8.85
CA PRO A 69 19.23 -17.33 -8.54
C PRO A 69 20.10 -18.47 -9.09
N ARG A 70 20.44 -18.39 -10.36
CA ARG A 70 21.27 -19.41 -11.01
C ARG A 70 22.73 -18.97 -11.05
N ASN A 71 23.60 -19.88 -11.48
CA ASN A 71 25.03 -19.59 -11.57
C ASN A 71 25.53 -19.78 -13.00
N LYS A 72 25.35 -20.99 -13.52
CA LYS A 72 25.80 -21.30 -14.88
C LYS A 72 24.92 -20.59 -15.92
N HIS A 73 25.39 -19.45 -16.39
CA HIS A 73 24.65 -18.67 -17.38
C HIS A 73 25.44 -18.55 -18.68
N LYS A 74 26.71 -18.19 -18.56
CA LYS A 74 27.57 -18.04 -19.73
C LYS A 74 27.27 -19.11 -20.77
N PHE A 75 27.43 -18.75 -22.04
CA PHE A 75 27.18 -19.68 -23.13
C PHE A 75 28.36 -19.73 -24.09
N ARG A 76 28.38 -20.76 -24.93
CA ARG A 76 29.47 -20.93 -25.91
C ARG A 76 29.06 -20.37 -27.27
N LEU A 77 30.04 -20.24 -28.16
CA LEU A 77 29.78 -19.73 -29.50
C LEU A 77 30.35 -20.67 -30.56
N GLY A 1 -7.58 -23.20 3.88
CA GLY A 1 -6.80 -23.18 2.67
C GLY A 1 -5.69 -22.15 2.69
N SER A 2 -4.82 -22.18 1.69
CA SER A 2 -3.71 -21.24 1.61
C SER A 2 -4.13 -19.86 2.12
N SER A 3 -3.63 -19.51 3.30
CA SER A 3 -3.95 -18.22 3.91
C SER A 3 -2.69 -17.41 4.18
N GLY A 4 -2.60 -16.24 3.57
CA GLY A 4 -1.44 -15.38 3.76
C GLY A 4 -1.68 -13.96 3.31
N SER A 5 -0.61 -13.25 2.99
CA SER A 5 -0.71 -11.87 2.55
C SER A 5 -0.23 -11.72 1.11
N SER A 6 -1.19 -11.60 0.19
CA SER A 6 -0.87 -11.46 -1.23
C SER A 6 -0.76 -9.99 -1.62
N GLY A 7 -1.73 -9.20 -1.18
CA GLY A 7 -1.74 -7.78 -1.49
C GLY A 7 -0.90 -6.97 -0.52
N HIS A 8 -1.22 -5.69 -0.39
CA HIS A 8 -0.49 -4.81 0.51
C HIS A 8 -1.11 -4.81 1.91
N LYS A 9 -0.37 -4.32 2.88
CA LYS A 9 -0.85 -4.26 4.26
C LYS A 9 -1.73 -3.03 4.48
N PHE A 10 -2.90 -3.03 3.85
CA PHE A 10 -3.84 -1.93 3.98
C PHE A 10 -4.49 -1.92 5.36
N THR A 11 -4.52 -0.74 5.98
CA THR A 11 -5.11 -0.58 7.31
C THR A 11 -5.92 0.70 7.42
N ALA A 12 -7.06 0.62 8.08
CA ALA A 12 -7.93 1.78 8.26
C ALA A 12 -7.12 3.01 8.66
N ARG A 13 -7.13 4.02 7.80
CA ARG A 13 -6.40 5.26 8.07
C ARG A 13 -7.28 6.48 7.83
N PHE A 14 -7.29 7.39 8.80
CA PHE A 14 -8.10 8.60 8.68
C PHE A 14 -7.39 9.64 7.81
N PHE A 15 -8.17 10.29 6.94
CA PHE A 15 -7.62 11.30 6.04
C PHE A 15 -8.55 12.51 5.95
N LYS A 16 -8.08 13.64 6.51
CA LYS A 16 -8.87 14.86 6.51
C LYS A 16 -8.99 15.41 5.09
N GLN A 17 -7.89 15.37 4.34
CA GLN A 17 -7.89 15.86 2.97
C GLN A 17 -8.09 14.73 1.98
N PRO A 18 -8.58 15.08 0.78
CA PRO A 18 -8.82 14.09 -0.29
C PRO A 18 -7.53 13.52 -0.86
N THR A 19 -7.03 12.47 -0.25
CA THR A 19 -5.80 11.83 -0.70
C THR A 19 -5.90 11.39 -2.15
N PHE A 20 -4.77 11.33 -2.83
CA PHE A 20 -4.73 10.92 -4.23
C PHE A 20 -4.49 9.42 -4.36
N CYS A 21 -5.42 8.74 -5.01
CA CYS A 21 -5.32 7.30 -5.20
C CYS A 21 -4.29 6.97 -6.29
N SER A 22 -3.24 6.26 -5.90
CA SER A 22 -2.19 5.89 -6.84
C SER A 22 -2.60 4.65 -7.64
N HIS A 23 -3.86 4.59 -8.01
CA HIS A 23 -4.39 3.46 -8.79
C HIS A 23 -5.26 3.95 -9.94
N CYS A 24 -6.23 4.79 -9.61
CA CYS A 24 -7.14 5.34 -10.62
C CYS A 24 -7.07 6.86 -10.66
N THR A 25 -5.89 7.40 -10.32
CA THR A 25 -5.68 8.84 -10.32
C THR A 25 -6.95 9.58 -9.91
N ASP A 26 -7.53 9.17 -8.78
CA ASP A 26 -8.75 9.80 -8.28
C ASP A 26 -8.58 10.20 -6.81
N PHE A 27 -9.33 11.21 -6.39
CA PHE A 27 -9.27 11.69 -5.02
C PHE A 27 -9.95 10.70 -4.07
N ILE A 28 -9.56 10.76 -2.80
CA ILE A 28 -10.13 9.87 -1.79
C ILE A 28 -10.79 10.66 -0.67
N TRP A 29 -12.11 10.85 -0.79
CA TRP A 29 -12.87 11.60 0.21
C TRP A 29 -14.29 11.07 0.30
N GLY A 30 -14.94 11.32 1.44
CA GLY A 30 -16.31 10.87 1.63
C GLY A 30 -16.51 10.24 2.99
N ILE A 31 -17.78 10.10 3.39
CA ILE A 31 -18.11 9.51 4.68
C ILE A 31 -17.74 8.03 4.72
N GLY A 32 -16.72 7.70 5.50
CA GLY A 32 -16.28 6.33 5.61
C GLY A 32 -14.81 6.15 5.30
N LYS A 33 -14.22 5.09 5.82
CA LYS A 33 -12.80 4.82 5.58
C LYS A 33 -12.59 4.13 4.24
N GLN A 34 -12.34 4.93 3.20
CA GLN A 34 -12.13 4.39 1.86
C GLN A 34 -10.66 4.48 1.46
N GLY A 35 -9.88 5.21 2.27
CA GLY A 35 -8.47 5.37 1.98
C GLY A 35 -7.60 4.53 2.90
N LEU A 36 -6.91 3.55 2.32
CA LEU A 36 -6.04 2.67 3.09
C LEU A 36 -4.58 2.86 2.69
N GLN A 37 -3.77 3.34 3.63
CA GLN A 37 -2.35 3.57 3.37
C GLN A 37 -1.52 2.37 3.80
N CYS A 38 -0.79 1.79 2.85
CA CYS A 38 0.04 0.62 3.13
C CYS A 38 1.15 0.98 4.12
N GLN A 39 1.29 0.16 5.16
CA GLN A 39 2.31 0.39 6.17
C GLN A 39 3.66 -0.17 5.73
N VAL A 40 3.88 -0.19 4.43
CA VAL A 40 5.13 -0.71 3.87
C VAL A 40 5.72 0.25 2.84
N CYS A 41 4.99 0.46 1.76
CA CYS A 41 5.43 1.35 0.69
C CYS A 41 4.58 2.62 0.66
N SER A 42 4.02 2.98 1.81
CA SER A 42 3.18 4.17 1.92
C SER A 42 2.21 4.26 0.74
N PHE A 43 1.85 3.10 0.19
CA PHE A 43 0.93 3.05 -0.94
C PHE A 43 -0.52 3.18 -0.47
N VAL A 44 -1.10 4.34 -0.70
CA VAL A 44 -2.49 4.59 -0.30
C VAL A 44 -3.42 4.57 -1.50
N VAL A 45 -4.49 3.79 -1.42
CA VAL A 45 -5.46 3.70 -2.50
C VAL A 45 -6.85 3.33 -1.97
N HIS A 46 -7.88 3.68 -2.74
CA HIS A 46 -9.25 3.38 -2.35
C HIS A 46 -9.34 2.01 -1.69
N ARG A 47 -10.40 1.79 -0.92
CA ARG A 47 -10.60 0.52 -0.24
C ARG A 47 -10.78 -0.62 -1.25
N ARG A 48 -11.58 -0.36 -2.27
CA ARG A 48 -11.83 -1.37 -3.31
C ARG A 48 -10.62 -1.52 -4.22
N CYS A 49 -10.03 -0.39 -4.60
CA CYS A 49 -8.87 -0.39 -5.48
C CYS A 49 -7.79 -1.34 -4.96
N HIS A 50 -7.75 -1.52 -3.65
CA HIS A 50 -6.78 -2.41 -3.02
C HIS A 50 -6.73 -3.75 -3.74
N GLU A 51 -7.86 -4.46 -3.72
CA GLU A 51 -7.93 -5.76 -4.37
C GLU A 51 -7.56 -5.66 -5.85
N PHE A 52 -7.92 -4.55 -6.47
CA PHE A 52 -7.61 -4.33 -7.88
C PHE A 52 -6.11 -4.18 -8.10
N VAL A 53 -5.44 -3.50 -7.17
CA VAL A 53 -4.01 -3.29 -7.26
C VAL A 53 -3.29 -4.57 -7.69
N THR A 54 -2.63 -4.51 -8.84
CA THR A 54 -1.90 -5.66 -9.35
C THR A 54 -0.44 -5.64 -8.90
N PHE A 55 0.11 -4.44 -8.75
CA PHE A 55 1.49 -4.29 -8.32
C PHE A 55 1.73 -5.00 -6.99
N GLU A 56 2.89 -5.64 -6.87
CA GLU A 56 3.23 -6.36 -5.65
C GLU A 56 4.04 -5.46 -4.70
N CYS A 57 3.73 -5.56 -3.41
CA CYS A 57 4.42 -4.76 -2.41
C CYS A 57 5.92 -5.06 -2.41
N PRO A 58 6.73 -3.99 -2.38
CA PRO A 58 8.20 -4.11 -2.38
C PRO A 58 8.73 -4.66 -1.06
N GLY A 59 8.19 -4.18 0.04
CA GLY A 59 8.63 -4.64 1.35
C GLY A 59 8.02 -5.98 1.71
N ALA A 60 6.70 -6.03 1.82
CA ALA A 60 6.00 -7.26 2.17
C ALA A 60 6.41 -8.40 1.25
N GLY A 61 6.42 -8.13 -0.06
CA GLY A 61 6.80 -9.14 -1.02
C GLY A 61 8.25 -9.07 -1.41
N LYS A 62 8.53 -9.21 -2.70
CA LYS A 62 9.90 -9.16 -3.20
C LYS A 62 10.42 -7.72 -3.22
N GLY A 63 11.64 -7.54 -2.73
CA GLY A 63 12.23 -6.21 -2.71
C GLY A 63 13.74 -6.24 -2.58
N PRO A 64 14.36 -5.06 -2.46
CA PRO A 64 15.82 -4.94 -2.33
C PRO A 64 16.32 -5.45 -0.99
N GLN A 65 17.53 -6.00 -0.99
CA GLN A 65 18.13 -6.53 0.24
C GLN A 65 19.23 -5.60 0.75
N THR A 66 20.22 -5.36 -0.10
CA THR A 66 21.34 -4.49 0.27
C THR A 66 21.60 -3.44 -0.81
N ASP A 67 20.88 -2.33 -0.72
CA ASP A 67 21.03 -1.25 -1.69
C ASP A 67 21.66 -0.02 -1.04
N ASP A 68 22.37 0.77 -1.84
CA ASP A 68 23.03 1.98 -1.35
C ASP A 68 22.18 3.21 -1.62
N PRO A 69 21.61 3.79 -0.57
CA PRO A 69 20.77 4.98 -0.68
C PRO A 69 21.57 6.23 -1.04
N ARG A 70 22.65 6.47 -0.29
CA ARG A 70 23.50 7.63 -0.54
C ARG A 70 24.94 7.33 -0.16
N ASN A 71 25.87 7.77 -0.99
CA ASN A 71 27.30 7.55 -0.74
C ASN A 71 27.80 8.47 0.37
N LYS A 72 28.82 8.00 1.09
CA LYS A 72 29.40 8.78 2.18
C LYS A 72 30.67 9.49 1.73
N HIS A 73 30.80 10.76 2.11
CA HIS A 73 31.97 11.55 1.75
C HIS A 73 32.35 12.50 2.87
N LYS A 74 33.61 12.95 2.87
CA LYS A 74 34.09 13.86 3.89
C LYS A 74 34.93 14.97 3.27
N PHE A 75 35.22 16.00 4.06
CA PHE A 75 36.02 17.13 3.58
C PHE A 75 37.38 16.66 3.08
N ARG A 76 38.18 17.59 2.56
CA ARG A 76 39.50 17.27 2.04
C ARG A 76 40.46 18.45 2.25
N LEU A 77 41.74 18.13 2.37
CA LEU A 77 42.77 19.15 2.58
C LEU A 77 42.65 20.26 1.54
N GLY A 1 -9.69 -11.16 8.01
CA GLY A 1 -8.92 -12.38 7.99
C GLY A 1 -7.45 -12.14 7.66
N SER A 2 -6.73 -13.22 7.38
CA SER A 2 -5.31 -13.11 7.05
C SER A 2 -5.00 -13.83 5.73
N SER A 3 -5.53 -15.03 5.59
CA SER A 3 -5.31 -15.82 4.38
C SER A 3 -6.41 -15.57 3.36
N GLY A 4 -6.16 -15.96 2.11
CA GLY A 4 -7.14 -15.77 1.06
C GLY A 4 -6.52 -15.25 -0.22
N SER A 5 -5.97 -14.04 -0.17
CA SER A 5 -5.34 -13.44 -1.34
C SER A 5 -4.05 -12.73 -0.96
N SER A 6 -3.29 -12.31 -1.97
CA SER A 6 -2.02 -11.62 -1.75
C SER A 6 -2.16 -10.13 -2.01
N GLY A 7 -1.95 -9.33 -0.97
CA GLY A 7 -2.05 -7.89 -1.11
C GLY A 7 -1.16 -7.14 -0.13
N HIS A 8 -1.29 -5.82 -0.10
CA HIS A 8 -0.49 -4.99 0.80
C HIS A 8 -1.08 -5.00 2.21
N LYS A 9 -0.41 -4.31 3.13
CA LYS A 9 -0.87 -4.23 4.51
C LYS A 9 -1.88 -3.10 4.68
N PHE A 10 -2.80 -2.98 3.73
CA PHE A 10 -3.82 -1.95 3.78
C PHE A 10 -4.56 -1.97 5.12
N THR A 11 -5.05 -0.82 5.53
CA THR A 11 -5.79 -0.70 6.79
C THR A 11 -6.41 0.68 6.94
N ALA A 12 -7.70 0.70 7.28
CA ALA A 12 -8.43 1.95 7.46
C ALA A 12 -7.59 2.97 8.21
N ARG A 13 -7.32 4.11 7.57
CA ARG A 13 -6.52 5.16 8.19
C ARG A 13 -7.32 6.46 8.29
N PHE A 14 -7.19 7.13 9.43
CA PHE A 14 -7.91 8.38 9.66
C PHE A 14 -7.24 9.53 8.92
N PHE A 15 -7.69 9.77 7.69
CA PHE A 15 -7.14 10.84 6.87
C PHE A 15 -7.94 12.13 7.03
N LYS A 16 -7.24 13.24 7.21
CA LYS A 16 -7.89 14.54 7.39
C LYS A 16 -7.87 15.33 6.09
N GLN A 17 -6.77 15.24 5.35
CA GLN A 17 -6.63 15.94 4.09
C GLN A 17 -7.05 15.07 2.93
N PRO A 18 -7.36 15.70 1.78
CA PRO A 18 -7.79 14.99 0.57
C PRO A 18 -6.65 14.19 -0.06
N THR A 19 -6.55 12.92 0.31
CA THR A 19 -5.51 12.05 -0.22
C THR A 19 -5.82 11.62 -1.66
N PHE A 20 -4.79 11.26 -2.40
CA PHE A 20 -4.95 10.83 -3.79
C PHE A 20 -4.75 9.33 -3.92
N CYS A 21 -5.43 8.73 -4.89
CA CYS A 21 -5.32 7.30 -5.12
C CYS A 21 -4.21 6.98 -6.13
N SER A 22 -3.15 6.35 -5.65
CA SER A 22 -2.02 6.00 -6.50
C SER A 22 -2.29 4.71 -7.27
N HIS A 23 -3.54 4.53 -7.68
CA HIS A 23 -3.94 3.33 -8.42
C HIS A 23 -4.77 3.71 -9.65
N CYS A 24 -5.78 4.56 -9.44
CA CYS A 24 -6.65 4.99 -10.52
C CYS A 24 -6.52 6.50 -10.75
N THR A 25 -5.38 7.06 -10.36
CA THR A 25 -5.14 8.49 -10.52
C THR A 25 -6.41 9.29 -10.26
N ASP A 26 -7.15 8.91 -9.23
CA ASP A 26 -8.39 9.61 -8.87
C ASP A 26 -8.35 10.09 -7.43
N PHE A 27 -9.31 10.92 -7.07
CA PHE A 27 -9.40 11.46 -5.71
C PHE A 27 -10.04 10.44 -4.76
N ILE A 28 -9.60 10.46 -3.50
CA ILE A 28 -10.12 9.55 -2.50
C ILE A 28 -11.22 10.21 -1.67
N TRP A 29 -10.97 11.46 -1.28
CA TRP A 29 -11.95 12.21 -0.48
C TRP A 29 -13.22 12.45 -1.27
N GLY A 30 -14.21 13.07 -0.61
CA GLY A 30 -15.47 13.37 -1.27
C GLY A 30 -16.61 13.55 -0.29
N ILE A 31 -17.64 12.71 -0.41
CA ILE A 31 -18.79 12.79 0.46
C ILE A 31 -18.52 12.08 1.79
N GLY A 32 -17.60 11.12 1.76
CA GLY A 32 -17.26 10.38 2.97
C GLY A 32 -16.54 9.09 2.66
N LYS A 33 -15.62 9.12 1.70
CA LYS A 33 -14.86 7.94 1.33
C LYS A 33 -13.43 8.01 1.87
N GLN A 34 -12.94 6.90 2.40
CA GLN A 34 -11.60 6.83 2.96
C GLN A 34 -10.76 5.79 2.23
N GLY A 35 -9.45 6.01 2.19
CA GLY A 35 -8.56 5.08 1.52
C GLY A 35 -7.67 4.33 2.50
N LEU A 36 -7.06 3.25 2.02
CA LEU A 36 -6.18 2.44 2.86
C LEU A 36 -4.72 2.73 2.54
N GLN A 37 -3.96 3.17 3.55
CA GLN A 37 -2.55 3.48 3.36
C GLN A 37 -1.68 2.30 3.80
N CYS A 38 -0.87 1.79 2.89
CA CYS A 38 0.01 0.66 3.17
C CYS A 38 1.14 1.09 4.10
N GLN A 39 1.43 0.25 5.08
CA GLN A 39 2.49 0.54 6.04
C GLN A 39 3.83 -0.05 5.57
N VAL A 40 4.02 -0.09 4.25
CA VAL A 40 5.24 -0.62 3.67
C VAL A 40 5.79 0.32 2.59
N CYS A 41 5.00 0.52 1.54
CA CYS A 41 5.40 1.39 0.43
C CYS A 41 4.58 2.66 0.42
N SER A 42 3.95 2.98 1.55
CA SER A 42 3.13 4.17 1.67
C SER A 42 2.16 4.27 0.49
N PHE A 43 1.68 3.12 0.03
CA PHE A 43 0.74 3.08 -1.08
C PHE A 43 -0.70 3.23 -0.60
N VAL A 44 -1.24 4.43 -0.74
CA VAL A 44 -2.61 4.70 -0.32
C VAL A 44 -3.56 4.76 -1.51
N VAL A 45 -4.53 3.85 -1.52
CA VAL A 45 -5.50 3.79 -2.61
C VAL A 45 -6.89 3.42 -2.08
N HIS A 46 -7.92 3.83 -2.82
CA HIS A 46 -9.30 3.54 -2.43
C HIS A 46 -9.40 2.16 -1.78
N ARG A 47 -10.41 1.99 -0.94
CA ARG A 47 -10.62 0.72 -0.25
C ARG A 47 -10.82 -0.42 -1.24
N ARG A 48 -11.71 -0.19 -2.21
CA ARG A 48 -12.00 -1.19 -3.23
C ARG A 48 -10.79 -1.40 -4.14
N CYS A 49 -10.13 -0.31 -4.49
CA CYS A 49 -8.96 -0.37 -5.37
C CYS A 49 -7.91 -1.33 -4.80
N HIS A 50 -7.72 -1.30 -3.49
CA HIS A 50 -6.76 -2.17 -2.84
C HIS A 50 -6.74 -3.55 -3.48
N GLU A 51 -7.81 -4.31 -3.23
CA GLU A 51 -7.91 -5.66 -3.78
C GLU A 51 -7.61 -5.66 -5.28
N PHE A 52 -8.02 -4.60 -5.97
CA PHE A 52 -7.79 -4.49 -7.40
C PHE A 52 -6.31 -4.28 -7.69
N VAL A 53 -5.60 -3.65 -6.76
CA VAL A 53 -4.18 -3.39 -6.92
C VAL A 53 -3.46 -4.61 -7.50
N THR A 54 -2.86 -4.43 -8.67
CA THR A 54 -2.13 -5.52 -9.32
C THR A 54 -0.68 -5.56 -8.88
N PHE A 55 -0.03 -4.39 -8.86
CA PHE A 55 1.37 -4.29 -8.46
C PHE A 55 1.56 -4.80 -7.04
N GLU A 56 2.59 -5.60 -6.83
CA GLU A 56 2.89 -6.16 -5.52
C GLU A 56 3.70 -5.18 -4.68
N CYS A 57 3.79 -5.45 -3.39
CA CYS A 57 4.54 -4.58 -2.48
C CYS A 57 6.04 -4.83 -2.59
N PRO A 58 6.81 -3.75 -2.71
CA PRO A 58 8.28 -3.83 -2.83
C PRO A 58 8.94 -4.29 -1.54
N GLY A 59 8.43 -3.80 -0.41
CA GLY A 59 8.99 -4.17 0.88
C GLY A 59 8.63 -5.59 1.28
N ALA A 60 7.33 -5.88 1.33
CA ALA A 60 6.86 -7.20 1.70
C ALA A 60 7.32 -8.25 0.69
N GLY A 61 7.12 -7.97 -0.59
CA GLY A 61 7.52 -8.89 -1.63
C GLY A 61 7.21 -10.33 -1.27
N LYS A 62 5.93 -10.65 -1.15
CA LYS A 62 5.51 -12.00 -0.80
C LYS A 62 5.36 -12.86 -2.05
N GLY A 63 6.41 -13.61 -2.38
CA GLY A 63 6.38 -14.46 -3.56
C GLY A 63 7.68 -14.44 -4.33
N PRO A 64 7.57 -14.29 -5.66
CA PRO A 64 8.75 -14.24 -6.54
C PRO A 64 9.56 -12.97 -6.36
N GLN A 65 10.74 -12.93 -6.99
CA GLN A 65 11.61 -11.77 -6.90
C GLN A 65 11.01 -10.58 -7.64
N THR A 66 11.45 -9.38 -7.27
CA THR A 66 10.96 -8.16 -7.91
C THR A 66 12.09 -7.18 -8.17
N ASP A 67 12.03 -6.48 -9.30
CA ASP A 67 13.05 -5.51 -9.66
C ASP A 67 13.13 -4.39 -8.63
N ASP A 68 14.34 -4.03 -8.24
CA ASP A 68 14.55 -2.98 -7.27
C ASP A 68 13.86 -1.69 -7.69
N PRO A 69 12.86 -1.27 -6.90
CA PRO A 69 12.10 -0.04 -7.18
C PRO A 69 12.93 1.22 -6.99
N ARG A 70 14.23 1.04 -6.77
CA ARG A 70 15.13 2.17 -6.57
C ARG A 70 15.25 3.01 -7.85
N ASN A 71 14.88 4.28 -7.75
CA ASN A 71 14.94 5.18 -8.89
C ASN A 71 15.21 6.62 -8.44
N LYS A 72 15.47 7.49 -9.40
CA LYS A 72 15.74 8.90 -9.10
C LYS A 72 14.89 9.38 -7.93
N HIS A 73 15.56 9.82 -6.87
CA HIS A 73 14.86 10.31 -5.69
C HIS A 73 14.78 11.84 -5.70
N LYS A 74 13.97 12.39 -4.80
CA LYS A 74 13.80 13.84 -4.70
C LYS A 74 14.82 14.44 -3.74
N PHE A 75 14.96 15.76 -3.79
CA PHE A 75 15.91 16.46 -2.93
C PHE A 75 15.16 17.26 -1.87
N ARG A 76 15.92 17.85 -0.95
CA ARG A 76 15.34 18.65 0.13
C ARG A 76 15.70 20.12 -0.02
N LEU A 77 15.15 20.96 0.85
CA LEU A 77 15.42 22.39 0.81
C LEU A 77 16.40 22.79 1.90
N GLY A 1 -4.11 -13.94 9.41
CA GLY A 1 -2.88 -14.25 10.10
C GLY A 1 -1.73 -14.53 9.15
N SER A 2 -2.00 -15.33 8.13
CA SER A 2 -0.98 -15.68 7.14
C SER A 2 -1.23 -14.97 5.82
N SER A 3 -0.49 -13.91 5.56
CA SER A 3 -0.63 -13.14 4.33
C SER A 3 0.51 -12.15 4.17
N GLY A 4 0.77 -11.75 2.92
CA GLY A 4 1.84 -10.81 2.66
C GLY A 4 2.07 -10.60 1.17
N SER A 5 2.18 -11.70 0.43
CA SER A 5 2.40 -11.63 -1.01
C SER A 5 1.20 -11.03 -1.72
N SER A 6 0.01 -11.49 -1.34
CA SER A 6 -1.23 -11.00 -1.94
C SER A 6 -1.74 -9.75 -1.22
N GLY A 7 -1.77 -8.64 -1.95
CA GLY A 7 -2.24 -7.39 -1.36
C GLY A 7 -1.26 -6.83 -0.35
N HIS A 8 -1.28 -5.51 -0.19
CA HIS A 8 -0.39 -4.84 0.75
C HIS A 8 -0.96 -4.87 2.17
N LYS A 9 -0.21 -4.33 3.12
CA LYS A 9 -0.65 -4.29 4.51
C LYS A 9 -1.66 -3.16 4.73
N PHE A 10 -2.60 -3.03 3.81
CA PHE A 10 -3.63 -1.99 3.90
C PHE A 10 -4.29 -2.02 5.27
N THR A 11 -4.67 -0.84 5.77
CA THR A 11 -5.33 -0.73 7.07
C THR A 11 -6.16 0.55 7.16
N ALA A 12 -7.44 0.40 7.48
CA ALA A 12 -8.33 1.55 7.59
C ALA A 12 -7.76 2.59 8.56
N ARG A 13 -7.70 3.84 8.11
CA ARG A 13 -7.17 4.92 8.93
C ARG A 13 -7.84 6.25 8.57
N PHE A 14 -7.72 7.23 9.46
CA PHE A 14 -8.30 8.54 9.23
C PHE A 14 -7.37 9.43 8.42
N PHE A 15 -7.95 10.29 7.59
CA PHE A 15 -7.17 11.19 6.75
C PHE A 15 -7.73 12.61 6.80
N LYS A 16 -6.87 13.57 7.11
CA LYS A 16 -7.27 14.97 7.19
C LYS A 16 -7.15 15.64 5.82
N GLN A 17 -6.03 15.41 5.16
CA GLN A 17 -5.79 16.01 3.85
C GLN A 17 -6.37 15.13 2.74
N PRO A 18 -6.71 15.76 1.61
CA PRO A 18 -7.28 15.06 0.45
C PRO A 18 -6.26 14.15 -0.24
N THR A 19 -6.13 12.94 0.25
CA THR A 19 -5.19 11.97 -0.31
C THR A 19 -5.59 11.59 -1.74
N PHE A 20 -4.61 11.20 -2.54
CA PHE A 20 -4.85 10.81 -3.92
C PHE A 20 -4.68 9.30 -4.10
N CYS A 21 -5.45 8.73 -5.02
CA CYS A 21 -5.38 7.30 -5.28
C CYS A 21 -4.31 6.99 -6.32
N SER A 22 -3.23 6.35 -5.88
CA SER A 22 -2.14 6.00 -6.78
C SER A 22 -2.47 4.74 -7.57
N HIS A 23 -3.72 4.63 -7.99
CA HIS A 23 -4.17 3.48 -8.77
C HIS A 23 -5.00 3.92 -9.97
N CYS A 24 -6.03 4.72 -9.71
CA CYS A 24 -6.90 5.22 -10.76
C CYS A 24 -6.83 6.74 -10.87
N THR A 25 -5.68 7.30 -10.50
CA THR A 25 -5.47 8.74 -10.55
C THR A 25 -6.77 9.49 -10.26
N ASP A 26 -7.40 9.15 -9.13
CA ASP A 26 -8.64 9.79 -8.74
C ASP A 26 -8.58 10.27 -7.29
N PHE A 27 -9.46 11.19 -6.93
CA PHE A 27 -9.50 11.72 -5.57
C PHE A 27 -10.11 10.71 -4.61
N ILE A 28 -9.81 10.87 -3.33
CA ILE A 28 -10.33 9.97 -2.29
C ILE A 28 -11.35 10.68 -1.41
N TRP A 29 -11.07 11.93 -1.07
CA TRP A 29 -11.96 12.71 -0.23
C TRP A 29 -13.29 12.94 -0.92
N GLY A 30 -14.34 13.15 -0.14
CA GLY A 30 -15.66 13.39 -0.69
C GLY A 30 -16.77 13.06 0.28
N ILE A 31 -17.09 11.78 0.42
CA ILE A 31 -18.13 11.34 1.33
C ILE A 31 -17.56 10.97 2.69
N GLY A 32 -16.49 10.17 2.69
CA GLY A 32 -15.86 9.75 3.93
C GLY A 32 -14.42 9.35 3.74
N LYS A 33 -13.81 8.81 4.79
CA LYS A 33 -12.42 8.37 4.73
C LYS A 33 -12.33 6.91 4.34
N GLN A 34 -12.12 6.65 3.06
CA GLN A 34 -12.02 5.29 2.55
C GLN A 34 -10.69 5.07 1.83
N GLY A 35 -9.61 5.56 2.44
CA GLY A 35 -8.29 5.41 1.84
C GLY A 35 -7.36 4.56 2.68
N LEU A 36 -7.06 3.36 2.18
CA LEU A 36 -6.17 2.44 2.89
C LEU A 36 -4.72 2.66 2.48
N GLN A 37 -3.86 2.90 3.47
CA GLN A 37 -2.44 3.12 3.22
C GLN A 37 -1.62 1.90 3.63
N CYS A 38 -0.53 1.66 2.90
CA CYS A 38 0.35 0.54 3.20
C CYS A 38 1.47 0.95 4.15
N GLN A 39 1.70 0.14 5.17
CA GLN A 39 2.75 0.42 6.15
C GLN A 39 4.10 -0.09 5.66
N VAL A 40 4.27 -0.11 4.34
CA VAL A 40 5.52 -0.58 3.74
C VAL A 40 5.99 0.38 2.64
N CYS A 41 5.15 0.57 1.63
CA CYS A 41 5.48 1.46 0.53
C CYS A 41 4.57 2.68 0.53
N SER A 42 4.06 3.03 1.70
CA SER A 42 3.17 4.18 1.83
C SER A 42 2.26 4.32 0.61
N PHE A 43 1.80 3.18 0.10
CA PHE A 43 0.93 3.16 -1.06
C PHE A 43 -0.53 3.22 -0.64
N VAL A 44 -1.13 4.40 -0.76
CA VAL A 44 -2.53 4.60 -0.39
C VAL A 44 -3.43 4.58 -1.62
N VAL A 45 -4.54 3.86 -1.51
CA VAL A 45 -5.49 3.75 -2.61
C VAL A 45 -6.90 3.46 -2.11
N HIS A 46 -7.90 3.87 -2.88
CA HIS A 46 -9.29 3.64 -2.51
C HIS A 46 -9.47 2.28 -1.86
N ARG A 47 -10.54 2.13 -1.09
CA ARG A 47 -10.83 0.88 -0.41
C ARG A 47 -11.12 -0.23 -1.41
N ARG A 48 -11.93 0.07 -2.42
CA ARG A 48 -12.28 -0.91 -3.44
C ARG A 48 -11.07 -1.24 -4.32
N CYS A 49 -10.31 -0.21 -4.67
CA CYS A 49 -9.14 -0.39 -5.51
C CYS A 49 -8.17 -1.38 -4.88
N HIS A 50 -8.09 -1.37 -3.56
CA HIS A 50 -7.20 -2.26 -2.83
C HIS A 50 -7.10 -3.62 -3.52
N GLU A 51 -8.17 -4.40 -3.44
CA GLU A 51 -8.21 -5.72 -4.06
C GLU A 51 -7.70 -5.66 -5.49
N PHE A 52 -8.22 -4.71 -6.25
CA PHE A 52 -7.83 -4.53 -7.64
C PHE A 52 -6.31 -4.46 -7.78
N VAL A 53 -5.68 -3.68 -6.89
CA VAL A 53 -4.23 -3.52 -6.91
C VAL A 53 -3.54 -4.82 -7.31
N THR A 54 -2.70 -4.74 -8.33
CA THR A 54 -1.98 -5.91 -8.82
C THR A 54 -0.50 -5.83 -8.43
N PHE A 55 0.10 -4.67 -8.61
CA PHE A 55 1.51 -4.46 -8.29
C PHE A 55 1.86 -5.13 -6.96
N GLU A 56 3.05 -5.71 -6.91
CA GLU A 56 3.51 -6.40 -5.69
C GLU A 56 4.28 -5.44 -4.79
N CYS A 57 4.04 -5.54 -3.49
CA CYS A 57 4.71 -4.68 -2.52
C CYS A 57 6.23 -4.90 -2.56
N PRO A 58 6.98 -3.80 -2.58
CA PRO A 58 8.45 -3.84 -2.61
C PRO A 58 9.04 -4.34 -1.30
N GLY A 59 8.46 -3.91 -0.19
CA GLY A 59 8.95 -4.33 1.11
C GLY A 59 8.34 -5.64 1.57
N ALA A 60 7.06 -5.59 1.94
CA ALA A 60 6.36 -6.79 2.40
C ALA A 60 6.67 -7.99 1.50
N GLY A 61 6.66 -9.18 2.09
CA GLY A 61 6.93 -10.38 1.32
C GLY A 61 8.36 -10.87 1.51
N LYS A 62 8.65 -11.41 2.69
CA LYS A 62 9.99 -11.91 2.99
C LYS A 62 10.19 -13.30 2.38
N GLY A 63 9.74 -13.47 1.14
CA GLY A 63 9.89 -14.75 0.47
C GLY A 63 11.34 -15.15 0.31
N PRO A 64 11.57 -16.46 0.05
CA PRO A 64 12.92 -17.00 -0.13
C PRO A 64 13.57 -16.53 -1.42
N GLN A 65 12.79 -15.85 -2.26
CA GLN A 65 13.29 -15.34 -3.53
C GLN A 65 14.06 -14.04 -3.33
N THR A 66 14.88 -13.99 -2.28
CA THR A 66 15.66 -12.80 -1.99
C THR A 66 16.29 -12.22 -3.25
N ASP A 67 16.39 -10.90 -3.31
CA ASP A 67 16.96 -10.22 -4.46
C ASP A 67 18.43 -10.59 -4.63
N ASP A 68 19.00 -10.24 -5.78
CA ASP A 68 20.39 -10.54 -6.07
C ASP A 68 21.28 -10.21 -4.87
N PRO A 69 22.40 -10.93 -4.75
CA PRO A 69 23.35 -10.74 -3.65
C PRO A 69 24.12 -9.42 -3.78
N ARG A 70 23.59 -8.51 -4.60
CA ARG A 70 24.22 -7.22 -4.81
C ARG A 70 25.02 -6.79 -3.59
N ASN A 71 26.33 -6.64 -3.76
CA ASN A 71 27.20 -6.24 -2.66
C ASN A 71 26.93 -4.80 -2.25
N LYS A 72 27.50 -4.39 -1.12
CA LYS A 72 27.31 -3.04 -0.61
C LYS A 72 27.98 -2.02 -1.54
N HIS A 73 27.84 -0.75 -1.19
CA HIS A 73 28.43 0.33 -1.99
C HIS A 73 29.80 -0.08 -2.52
N LYS A 74 30.21 0.56 -3.62
CA LYS A 74 31.50 0.25 -4.24
C LYS A 74 32.61 0.24 -3.20
N PHE A 75 33.75 -0.35 -3.55
CA PHE A 75 34.88 -0.43 -2.65
C PHE A 75 35.99 0.53 -3.09
N ARG A 76 37.07 0.57 -2.31
CA ARG A 76 38.20 1.44 -2.62
C ARG A 76 38.51 1.41 -4.12
N LEU A 77 39.05 2.53 -4.62
CA LEU A 77 39.40 2.62 -6.04
C LEU A 77 40.74 3.32 -6.22
N GLY A 1 2.19 -13.65 -6.37
CA GLY A 1 3.09 -14.80 -6.30
C GLY A 1 2.45 -16.08 -6.78
N SER A 2 2.62 -17.15 -6.02
CA SER A 2 2.05 -18.45 -6.38
C SER A 2 1.11 -18.95 -5.30
N SER A 3 0.47 -20.09 -5.56
CA SER A 3 -0.46 -20.68 -4.61
C SER A 3 -1.36 -19.60 -3.99
N GLY A 4 -1.83 -18.68 -4.82
CA GLY A 4 -2.69 -17.62 -4.33
C GLY A 4 -2.06 -16.25 -4.50
N SER A 5 -2.77 -15.21 -4.08
CA SER A 5 -2.28 -13.84 -4.19
C SER A 5 -2.58 -13.06 -2.92
N SER A 6 -1.62 -12.24 -2.49
CA SER A 6 -1.79 -11.44 -1.29
C SER A 6 -1.73 -9.95 -1.61
N GLY A 7 -2.23 -9.12 -0.70
CA GLY A 7 -2.23 -7.69 -0.91
C GLY A 7 -1.30 -6.96 0.04
N HIS A 8 -1.36 -5.64 0.01
CA HIS A 8 -0.51 -4.83 0.88
C HIS A 8 -1.05 -4.82 2.31
N LYS A 9 -0.30 -4.18 3.21
CA LYS A 9 -0.69 -4.11 4.61
C LYS A 9 -1.69 -2.98 4.84
N PHE A 10 -2.67 -2.88 3.95
CA PHE A 10 -3.69 -1.83 4.06
C PHE A 10 -4.30 -1.81 5.45
N THR A 11 -4.71 -0.62 5.89
CA THR A 11 -5.31 -0.46 7.21
C THR A 11 -6.24 0.74 7.24
N ALA A 12 -7.30 0.64 8.03
CA ALA A 12 -8.27 1.72 8.16
C ALA A 12 -7.67 2.92 8.90
N ARG A 13 -7.77 4.10 8.28
CA ARG A 13 -7.23 5.32 8.88
C ARG A 13 -8.04 6.54 8.45
N PHE A 14 -8.21 7.49 9.36
CA PHE A 14 -8.96 8.70 9.07
C PHE A 14 -8.14 9.65 8.20
N PHE A 15 -8.72 10.06 7.08
CA PHE A 15 -8.04 10.97 6.16
C PHE A 15 -8.81 12.28 6.02
N LYS A 16 -8.28 13.33 6.62
CA LYS A 16 -8.92 14.65 6.56
C LYS A 16 -8.69 15.30 5.21
N GLN A 17 -7.49 15.12 4.65
CA GLN A 17 -7.16 15.70 3.36
C GLN A 17 -7.46 14.71 2.23
N PRO A 18 -7.72 15.25 1.03
CA PRO A 18 -8.03 14.43 -0.15
C PRO A 18 -6.81 13.67 -0.65
N THR A 19 -6.58 12.49 -0.07
CA THR A 19 -5.45 11.66 -0.46
C THR A 19 -5.47 11.37 -1.95
N PHE A 20 -4.37 10.79 -2.46
CA PHE A 20 -4.26 10.47 -3.87
C PHE A 20 -4.17 8.97 -4.08
N CYS A 21 -5.17 8.41 -4.76
CA CYS A 21 -5.20 6.97 -5.02
C CYS A 21 -4.21 6.60 -6.12
N SER A 22 -3.18 5.85 -5.74
CA SER A 22 -2.16 5.43 -6.69
C SER A 22 -2.64 4.26 -7.54
N HIS A 23 -3.92 4.31 -7.91
CA HIS A 23 -4.51 3.26 -8.73
C HIS A 23 -5.35 3.86 -9.87
N CYS A 24 -6.19 4.82 -9.53
CA CYS A 24 -7.04 5.47 -10.52
C CYS A 24 -6.77 6.98 -10.57
N THR A 25 -5.55 7.36 -10.19
CA THR A 25 -5.15 8.77 -10.20
C THR A 25 -6.32 9.66 -9.79
N ASP A 26 -6.94 9.33 -8.66
CA ASP A 26 -8.07 10.12 -8.16
C ASP A 26 -7.82 10.55 -6.73
N PHE A 27 -8.70 11.40 -6.22
CA PHE A 27 -8.59 11.91 -4.85
C PHE A 27 -9.53 11.16 -3.91
N ILE A 28 -9.15 11.07 -2.64
CA ILE A 28 -9.96 10.39 -1.65
C ILE A 28 -10.47 11.36 -0.59
N TRP A 29 -11.69 11.88 -0.81
CA TRP A 29 -12.29 12.81 0.12
C TRP A 29 -13.80 12.60 0.21
N GLY A 30 -14.46 13.39 1.04
CA GLY A 30 -15.90 13.27 1.21
C GLY A 30 -16.27 12.29 2.31
N ILE A 31 -17.04 12.78 3.28
CA ILE A 31 -17.48 11.94 4.39
C ILE A 31 -17.83 10.54 3.92
N GLY A 32 -17.37 9.53 4.67
CA GLY A 32 -17.66 8.15 4.31
C GLY A 32 -16.58 7.55 3.44
N LYS A 33 -16.14 8.32 2.44
CA LYS A 33 -15.10 7.86 1.52
C LYS A 33 -13.73 7.94 2.17
N GLN A 34 -13.20 6.79 2.58
CA GLN A 34 -11.88 6.74 3.21
C GLN A 34 -10.91 5.93 2.37
N GLY A 35 -9.64 5.94 2.77
CA GLY A 35 -8.62 5.20 2.04
C GLY A 35 -7.78 4.33 2.94
N LEU A 36 -6.89 3.54 2.35
CA LEU A 36 -6.02 2.65 3.11
C LEU A 36 -4.57 2.84 2.70
N GLN A 37 -3.76 3.39 3.61
CA GLN A 37 -2.35 3.62 3.34
C GLN A 37 -1.53 2.40 3.73
N CYS A 38 -0.62 1.99 2.84
CA CYS A 38 0.24 0.84 3.08
C CYS A 38 1.43 1.23 3.95
N GLN A 39 1.66 0.45 5.00
CA GLN A 39 2.77 0.71 5.92
C GLN A 39 4.07 0.12 5.39
N VAL A 40 4.18 0.05 4.06
CA VAL A 40 5.37 -0.50 3.43
C VAL A 40 5.87 0.42 2.31
N CYS A 41 5.02 0.65 1.32
CA CYS A 41 5.38 1.52 0.20
C CYS A 41 4.49 2.76 0.17
N SER A 42 4.01 3.15 1.34
CA SER A 42 3.14 4.33 1.44
C SER A 42 2.14 4.38 0.29
N PHE A 43 1.75 3.20 -0.19
CA PHE A 43 0.79 3.11 -1.30
C PHE A 43 -0.64 3.11 -0.78
N VAL A 44 -1.33 4.22 -0.98
CA VAL A 44 -2.71 4.34 -0.53
C VAL A 44 -3.68 4.34 -1.71
N VAL A 45 -4.81 3.64 -1.55
CA VAL A 45 -5.81 3.55 -2.60
C VAL A 45 -7.17 3.16 -2.03
N HIS A 46 -8.23 3.61 -2.68
CA HIS A 46 -9.59 3.30 -2.25
C HIS A 46 -9.69 1.86 -1.77
N ARG A 47 -10.73 1.56 -0.99
CA ARG A 47 -10.94 0.22 -0.47
C ARG A 47 -11.15 -0.78 -1.60
N ARG A 48 -11.85 -0.35 -2.65
CA ARG A 48 -12.12 -1.20 -3.80
C ARG A 48 -10.86 -1.40 -4.64
N CYS A 49 -10.14 -0.31 -4.88
CA CYS A 49 -8.92 -0.35 -5.67
C CYS A 49 -7.88 -1.27 -5.02
N HIS A 50 -7.95 -1.38 -3.69
CA HIS A 50 -7.03 -2.22 -2.95
C HIS A 50 -6.88 -3.59 -3.60
N GLU A 51 -7.91 -4.41 -3.47
CA GLU A 51 -7.90 -5.75 -4.05
C GLU A 51 -7.46 -5.71 -5.51
N PHE A 52 -8.06 -4.79 -6.28
CA PHE A 52 -7.74 -4.65 -7.69
C PHE A 52 -6.22 -4.55 -7.89
N VAL A 53 -5.57 -3.77 -7.03
CA VAL A 53 -4.13 -3.59 -7.11
C VAL A 53 -3.43 -4.89 -7.47
N THR A 54 -2.74 -4.89 -8.62
CA THR A 54 -2.03 -6.08 -9.08
C THR A 54 -0.56 -6.03 -8.69
N PHE A 55 0.03 -4.83 -8.78
CA PHE A 55 1.44 -4.65 -8.45
C PHE A 55 1.80 -5.39 -7.16
N GLU A 56 3.07 -5.68 -6.99
CA GLU A 56 3.54 -6.40 -5.80
C GLU A 56 4.36 -5.47 -4.91
N CYS A 57 3.94 -5.35 -3.66
CA CYS A 57 4.63 -4.50 -2.69
C CYS A 57 6.13 -4.77 -2.70
N PRO A 58 6.92 -3.70 -2.72
CA PRO A 58 8.40 -3.80 -2.74
C PRO A 58 8.95 -4.30 -1.41
N GLY A 59 8.28 -3.95 -0.32
CA GLY A 59 8.72 -4.37 1.00
C GLY A 59 8.16 -5.72 1.39
N ALA A 60 6.84 -5.83 1.36
CA ALA A 60 6.17 -7.09 1.71
C ALA A 60 6.72 -8.25 0.91
N GLY A 61 7.52 -9.08 1.57
CA GLY A 61 8.11 -10.23 0.90
C GLY A 61 9.62 -10.16 0.84
N LYS A 62 10.26 -11.32 0.81
CA LYS A 62 11.72 -11.39 0.76
C LYS A 62 12.27 -10.35 -0.21
N GLY A 63 13.20 -9.52 0.28
CA GLY A 63 13.79 -8.50 -0.55
C GLY A 63 15.26 -8.25 -0.22
N PRO A 64 15.94 -7.47 -1.06
CA PRO A 64 17.35 -7.13 -0.87
C PRO A 64 17.58 -6.21 0.32
N GLN A 65 16.54 -5.45 0.69
CA GLN A 65 16.62 -4.54 1.81
C GLN A 65 16.76 -5.30 3.13
N THR A 66 17.83 -5.00 3.87
CA THR A 66 18.08 -5.66 5.14
C THR A 66 16.92 -5.43 6.11
N ASP A 67 16.08 -6.44 6.27
CA ASP A 67 14.94 -6.35 7.18
C ASP A 67 15.38 -6.48 8.63
N ASP A 68 14.54 -6.01 9.55
CA ASP A 68 14.83 -6.07 10.97
C ASP A 68 14.28 -7.35 11.58
N PRO A 69 15.18 -8.29 11.92
CA PRO A 69 14.81 -9.58 12.52
C PRO A 69 14.31 -9.42 13.95
N ARG A 70 14.66 -8.31 14.58
CA ARG A 70 14.24 -8.03 15.95
C ARG A 70 13.12 -7.00 15.98
N ASN A 71 12.16 -7.21 16.87
CA ASN A 71 11.03 -6.30 17.01
C ASN A 71 10.92 -5.78 18.43
N LYS A 72 10.17 -4.69 18.60
CA LYS A 72 9.97 -4.09 19.92
C LYS A 72 9.81 -5.16 20.99
N HIS A 73 10.76 -5.21 21.94
CA HIS A 73 10.71 -6.18 23.01
C HIS A 73 9.36 -6.16 23.71
N LYS A 74 8.81 -7.35 23.96
CA LYS A 74 7.51 -7.46 24.62
C LYS A 74 7.61 -8.38 25.83
N PHE A 75 6.62 -8.29 26.72
CA PHE A 75 6.59 -9.11 27.93
C PHE A 75 6.70 -10.59 27.57
N ARG A 76 6.90 -11.42 28.59
CA ARG A 76 7.02 -12.86 28.39
C ARG A 76 5.65 -13.49 28.14
N LEU A 77 5.66 -14.76 27.75
CA LEU A 77 4.42 -15.49 27.48
C LEU A 77 3.79 -15.99 28.77
N GLY A 1 -2.84 -12.73 9.54
CA GLY A 1 -3.79 -11.71 9.11
C GLY A 1 -5.13 -12.30 8.71
N SER A 2 -5.52 -12.07 7.46
CA SER A 2 -6.80 -12.58 6.96
C SER A 2 -6.67 -14.03 6.51
N SER A 3 -7.70 -14.82 6.75
CA SER A 3 -7.71 -16.22 6.37
C SER A 3 -7.21 -16.39 4.94
N GLY A 4 -7.95 -15.82 3.99
CA GLY A 4 -7.56 -15.92 2.59
C GLY A 4 -7.70 -14.60 1.86
N SER A 5 -6.81 -13.67 2.16
CA SER A 5 -6.83 -12.35 1.54
C SER A 5 -5.42 -11.81 1.36
N SER A 6 -4.97 -11.75 0.11
CA SER A 6 -3.63 -11.24 -0.20
C SER A 6 -3.68 -9.76 -0.56
N GLY A 7 -2.60 -9.05 -0.22
CA GLY A 7 -2.53 -7.63 -0.51
C GLY A 7 -1.63 -6.88 0.44
N HIS A 8 -1.29 -5.64 0.09
CA HIS A 8 -0.43 -4.82 0.94
C HIS A 8 -0.99 -4.71 2.34
N LYS A 9 -0.21 -4.12 3.25
CA LYS A 9 -0.63 -3.95 4.63
C LYS A 9 -1.59 -2.77 4.77
N PHE A 10 -2.80 -2.93 4.25
CA PHE A 10 -3.80 -1.88 4.30
C PHE A 10 -4.48 -1.86 5.68
N THR A 11 -4.72 -0.64 6.19
CA THR A 11 -5.35 -0.49 7.49
C THR A 11 -6.17 0.80 7.55
N ALA A 12 -7.46 0.66 7.81
CA ALA A 12 -8.36 1.82 7.90
C ALA A 12 -7.86 2.83 8.92
N ARG A 13 -7.69 4.07 8.47
CA ARG A 13 -7.20 5.14 9.34
C ARG A 13 -7.80 6.48 8.94
N PHE A 14 -7.65 7.47 9.81
CA PHE A 14 -8.18 8.80 9.54
C PHE A 14 -7.20 9.63 8.72
N PHE A 15 -7.72 10.30 7.68
CA PHE A 15 -6.89 11.12 6.82
C PHE A 15 -7.30 12.59 6.90
N LYS A 16 -6.33 13.44 7.21
CA LYS A 16 -6.60 14.88 7.31
C LYS A 16 -6.64 15.52 5.92
N GLN A 17 -5.73 15.12 5.05
CA GLN A 17 -5.67 15.66 3.70
C GLN A 17 -6.32 14.70 2.70
N PRO A 18 -6.79 15.24 1.58
CA PRO A 18 -7.43 14.46 0.52
C PRO A 18 -6.45 13.56 -0.22
N THR A 19 -6.11 12.43 0.39
CA THR A 19 -5.18 11.49 -0.21
C THR A 19 -5.56 11.18 -1.65
N PHE A 20 -4.57 10.76 -2.43
CA PHE A 20 -4.81 10.43 -3.84
C PHE A 20 -4.63 8.93 -4.08
N CYS A 21 -5.45 8.39 -4.97
CA CYS A 21 -5.39 6.97 -5.30
C CYS A 21 -4.39 6.70 -6.41
N SER A 22 -3.27 6.07 -6.07
CA SER A 22 -2.23 5.76 -7.04
C SER A 22 -2.59 4.52 -7.85
N HIS A 23 -3.87 4.39 -8.18
CA HIS A 23 -4.34 3.24 -8.95
C HIS A 23 -5.27 3.68 -10.07
N CYS A 24 -6.24 4.54 -9.72
CA CYS A 24 -7.20 5.04 -10.70
C CYS A 24 -7.04 6.55 -10.89
N THR A 25 -5.88 7.06 -10.52
CA THR A 25 -5.59 8.48 -10.65
C THR A 25 -6.80 9.32 -10.24
N ASP A 26 -7.32 9.06 -9.03
CA ASP A 26 -8.47 9.79 -8.52
C ASP A 26 -8.17 10.33 -7.12
N PHE A 27 -9.03 11.25 -6.66
CA PHE A 27 -8.87 11.85 -5.34
C PHE A 27 -9.78 11.17 -4.33
N ILE A 28 -9.26 10.95 -3.13
CA ILE A 28 -10.01 10.31 -2.06
C ILE A 28 -10.55 11.35 -1.07
N TRP A 29 -11.53 12.13 -1.52
CA TRP A 29 -12.14 13.16 -0.68
C TRP A 29 -13.59 13.40 -1.07
N GLY A 30 -14.41 13.76 -0.08
CA GLY A 30 -15.82 14.00 -0.35
C GLY A 30 -16.72 13.49 0.76
N ILE A 31 -17.89 13.00 0.38
CA ILE A 31 -18.85 12.48 1.34
C ILE A 31 -18.17 11.51 2.31
N GLY A 32 -17.64 10.41 1.77
CA GLY A 32 -16.98 9.42 2.60
C GLY A 32 -15.50 9.31 2.29
N LYS A 33 -14.66 9.67 3.26
CA LYS A 33 -13.21 9.61 3.08
C LYS A 33 -12.68 8.24 3.45
N GLN A 34 -12.58 7.36 2.46
CA GLN A 34 -12.08 6.01 2.68
C GLN A 34 -10.77 5.79 1.93
N GLY A 35 -9.66 5.72 2.68
CA GLY A 35 -8.37 5.51 2.07
C GLY A 35 -7.48 4.61 2.90
N LEU A 36 -6.98 3.53 2.29
CA LEU A 36 -6.11 2.59 2.99
C LEU A 36 -4.67 2.73 2.51
N GLN A 37 -3.80 3.15 3.41
CA GLN A 37 -2.39 3.33 3.09
C GLN A 37 -1.57 2.13 3.56
N CYS A 38 -0.55 1.77 2.78
CA CYS A 38 0.31 0.64 3.12
C CYS A 38 1.42 1.07 4.07
N GLN A 39 1.66 0.26 5.10
CA GLN A 39 2.69 0.56 6.09
C GLN A 39 4.05 0.05 5.62
N VAL A 40 4.23 0.01 4.30
CA VAL A 40 5.49 -0.46 3.72
C VAL A 40 5.97 0.48 2.61
N CYS A 41 5.14 0.63 1.58
CA CYS A 41 5.47 1.49 0.45
C CYS A 41 4.55 2.71 0.41
N SER A 42 4.02 3.09 1.58
CA SER A 42 3.13 4.24 1.68
C SER A 42 2.18 4.29 0.49
N PHE A 43 1.81 3.11 -0.01
CA PHE A 43 0.89 3.01 -1.15
C PHE A 43 -0.56 3.08 -0.69
N VAL A 44 -1.23 4.18 -1.00
CA VAL A 44 -2.62 4.36 -0.61
C VAL A 44 -3.54 4.23 -1.82
N VAL A 45 -4.69 3.59 -1.62
CA VAL A 45 -5.66 3.40 -2.69
C VAL A 45 -7.06 3.16 -2.13
N HIS A 46 -8.07 3.54 -2.89
CA HIS A 46 -9.46 3.37 -2.48
C HIS A 46 -9.67 1.98 -1.84
N ARG A 47 -10.82 1.80 -1.20
CA ARG A 47 -11.13 0.54 -0.55
C ARG A 47 -11.32 -0.56 -1.58
N ARG A 48 -12.12 -0.28 -2.61
CA ARG A 48 -12.38 -1.26 -3.66
C ARG A 48 -11.14 -1.48 -4.53
N CYS A 49 -10.44 -0.39 -4.84
CA CYS A 49 -9.24 -0.45 -5.66
C CYS A 49 -8.25 -1.47 -5.09
N HIS A 50 -8.29 -1.64 -3.77
CA HIS A 50 -7.39 -2.57 -3.09
C HIS A 50 -7.24 -3.86 -3.89
N GLU A 51 -8.32 -4.63 -3.98
CA GLU A 51 -8.31 -5.89 -4.72
C GLU A 51 -7.73 -5.69 -6.11
N PHE A 52 -8.11 -4.60 -6.76
CA PHE A 52 -7.62 -4.29 -8.11
C PHE A 52 -6.10 -4.17 -8.12
N VAL A 53 -5.55 -3.59 -7.05
CA VAL A 53 -4.11 -3.42 -6.95
C VAL A 53 -3.36 -4.61 -7.51
N THR A 54 -2.57 -4.38 -8.54
CA THR A 54 -1.81 -5.44 -9.18
C THR A 54 -0.34 -5.42 -8.73
N PHE A 55 0.25 -4.23 -8.75
CA PHE A 55 1.64 -4.07 -8.33
C PHE A 55 1.93 -4.88 -7.07
N GLU A 56 3.19 -5.29 -6.92
CA GLU A 56 3.59 -6.07 -5.75
C GLU A 56 4.37 -5.20 -4.77
N CYS A 57 4.01 -5.29 -3.49
CA CYS A 57 4.68 -4.51 -2.46
C CYS A 57 6.18 -4.77 -2.46
N PRO A 58 6.97 -3.69 -2.38
CA PRO A 58 8.44 -3.77 -2.38
C PRO A 58 8.97 -4.38 -1.09
N GLY A 59 8.38 -3.98 0.04
CA GLY A 59 8.82 -4.51 1.33
C GLY A 59 8.16 -5.81 1.67
N ALA A 60 6.87 -5.76 2.03
CA ALA A 60 6.12 -6.95 2.39
C ALA A 60 6.49 -8.12 1.50
N GLY A 61 6.54 -9.32 2.07
CA GLY A 61 6.87 -10.51 1.31
C GLY A 61 8.08 -11.23 1.88
N LYS A 62 9.18 -11.22 1.14
CA LYS A 62 10.40 -11.88 1.57
C LYS A 62 11.54 -10.87 1.74
N GLY A 63 12.19 -10.91 2.89
CA GLY A 63 13.30 -10.00 3.16
C GLY A 63 13.18 -9.34 4.51
N PRO A 64 13.58 -10.06 5.57
CA PRO A 64 13.52 -9.54 6.94
C PRO A 64 14.54 -8.43 7.19
N GLN A 65 15.60 -8.42 6.39
CA GLN A 65 16.65 -7.42 6.52
C GLN A 65 17.07 -6.88 5.15
N THR A 66 17.48 -5.62 5.12
CA THR A 66 17.91 -4.99 3.87
C THR A 66 18.96 -3.93 4.13
N ASP A 67 19.55 -3.41 3.06
CA ASP A 67 20.58 -2.39 3.17
C ASP A 67 19.95 -1.01 3.43
N ASP A 68 20.54 -0.26 4.34
CA ASP A 68 20.04 1.07 4.68
C ASP A 68 21.15 2.11 4.57
N PRO A 69 20.79 3.30 4.07
CA PRO A 69 21.74 4.40 3.91
C PRO A 69 22.19 4.99 5.24
N ARG A 70 21.85 4.31 6.33
CA ARG A 70 22.22 4.76 7.66
C ARG A 70 23.73 4.63 7.88
N ASN A 71 24.46 5.70 7.55
CA ASN A 71 25.91 5.71 7.72
C ASN A 71 26.29 6.08 9.15
N LYS A 72 27.59 6.03 9.43
CA LYS A 72 28.09 6.36 10.76
C LYS A 72 27.35 7.56 11.34
N HIS A 73 26.68 7.35 12.48
CA HIS A 73 25.94 8.41 13.13
C HIS A 73 26.84 9.62 13.40
N LYS A 74 26.51 10.76 12.79
CA LYS A 74 27.28 11.98 12.98
C LYS A 74 27.70 12.14 14.44
N PHE A 75 29.00 12.35 14.65
CA PHE A 75 29.54 12.51 16.00
C PHE A 75 29.36 13.95 16.47
N ARG A 76 28.92 14.11 17.71
CA ARG A 76 28.71 15.44 18.28
C ARG A 76 29.90 16.35 17.98
N LEU A 77 29.61 17.62 17.76
CA LEU A 77 30.66 18.61 17.46
C LEU A 77 30.42 19.90 18.22
N GLY A 1 -10.04 -10.45 8.75
CA GLY A 1 -10.23 -11.79 8.22
C GLY A 1 -8.92 -12.56 8.11
N SER A 2 -8.78 -13.62 8.90
CA SER A 2 -7.58 -14.43 8.88
C SER A 2 -7.42 -15.15 7.55
N SER A 3 -8.44 -15.91 7.17
CA SER A 3 -8.41 -16.65 5.91
C SER A 3 -8.01 -15.74 4.75
N GLY A 4 -7.44 -16.34 3.70
CA GLY A 4 -7.01 -15.57 2.55
C GLY A 4 -6.32 -14.29 2.93
N SER A 5 -5.01 -14.37 3.12
CA SER A 5 -4.22 -13.20 3.50
C SER A 5 -3.20 -12.85 2.41
N SER A 6 -3.49 -11.80 1.66
CA SER A 6 -2.61 -11.36 0.58
C SER A 6 -2.77 -9.88 0.31
N GLY A 7 -1.92 -9.34 -0.55
CA GLY A 7 -1.98 -7.93 -0.89
C GLY A 7 -1.10 -7.08 0.01
N HIS A 8 -1.29 -5.76 -0.05
CA HIS A 8 -0.50 -4.84 0.75
C HIS A 8 -1.06 -4.73 2.17
N LYS A 9 -0.26 -4.19 3.09
CA LYS A 9 -0.67 -4.04 4.47
C LYS A 9 -1.57 -2.81 4.65
N PHE A 10 -2.82 -2.94 4.21
CA PHE A 10 -3.77 -1.84 4.31
C PHE A 10 -4.33 -1.73 5.73
N THR A 11 -4.36 -0.52 6.26
CA THR A 11 -4.86 -0.28 7.61
C THR A 11 -5.78 0.94 7.64
N ALA A 12 -7.04 0.70 7.96
CA ALA A 12 -8.02 1.78 8.02
C ALA A 12 -7.52 2.93 8.88
N ARG A 13 -7.57 4.15 8.34
CA ARG A 13 -7.11 5.32 9.06
C ARG A 13 -7.82 6.57 8.55
N PHE A 14 -8.38 7.35 9.47
CA PHE A 14 -9.08 8.58 9.12
C PHE A 14 -8.18 9.53 8.33
N PHE A 15 -8.72 10.12 7.27
CA PHE A 15 -7.97 11.04 6.44
C PHE A 15 -8.62 12.41 6.41
N LYS A 16 -7.84 13.44 6.76
CA LYS A 16 -8.35 14.81 6.78
C LYS A 16 -8.24 15.45 5.40
N GLN A 17 -7.14 15.17 4.70
CA GLN A 17 -6.92 15.72 3.37
C GLN A 17 -7.25 14.68 2.30
N PRO A 18 -7.62 15.17 1.10
CA PRO A 18 -7.97 14.30 -0.03
C PRO A 18 -6.76 13.56 -0.59
N THR A 19 -6.46 12.41 -0.01
CA THR A 19 -5.33 11.60 -0.45
C THR A 19 -5.43 11.28 -1.94
N PHE A 20 -4.30 10.88 -2.52
CA PHE A 20 -4.26 10.54 -3.94
C PHE A 20 -4.12 9.04 -4.14
N CYS A 21 -5.06 8.46 -4.88
CA CYS A 21 -5.05 7.02 -5.13
C CYS A 21 -4.02 6.68 -6.21
N SER A 22 -2.98 5.94 -5.83
CA SER A 22 -1.94 5.55 -6.77
C SER A 22 -2.39 4.36 -7.62
N HIS A 23 -3.67 4.31 -7.93
CA HIS A 23 -4.23 3.23 -8.74
C HIS A 23 -5.15 3.78 -9.82
N CYS A 24 -5.98 4.75 -9.46
CA CYS A 24 -6.91 5.36 -10.40
C CYS A 24 -6.69 6.87 -10.48
N THR A 25 -5.46 7.29 -10.23
CA THR A 25 -5.12 8.71 -10.27
C THR A 25 -6.31 9.58 -9.87
N ASP A 26 -7.00 9.18 -8.82
CA ASP A 26 -8.15 9.91 -8.33
C ASP A 26 -8.00 10.25 -6.85
N PHE A 27 -8.70 11.30 -6.42
CA PHE A 27 -8.64 11.72 -5.03
C PHE A 27 -9.63 10.95 -4.17
N ILE A 28 -9.21 10.59 -2.96
CA ILE A 28 -10.06 9.85 -2.05
C ILE A 28 -10.84 10.79 -1.12
N TRP A 29 -11.91 11.35 -1.64
CA TRP A 29 -12.73 12.27 -0.86
C TRP A 29 -14.19 12.22 -1.32
N GLY A 30 -15.08 12.79 -0.53
CA GLY A 30 -16.49 12.81 -0.86
C GLY A 30 -17.20 11.54 -0.44
N ILE A 31 -17.25 10.55 -1.32
CA ILE A 31 -17.90 9.29 -1.03
C ILE A 31 -17.75 8.92 0.45
N GLY A 32 -16.55 9.14 0.98
CA GLY A 32 -16.31 8.83 2.38
C GLY A 32 -14.83 8.58 2.66
N LYS A 33 -14.52 8.21 3.90
CA LYS A 33 -13.15 7.95 4.30
C LYS A 33 -12.76 6.52 3.96
N GLN A 34 -12.44 6.27 2.69
CA GLN A 34 -12.06 4.95 2.24
C GLN A 34 -10.62 4.95 1.73
N GLY A 35 -9.72 5.57 2.49
CA GLY A 35 -8.33 5.63 2.10
C GLY A 35 -7.45 4.73 2.95
N LEU A 36 -6.99 3.63 2.35
CA LEU A 36 -6.13 2.68 3.06
C LEU A 36 -4.69 2.79 2.57
N GLN A 37 -3.82 3.30 3.43
CA GLN A 37 -2.41 3.46 3.09
C GLN A 37 -1.61 2.23 3.53
N CYS A 38 -0.64 1.84 2.70
CA CYS A 38 0.19 0.69 3.01
C CYS A 38 1.35 1.08 3.91
N GLN A 39 1.56 0.29 4.96
CA GLN A 39 2.63 0.56 5.92
C GLN A 39 3.95 -0.02 5.41
N VAL A 40 4.12 -0.05 4.10
CA VAL A 40 5.33 -0.56 3.49
C VAL A 40 5.84 0.37 2.39
N CYS A 41 5.01 0.60 1.38
CA CYS A 41 5.38 1.48 0.27
C CYS A 41 4.47 2.69 0.22
N SER A 42 3.94 3.08 1.38
CA SER A 42 3.06 4.23 1.47
C SER A 42 2.06 4.25 0.32
N PHE A 43 1.70 3.06 -0.16
CA PHE A 43 0.75 2.94 -1.27
C PHE A 43 -0.69 2.98 -0.76
N VAL A 44 -1.33 4.14 -0.94
CA VAL A 44 -2.71 4.31 -0.49
C VAL A 44 -3.67 4.35 -1.68
N VAL A 45 -4.74 3.58 -1.60
CA VAL A 45 -5.74 3.54 -2.67
C VAL A 45 -7.12 3.22 -2.11
N HIS A 46 -8.15 3.67 -2.83
CA HIS A 46 -9.52 3.44 -2.41
C HIS A 46 -9.69 2.04 -1.84
N ARG A 47 -10.76 1.84 -1.06
CA ARG A 47 -11.02 0.54 -0.45
C ARG A 47 -11.21 -0.53 -1.52
N ARG A 48 -12.08 -0.25 -2.49
CA ARG A 48 -12.36 -1.18 -3.57
C ARG A 48 -11.13 -1.39 -4.44
N CYS A 49 -10.39 -0.31 -4.67
CA CYS A 49 -9.18 -0.36 -5.49
C CYS A 49 -8.19 -1.38 -4.92
N HIS A 50 -8.19 -1.52 -3.61
CA HIS A 50 -7.29 -2.46 -2.95
C HIS A 50 -7.23 -3.79 -3.71
N GLU A 51 -8.29 -4.58 -3.58
CA GLU A 51 -8.36 -5.87 -4.26
C GLU A 51 -7.88 -5.76 -5.71
N PHE A 52 -8.26 -4.67 -6.36
CA PHE A 52 -7.87 -4.44 -7.75
C PHE A 52 -6.35 -4.32 -7.88
N VAL A 53 -5.72 -3.71 -6.87
CA VAL A 53 -4.28 -3.54 -6.87
C VAL A 53 -3.57 -4.77 -7.44
N THR A 54 -2.61 -4.53 -8.33
CA THR A 54 -1.86 -5.61 -8.96
C THR A 54 -0.37 -5.53 -8.60
N PHE A 55 0.16 -4.32 -8.64
CA PHE A 55 1.57 -4.10 -8.33
C PHE A 55 1.98 -4.90 -7.09
N GLU A 56 3.19 -5.47 -7.12
CA GLU A 56 3.70 -6.26 -6.01
C GLU A 56 4.47 -5.38 -5.02
N CYS A 57 4.00 -5.35 -3.79
CA CYS A 57 4.64 -4.55 -2.75
C CYS A 57 6.14 -4.78 -2.73
N PRO A 58 6.92 -3.70 -2.66
CA PRO A 58 8.38 -3.75 -2.64
C PRO A 58 8.91 -4.33 -1.33
N GLY A 59 8.41 -3.84 -0.21
CA GLY A 59 8.84 -4.31 1.08
C GLY A 59 8.38 -5.73 1.37
N ALA A 60 7.07 -5.90 1.50
CA ALA A 60 6.50 -7.22 1.78
C ALA A 60 7.00 -8.25 0.77
N GLY A 61 7.13 -9.50 1.23
CA GLY A 61 7.61 -10.56 0.37
C GLY A 61 9.10 -10.44 0.08
N LYS A 62 9.52 -11.06 -1.03
CA LYS A 62 10.93 -11.02 -1.42
C LYS A 62 11.17 -9.92 -2.46
N GLY A 63 12.32 -9.27 -2.36
CA GLY A 63 12.66 -8.21 -3.30
C GLY A 63 14.01 -8.42 -3.95
N PRO A 64 14.53 -7.37 -4.60
CA PRO A 64 15.82 -7.43 -5.29
C PRO A 64 17.00 -7.53 -4.32
N GLN A 65 18.21 -7.61 -4.86
CA GLN A 65 19.41 -7.71 -4.04
C GLN A 65 19.46 -6.59 -3.01
N THR A 66 20.03 -6.88 -1.85
CA THR A 66 20.15 -5.89 -0.78
C THR A 66 20.72 -4.59 -1.30
N ASP A 67 20.20 -3.47 -0.79
CA ASP A 67 20.67 -2.16 -1.20
C ASP A 67 20.77 -1.21 0.00
N ASP A 68 21.63 -0.21 -0.11
CA ASP A 68 21.82 0.76 0.96
C ASP A 68 21.17 2.09 0.60
N PRO A 69 19.96 2.33 1.15
CA PRO A 69 19.22 3.57 0.89
C PRO A 69 19.86 4.78 1.56
N ARG A 70 20.59 4.55 2.64
CA ARG A 70 21.26 5.62 3.36
C ARG A 70 22.67 5.85 2.81
N ASN A 71 22.80 5.78 1.49
CA ASN A 71 24.10 5.98 0.84
C ASN A 71 24.70 7.32 1.24
N LYS A 72 23.85 8.32 1.42
CA LYS A 72 24.30 9.65 1.80
C LYS A 72 24.03 9.92 3.27
N HIS A 73 24.65 10.97 3.80
CA HIS A 73 24.48 11.33 5.21
C HIS A 73 23.56 12.53 5.35
N LYS A 74 22.91 12.64 6.50
CA LYS A 74 21.99 13.75 6.77
C LYS A 74 22.78 15.03 7.08
N PHE A 75 22.14 16.17 6.85
CA PHE A 75 22.77 17.47 7.10
C PHE A 75 21.77 18.46 7.67
N ARG A 76 22.25 19.63 8.05
CA ARG A 76 21.39 20.67 8.60
C ARG A 76 21.24 21.84 7.62
N LEU A 77 20.03 22.38 7.54
CA LEU A 77 19.74 23.48 6.64
C LEU A 77 18.65 24.39 7.22
N GLY A 1 -10.28 -21.88 -0.83
CA GLY A 1 -8.82 -21.92 -0.77
C GLY A 1 -8.23 -20.63 -0.25
N SER A 2 -7.77 -20.65 0.99
CA SER A 2 -7.19 -19.46 1.62
C SER A 2 -5.74 -19.30 1.20
N SER A 3 -5.47 -18.30 0.37
CA SER A 3 -4.11 -18.04 -0.10
C SER A 3 -3.44 -16.96 0.73
N GLY A 4 -3.64 -17.02 2.05
CA GLY A 4 -3.05 -16.05 2.95
C GLY A 4 -3.67 -14.67 2.78
N SER A 5 -3.07 -13.68 3.44
CA SER A 5 -3.56 -12.31 3.36
C SER A 5 -3.09 -11.63 2.08
N SER A 6 -3.22 -12.34 0.96
CA SER A 6 -2.80 -11.80 -0.33
C SER A 6 -3.07 -10.30 -0.41
N GLY A 7 -2.12 -9.57 -0.99
CA GLY A 7 -2.27 -8.13 -1.12
C GLY A 7 -1.39 -7.37 -0.16
N HIS A 8 -1.24 -6.07 -0.40
CA HIS A 8 -0.41 -5.22 0.45
C HIS A 8 -0.97 -5.17 1.86
N LYS A 9 -0.23 -4.53 2.76
CA LYS A 9 -0.64 -4.41 4.16
C LYS A 9 -1.45 -3.14 4.37
N PHE A 10 -2.74 -3.20 4.07
CA PHE A 10 -3.63 -2.05 4.23
C PHE A 10 -4.12 -1.94 5.67
N THR A 11 -4.34 -0.71 6.13
CA THR A 11 -4.81 -0.47 7.48
C THR A 11 -5.70 0.76 7.54
N ALA A 12 -6.93 0.58 8.00
CA ALA A 12 -7.89 1.67 8.12
C ALA A 12 -7.32 2.80 8.97
N ARG A 13 -7.37 4.02 8.45
CA ARG A 13 -6.86 5.18 9.17
C ARG A 13 -7.60 6.45 8.74
N PHE A 14 -7.89 7.32 9.71
CA PHE A 14 -8.59 8.57 9.43
C PHE A 14 -7.69 9.54 8.69
N PHE A 15 -8.18 10.04 7.56
CA PHE A 15 -7.42 10.99 6.74
C PHE A 15 -8.03 12.38 6.82
N LYS A 16 -7.44 13.25 7.64
CA LYS A 16 -7.93 14.61 7.79
C LYS A 16 -7.83 15.37 6.48
N GLN A 17 -6.75 15.15 5.75
CA GLN A 17 -6.54 15.82 4.47
C GLN A 17 -6.94 14.91 3.31
N PRO A 18 -7.16 15.52 2.13
CA PRO A 18 -7.54 14.78 0.92
C PRO A 18 -6.41 13.93 0.38
N THR A 19 -6.60 12.61 0.40
CA THR A 19 -5.58 11.68 -0.09
C THR A 19 -5.76 11.41 -1.58
N PHE A 20 -4.75 10.82 -2.20
CA PHE A 20 -4.79 10.50 -3.62
C PHE A 20 -4.66 9.00 -3.84
N CYS A 21 -5.34 8.51 -4.88
CA CYS A 21 -5.30 7.09 -5.22
C CYS A 21 -4.23 6.80 -6.27
N SER A 22 -3.17 6.13 -5.85
CA SER A 22 -2.07 5.79 -6.75
C SER A 22 -2.41 4.57 -7.58
N HIS A 23 -3.67 4.49 -8.04
CA HIS A 23 -4.12 3.37 -8.84
C HIS A 23 -4.95 3.85 -10.03
N CYS A 24 -5.97 4.65 -9.74
CA CYS A 24 -6.83 5.19 -10.79
C CYS A 24 -6.67 6.69 -10.93
N THR A 25 -5.51 7.19 -10.49
CA THR A 25 -5.21 8.62 -10.57
C THR A 25 -6.47 9.44 -10.32
N ASP A 26 -7.17 9.15 -9.24
CA ASP A 26 -8.39 9.86 -8.88
C ASP A 26 -8.36 10.30 -7.43
N PHE A 27 -9.21 11.27 -7.08
CA PHE A 27 -9.29 11.77 -5.72
C PHE A 27 -10.01 10.79 -4.81
N ILE A 28 -9.62 10.77 -3.54
CA ILE A 28 -10.23 9.87 -2.57
C ILE A 28 -11.26 10.61 -1.71
N TRP A 29 -10.96 11.86 -1.38
CA TRP A 29 -11.85 12.67 -0.57
C TRP A 29 -13.20 12.86 -1.28
N GLY A 30 -14.28 12.70 -0.52
CA GLY A 30 -15.61 12.86 -1.08
C GLY A 30 -16.67 12.10 -0.31
N ILE A 31 -17.60 11.48 -1.02
CA ILE A 31 -18.67 10.73 -0.38
C ILE A 31 -18.12 9.54 0.39
N GLY A 32 -17.87 9.75 1.68
CA GLY A 32 -17.35 8.68 2.52
C GLY A 32 -15.84 8.78 2.70
N LYS A 33 -15.31 8.02 3.65
CA LYS A 33 -13.88 8.02 3.93
C LYS A 33 -13.29 6.64 3.68
N GLN A 34 -12.80 6.41 2.46
CA GLN A 34 -12.20 5.13 2.11
C GLN A 34 -10.76 5.32 1.63
N GLY A 35 -9.82 5.25 2.57
CA GLY A 35 -8.41 5.42 2.23
C GLY A 35 -7.52 4.53 3.06
N LEU A 36 -6.94 3.52 2.42
CA LEU A 36 -6.04 2.59 3.12
C LEU A 36 -4.62 2.74 2.60
N GLN A 37 -3.73 3.22 3.46
CA GLN A 37 -2.33 3.40 3.09
C GLN A 37 -1.48 2.21 3.56
N CYS A 38 -0.77 1.61 2.61
CA CYS A 38 0.07 0.46 2.92
C CYS A 38 1.21 0.86 3.86
N GLN A 39 1.39 0.07 4.91
CA GLN A 39 2.45 0.35 5.88
C GLN A 39 3.80 -0.20 5.40
N VAL A 40 3.96 -0.24 4.08
CA VAL A 40 5.20 -0.74 3.49
C VAL A 40 5.71 0.21 2.41
N CYS A 41 4.88 0.46 1.40
CA CYS A 41 5.25 1.35 0.31
C CYS A 41 4.38 2.60 0.31
N SER A 42 3.81 2.92 1.46
CA SER A 42 2.95 4.09 1.59
C SER A 42 1.97 4.16 0.43
N PHE A 43 1.55 3.01 -0.07
CA PHE A 43 0.61 2.95 -1.18
C PHE A 43 -0.82 3.08 -0.69
N VAL A 44 -1.41 4.26 -0.89
CA VAL A 44 -2.79 4.51 -0.46
C VAL A 44 -3.73 4.56 -1.66
N VAL A 45 -4.81 3.79 -1.58
CA VAL A 45 -5.79 3.76 -2.66
C VAL A 45 -7.20 3.50 -2.12
N HIS A 46 -8.21 3.86 -2.90
CA HIS A 46 -9.59 3.67 -2.50
C HIS A 46 -9.81 2.27 -1.93
N ARG A 47 -10.77 2.15 -1.01
CA ARG A 47 -11.07 0.86 -0.39
C ARG A 47 -11.42 -0.18 -1.44
N ARG A 48 -11.83 0.28 -2.62
CA ARG A 48 -12.20 -0.61 -3.71
C ARG A 48 -10.98 -0.98 -4.54
N CYS A 49 -10.17 0.03 -4.87
CA CYS A 49 -8.97 -0.19 -5.66
C CYS A 49 -8.02 -1.15 -4.96
N HIS A 50 -8.00 -1.09 -3.63
CA HIS A 50 -7.13 -1.95 -2.84
C HIS A 50 -7.05 -3.35 -3.46
N GLU A 51 -8.11 -4.13 -3.30
CA GLU A 51 -8.15 -5.48 -3.83
C GLU A 51 -7.65 -5.51 -5.28
N PHE A 52 -8.12 -4.55 -6.08
CA PHE A 52 -7.72 -4.48 -7.48
C PHE A 52 -6.20 -4.39 -7.61
N VAL A 53 -5.57 -3.65 -6.69
CA VAL A 53 -4.13 -3.49 -6.71
C VAL A 53 -3.43 -4.78 -7.13
N THR A 54 -2.61 -4.68 -8.18
CA THR A 54 -1.88 -5.84 -8.69
C THR A 54 -0.40 -5.73 -8.41
N PHE A 55 0.13 -4.51 -8.48
CA PHE A 55 1.54 -4.27 -8.23
C PHE A 55 2.00 -4.99 -6.96
N GLU A 56 3.21 -5.55 -7.02
CA GLU A 56 3.76 -6.28 -5.89
C GLU A 56 4.43 -5.33 -4.91
N CYS A 57 4.20 -5.55 -3.61
CA CYS A 57 4.79 -4.71 -2.58
C CYS A 57 6.31 -4.86 -2.55
N PRO A 58 7.00 -3.71 -2.49
CA PRO A 58 8.48 -3.69 -2.46
C PRO A 58 9.03 -4.22 -1.14
N GLY A 59 8.47 -3.76 -0.03
CA GLY A 59 8.91 -4.20 1.27
C GLY A 59 8.44 -5.60 1.62
N ALA A 60 7.14 -5.82 1.49
CA ALA A 60 6.56 -7.13 1.78
C ALA A 60 7.32 -8.24 1.06
N GLY A 61 7.83 -9.20 1.83
CA GLY A 61 8.57 -10.30 1.26
C GLY A 61 9.56 -10.91 2.22
N LYS A 62 10.63 -10.18 2.51
CA LYS A 62 11.65 -10.65 3.43
C LYS A 62 11.55 -9.94 4.78
N GLY A 63 10.75 -10.51 5.68
CA GLY A 63 10.58 -9.92 7.00
C GLY A 63 11.84 -9.27 7.50
N PRO A 64 11.91 -7.93 7.40
CA PRO A 64 13.08 -7.16 7.85
C PRO A 64 13.21 -7.15 9.37
N GLN A 65 14.42 -7.36 9.86
CA GLN A 65 14.67 -7.37 11.30
C GLN A 65 14.22 -6.06 11.94
N THR A 66 13.18 -6.14 12.76
CA THR A 66 12.65 -4.97 13.44
C THR A 66 12.22 -5.30 14.86
N ASP A 67 12.33 -4.32 15.76
CA ASP A 67 11.96 -4.51 17.14
C ASP A 67 10.45 -4.69 17.29
N ASP A 68 9.99 -5.93 17.17
CA ASP A 68 8.57 -6.25 17.29
C ASP A 68 8.03 -5.84 18.65
N PRO A 69 7.11 -4.86 18.66
CA PRO A 69 6.49 -4.36 19.89
C PRO A 69 5.56 -5.38 20.53
N ARG A 70 5.68 -6.63 20.11
CA ARG A 70 4.85 -7.71 20.63
C ARG A 70 4.53 -7.46 22.11
N ASN A 71 3.33 -7.88 22.52
CA ASN A 71 2.91 -7.71 23.90
C ASN A 71 3.81 -8.48 24.86
N LYS A 72 4.07 -7.89 26.02
CA LYS A 72 4.92 -8.52 27.02
C LYS A 72 4.35 -9.86 27.47
N HIS A 73 5.20 -10.70 28.05
CA HIS A 73 4.78 -12.01 28.51
C HIS A 73 3.47 -11.92 29.31
N LYS A 74 2.47 -12.69 28.89
CA LYS A 74 1.17 -12.69 29.56
C LYS A 74 1.34 -12.98 31.05
N PHE A 75 0.31 -12.63 31.82
CA PHE A 75 0.33 -12.85 33.27
C PHE A 75 -0.70 -13.90 33.67
N ARG A 76 -0.27 -14.86 34.48
CA ARG A 76 -1.16 -15.93 34.94
C ARG A 76 -2.48 -15.35 35.45
N LEU A 77 -3.48 -16.21 35.61
CA LEU A 77 -4.79 -15.78 36.09
C LEU A 77 -4.66 -15.03 37.41
N GLY A 1 -7.83 -10.35 15.76
CA GLY A 1 -6.77 -10.34 14.78
C GLY A 1 -6.23 -11.72 14.49
N SER A 2 -6.12 -12.07 13.21
CA SER A 2 -5.62 -13.38 12.81
C SER A 2 -5.18 -13.36 11.34
N SER A 3 -3.89 -13.56 11.11
CA SER A 3 -3.34 -13.57 9.77
C SER A 3 -4.25 -14.33 8.82
N GLY A 4 -4.41 -13.81 7.61
CA GLY A 4 -5.26 -14.46 6.62
C GLY A 4 -5.82 -13.48 5.60
N SER A 5 -4.92 -12.81 4.88
CA SER A 5 -5.33 -11.83 3.88
C SER A 5 -4.26 -11.66 2.82
N SER A 6 -4.68 -11.39 1.58
CA SER A 6 -3.75 -11.20 0.48
C SER A 6 -3.67 -9.73 0.06
N GLY A 7 -2.49 -9.31 -0.37
CA GLY A 7 -2.31 -7.92 -0.78
C GLY A 7 -1.45 -7.14 0.19
N HIS A 8 -1.19 -5.87 -0.14
CA HIS A 8 -0.38 -5.01 0.71
C HIS A 8 -0.93 -4.95 2.12
N LYS A 9 -0.21 -4.28 3.02
CA LYS A 9 -0.63 -4.15 4.40
C LYS A 9 -1.55 -2.93 4.58
N PHE A 10 -2.79 -3.07 4.15
CA PHE A 10 -3.77 -1.99 4.26
C PHE A 10 -4.39 -1.95 5.65
N THR A 11 -4.39 -0.76 6.27
CA THR A 11 -4.95 -0.60 7.60
C THR A 11 -5.88 0.60 7.65
N ALA A 12 -7.18 0.33 7.77
CA ALA A 12 -8.19 1.39 7.83
C ALA A 12 -7.73 2.52 8.74
N ARG A 13 -7.67 3.74 8.20
CA ARG A 13 -7.24 4.90 8.96
C ARG A 13 -7.84 6.17 8.38
N PHE A 14 -8.37 7.03 9.25
CA PHE A 14 -8.96 8.29 8.81
C PHE A 14 -7.91 9.22 8.22
N PHE A 15 -8.30 9.95 7.19
CA PHE A 15 -7.39 10.88 6.52
C PHE A 15 -7.89 12.32 6.64
N LYS A 16 -7.04 13.18 7.20
CA LYS A 16 -7.39 14.59 7.38
C LYS A 16 -7.19 15.36 6.08
N GLN A 17 -6.12 15.06 5.36
CA GLN A 17 -5.82 15.73 4.11
C GLN A 17 -6.37 14.94 2.93
N PRO A 18 -6.59 15.63 1.80
CA PRO A 18 -7.11 15.01 0.58
C PRO A 18 -6.09 14.08 -0.08
N THR A 19 -6.07 12.83 0.38
CA THR A 19 -5.15 11.83 -0.16
C THR A 19 -5.54 11.44 -1.58
N PHE A 20 -4.54 11.16 -2.40
CA PHE A 20 -4.77 10.78 -3.79
C PHE A 20 -4.57 9.27 -3.97
N CYS A 21 -5.33 8.69 -4.90
CA CYS A 21 -5.24 7.27 -5.18
C CYS A 21 -4.19 6.99 -6.25
N SER A 22 -3.09 6.35 -5.85
CA SER A 22 -2.01 6.03 -6.77
C SER A 22 -2.34 4.78 -7.57
N HIS A 23 -3.61 4.65 -7.95
CA HIS A 23 -4.06 3.49 -8.72
C HIS A 23 -4.93 3.93 -9.90
N CYS A 24 -5.95 4.73 -9.60
CA CYS A 24 -6.85 5.22 -10.63
C CYS A 24 -6.70 6.73 -10.83
N THR A 25 -5.54 7.25 -10.45
CA THR A 25 -5.26 8.68 -10.58
C THR A 25 -6.50 9.50 -10.24
N ASP A 26 -7.12 9.20 -9.11
CA ASP A 26 -8.32 9.92 -8.67
C ASP A 26 -8.18 10.36 -7.22
N PHE A 27 -9.02 11.31 -6.81
CA PHE A 27 -8.99 11.82 -5.45
C PHE A 27 -9.81 10.93 -4.52
N ILE A 28 -9.47 10.95 -3.24
CA ILE A 28 -10.17 10.14 -2.25
C ILE A 28 -11.10 11.01 -1.40
N TRP A 29 -10.61 12.16 -0.97
CA TRP A 29 -11.39 13.08 -0.16
C TRP A 29 -12.67 13.48 -0.88
N GLY A 30 -13.79 13.48 -0.15
CA GLY A 30 -15.06 13.85 -0.75
C GLY A 30 -16.21 13.02 -0.20
N ILE A 31 -16.81 12.20 -1.07
CA ILE A 31 -17.92 11.36 -0.67
C ILE A 31 -17.49 10.31 0.35
N GLY A 32 -17.36 10.74 1.60
CA GLY A 32 -16.95 9.82 2.65
C GLY A 32 -15.48 9.49 2.59
N LYS A 33 -14.68 10.23 3.35
CA LYS A 33 -13.24 10.01 3.39
C LYS A 33 -12.91 8.57 3.79
N GLN A 34 -12.37 7.80 2.85
CA GLN A 34 -12.01 6.41 3.11
C GLN A 34 -10.81 5.99 2.27
N GLY A 35 -9.69 5.75 2.94
CA GLY A 35 -8.49 5.34 2.24
C GLY A 35 -7.62 4.41 3.07
N LEU A 36 -6.93 3.49 2.40
CA LEU A 36 -6.06 2.54 3.08
C LEU A 36 -4.62 2.70 2.62
N GLN A 37 -3.76 3.15 3.53
CA GLN A 37 -2.35 3.34 3.21
C GLN A 37 -1.52 2.14 3.65
N CYS A 38 -0.58 1.73 2.80
CA CYS A 38 0.27 0.58 3.10
C CYS A 38 1.42 0.99 4.03
N GLN A 39 1.67 0.17 5.04
CA GLN A 39 2.74 0.45 5.99
C GLN A 39 4.08 -0.04 5.46
N VAL A 40 4.19 -0.12 4.13
CA VAL A 40 5.42 -0.56 3.50
C VAL A 40 5.85 0.40 2.40
N CYS A 41 4.98 0.59 1.41
CA CYS A 41 5.27 1.49 0.30
C CYS A 41 4.33 2.69 0.32
N SER A 42 3.90 3.08 1.52
CA SER A 42 3.00 4.21 1.68
C SER A 42 2.04 4.32 0.49
N PHE A 43 1.61 3.17 0.00
CA PHE A 43 0.68 3.14 -1.14
C PHE A 43 -0.76 3.20 -0.67
N VAL A 44 -1.38 4.37 -0.82
CA VAL A 44 -2.76 4.56 -0.41
C VAL A 44 -3.69 4.58 -1.62
N VAL A 45 -4.78 3.81 -1.53
CA VAL A 45 -5.75 3.75 -2.62
C VAL A 45 -7.14 3.42 -2.08
N HIS A 46 -8.16 3.88 -2.80
CA HIS A 46 -9.55 3.63 -2.40
C HIS A 46 -9.72 2.20 -1.92
N ARG A 47 -10.83 1.94 -1.23
CA ARG A 47 -11.12 0.61 -0.71
C ARG A 47 -11.26 -0.41 -1.83
N ARG A 48 -12.09 -0.06 -2.82
CA ARG A 48 -12.32 -0.94 -3.96
C ARG A 48 -11.03 -1.17 -4.74
N CYS A 49 -10.16 -0.17 -4.75
CA CYS A 49 -8.90 -0.26 -5.46
C CYS A 49 -7.95 -1.25 -4.78
N HIS A 50 -7.92 -1.18 -3.45
CA HIS A 50 -7.06 -2.07 -2.68
C HIS A 50 -7.01 -3.47 -3.30
N GLU A 51 -8.15 -4.16 -3.27
CA GLU A 51 -8.23 -5.50 -3.84
C GLU A 51 -7.79 -5.51 -5.29
N PHE A 52 -8.33 -4.58 -6.08
CA PHE A 52 -7.99 -4.48 -7.49
C PHE A 52 -6.48 -4.43 -7.69
N VAL A 53 -5.79 -3.77 -6.76
CA VAL A 53 -4.34 -3.66 -6.83
C VAL A 53 -3.69 -4.99 -7.17
N THR A 54 -2.73 -4.97 -8.09
CA THR A 54 -2.03 -6.18 -8.50
C THR A 54 -0.55 -6.10 -8.17
N PHE A 55 0.04 -4.94 -8.45
CA PHE A 55 1.47 -4.74 -8.19
C PHE A 55 1.89 -5.43 -6.91
N GLU A 56 3.13 -5.92 -6.88
CA GLU A 56 3.66 -6.61 -5.70
C GLU A 56 4.47 -5.66 -4.84
N CYS A 57 4.02 -5.44 -3.61
CA CYS A 57 4.71 -4.56 -2.67
C CYS A 57 6.22 -4.75 -2.76
N PRO A 58 6.96 -3.63 -2.81
CA PRO A 58 8.42 -3.64 -2.88
C PRO A 58 9.07 -4.13 -1.59
N GLY A 59 8.62 -3.59 -0.47
CA GLY A 59 9.16 -3.99 0.81
C GLY A 59 8.69 -5.36 1.25
N ALA A 60 7.39 -5.60 1.13
CA ALA A 60 6.81 -6.88 1.52
C ALA A 60 7.20 -7.97 0.54
N GLY A 61 6.93 -7.74 -0.74
CA GLY A 61 7.26 -8.71 -1.77
C GLY A 61 6.29 -9.88 -1.78
N LYS A 62 6.40 -10.73 -2.81
CA LYS A 62 5.53 -11.89 -2.94
C LYS A 62 6.34 -13.18 -2.89
N GLY A 63 6.49 -13.73 -1.69
CA GLY A 63 7.24 -14.97 -1.54
C GLY A 63 8.66 -14.85 -2.06
N PRO A 64 9.07 -15.82 -2.89
CA PRO A 64 10.42 -15.84 -3.47
C PRO A 64 10.62 -14.75 -4.51
N GLN A 65 11.87 -14.32 -4.68
CA GLN A 65 12.19 -13.27 -5.64
C GLN A 65 12.56 -13.86 -6.99
N THR A 66 12.18 -13.17 -8.06
CA THR A 66 12.47 -13.64 -9.41
C THR A 66 13.88 -13.26 -9.83
N ASP A 67 14.45 -14.03 -10.74
CA ASP A 67 15.80 -13.79 -11.23
C ASP A 67 15.79 -12.71 -12.31
N ASP A 68 16.61 -11.68 -12.10
CA ASP A 68 16.70 -10.57 -13.06
C ASP A 68 16.81 -11.10 -14.49
N PRO A 69 15.84 -10.72 -15.33
CA PRO A 69 15.80 -11.13 -16.73
C PRO A 69 16.91 -10.50 -17.56
N ARG A 70 17.91 -9.94 -16.88
CA ARG A 70 19.03 -9.30 -17.56
C ARG A 70 19.30 -9.96 -18.91
N ASN A 71 19.66 -9.14 -19.89
CA ASN A 71 19.95 -9.64 -21.23
C ASN A 71 21.44 -9.57 -21.53
N LYS A 72 21.82 -9.97 -22.74
CA LYS A 72 23.22 -9.95 -23.16
C LYS A 72 23.79 -8.53 -23.07
N HIS A 73 25.07 -8.40 -23.39
CA HIS A 73 25.74 -7.11 -23.36
C HIS A 73 24.87 -6.04 -24.01
N LYS A 74 25.29 -4.77 -23.86
CA LYS A 74 24.55 -3.65 -24.43
C LYS A 74 24.78 -3.56 -25.94
N PHE A 75 23.94 -2.80 -26.62
CA PHE A 75 24.07 -2.62 -28.06
C PHE A 75 24.99 -1.46 -28.40
N ARG A 76 25.24 -1.26 -29.68
CA ARG A 76 26.12 -0.19 -30.14
C ARG A 76 25.67 1.15 -29.57
N LEU A 77 26.50 2.18 -29.74
CA LEU A 77 26.17 3.51 -29.25
C LEU A 77 26.14 4.52 -30.39
N GLY A 1 -5.93 -16.87 5.37
CA GLY A 1 -6.87 -17.52 4.49
C GLY A 1 -6.21 -18.15 3.28
N SER A 2 -6.42 -17.55 2.11
CA SER A 2 -5.84 -18.05 0.88
C SER A 2 -4.32 -17.91 0.89
N SER A 3 -3.62 -18.99 1.17
CA SER A 3 -2.16 -18.98 1.22
C SER A 3 -1.59 -18.45 -0.09
N GLY A 4 -0.35 -17.97 -0.03
CA GLY A 4 0.31 -17.44 -1.21
C GLY A 4 0.61 -15.97 -1.09
N SER A 5 0.24 -15.20 -2.10
CA SER A 5 0.48 -13.76 -2.12
C SER A 5 -0.58 -13.02 -1.30
N SER A 6 -0.17 -11.95 -0.63
CA SER A 6 -1.08 -11.16 0.19
C SER A 6 -0.99 -9.68 -0.16
N GLY A 7 -2.15 -9.04 -0.28
CA GLY A 7 -2.18 -7.63 -0.61
C GLY A 7 -1.40 -6.78 0.38
N HIS A 8 -1.13 -5.53 0.00
CA HIS A 8 -0.39 -4.62 0.86
C HIS A 8 -0.98 -4.60 2.27
N LYS A 9 -0.28 -3.93 3.18
CA LYS A 9 -0.75 -3.83 4.57
C LYS A 9 -1.84 -2.78 4.70
N PHE A 10 -2.77 -2.77 3.75
CA PHE A 10 -3.87 -1.82 3.77
C PHE A 10 -4.58 -1.81 5.12
N THR A 11 -4.60 -0.64 5.76
CA THR A 11 -5.23 -0.51 7.07
C THR A 11 -6.12 0.73 7.12
N ALA A 12 -7.40 0.52 7.39
CA ALA A 12 -8.35 1.63 7.46
C ALA A 12 -7.93 2.64 8.53
N ARG A 13 -7.80 3.89 8.12
CA ARG A 13 -7.39 4.96 9.03
C ARG A 13 -8.09 6.26 8.68
N PHE A 14 -8.32 7.11 9.68
CA PHE A 14 -8.98 8.38 9.48
C PHE A 14 -8.08 9.33 8.69
N PHE A 15 -8.65 9.95 7.66
CA PHE A 15 -7.90 10.87 6.81
C PHE A 15 -8.52 12.27 6.87
N LYS A 16 -7.67 13.28 6.68
CA LYS A 16 -8.12 14.67 6.70
C LYS A 16 -7.99 15.31 5.33
N GLN A 17 -6.86 15.09 4.69
CA GLN A 17 -6.60 15.65 3.36
C GLN A 17 -6.98 14.67 2.27
N PRO A 18 -7.30 15.19 1.07
CA PRO A 18 -7.68 14.37 -0.08
C PRO A 18 -6.51 13.56 -0.63
N THR A 19 -6.22 12.43 0.01
CA THR A 19 -5.14 11.57 -0.42
C THR A 19 -5.22 11.28 -1.91
N PHE A 20 -4.09 10.85 -2.49
CA PHE A 20 -4.04 10.54 -3.92
C PHE A 20 -4.02 9.03 -4.14
N CYS A 21 -4.96 8.55 -4.95
CA CYS A 21 -5.05 7.12 -5.25
C CYS A 21 -4.11 6.74 -6.39
N SER A 22 -3.00 6.09 -6.03
CA SER A 22 -2.01 5.68 -7.02
C SER A 22 -2.48 4.43 -7.77
N HIS A 23 -3.77 4.39 -8.07
CA HIS A 23 -4.35 3.25 -8.79
C HIS A 23 -5.25 3.73 -9.92
N CYS A 24 -6.15 4.66 -9.60
CA CYS A 24 -7.07 5.20 -10.60
C CYS A 24 -6.92 6.72 -10.71
N THR A 25 -5.72 7.21 -10.42
CA THR A 25 -5.45 8.64 -10.49
C THR A 25 -6.65 9.45 -10.02
N ASP A 26 -7.12 9.15 -8.82
CA ASP A 26 -8.27 9.84 -8.24
C ASP A 26 -8.01 10.19 -6.78
N PHE A 27 -8.76 11.17 -6.27
CA PHE A 27 -8.63 11.59 -4.89
C PHE A 27 -9.53 10.79 -3.96
N ILE A 28 -9.09 10.58 -2.73
CA ILE A 28 -9.86 9.83 -1.75
C ILE A 28 -10.44 10.74 -0.68
N TRP A 29 -11.67 11.20 -0.91
CA TRP A 29 -12.34 12.09 0.03
C TRP A 29 -13.84 11.82 0.04
N GLY A 30 -14.47 12.04 1.20
CA GLY A 30 -15.89 11.82 1.32
C GLY A 30 -16.28 11.32 2.69
N ILE A 31 -17.58 11.25 2.95
CA ILE A 31 -18.09 10.78 4.24
C ILE A 31 -18.42 9.29 4.18
N GLY A 32 -17.70 8.49 4.97
CA GLY A 32 -17.94 7.06 5.00
C GLY A 32 -16.75 6.27 4.51
N LYS A 33 -16.59 6.19 3.19
CA LYS A 33 -15.49 5.46 2.59
C LYS A 33 -14.18 6.22 2.75
N GLN A 34 -13.15 5.52 3.24
CA GLN A 34 -11.84 6.14 3.46
C GLN A 34 -10.79 5.46 2.59
N GLY A 35 -9.57 6.00 2.62
CA GLY A 35 -8.49 5.44 1.84
C GLY A 35 -7.57 4.55 2.65
N LEU A 36 -7.17 3.42 2.08
CA LEU A 36 -6.29 2.49 2.77
C LEU A 36 -4.83 2.72 2.38
N GLN A 37 -4.03 3.15 3.35
CA GLN A 37 -2.61 3.40 3.11
C GLN A 37 -1.76 2.20 3.50
N CYS A 38 -0.73 1.94 2.72
CA CYS A 38 0.17 0.81 2.99
C CYS A 38 1.30 1.23 3.92
N GLN A 39 1.59 0.38 4.90
CA GLN A 39 2.66 0.66 5.85
C GLN A 39 3.99 0.12 5.36
N VAL A 40 4.17 0.10 4.04
CA VAL A 40 5.40 -0.40 3.44
C VAL A 40 5.91 0.55 2.36
N CYS A 41 5.14 0.68 1.28
CA CYS A 41 5.51 1.56 0.18
C CYS A 41 4.61 2.80 0.15
N SER A 42 4.07 3.15 1.30
CA SER A 42 3.20 4.32 1.42
C SER A 42 2.18 4.35 0.28
N PHE A 43 1.83 3.16 -0.21
CA PHE A 43 0.86 3.05 -1.30
C PHE A 43 -0.56 3.08 -0.77
N VAL A 44 -1.24 4.21 -1.00
CA VAL A 44 -2.62 4.37 -0.54
C VAL A 44 -3.58 4.47 -1.72
N VAL A 45 -4.62 3.64 -1.70
CA VAL A 45 -5.61 3.64 -2.77
C VAL A 45 -7.00 3.34 -2.23
N HIS A 46 -8.03 3.82 -2.93
CA HIS A 46 -9.41 3.60 -2.52
C HIS A 46 -9.57 2.24 -1.86
N ARG A 47 -10.55 2.13 -0.97
CA ARG A 47 -10.81 0.88 -0.27
C ARG A 47 -10.98 -0.28 -1.26
N ARG A 48 -11.81 -0.06 -2.26
CA ARG A 48 -12.07 -1.07 -3.28
C ARG A 48 -10.83 -1.30 -4.15
N CYS A 49 -10.27 -0.21 -4.67
CA CYS A 49 -9.09 -0.30 -5.52
C CYS A 49 -8.09 -1.32 -4.96
N HIS A 50 -7.94 -1.34 -3.65
CA HIS A 50 -7.03 -2.26 -2.99
C HIS A 50 -7.09 -3.64 -3.64
N GLU A 51 -8.19 -4.34 -3.42
CA GLU A 51 -8.37 -5.68 -3.98
C GLU A 51 -7.94 -5.71 -5.44
N PHE A 52 -8.23 -4.64 -6.17
CA PHE A 52 -7.87 -4.55 -7.58
C PHE A 52 -6.36 -4.43 -7.75
N VAL A 53 -5.72 -3.73 -6.82
CA VAL A 53 -4.28 -3.54 -6.86
C VAL A 53 -3.57 -4.83 -7.26
N THR A 54 -2.63 -4.72 -8.20
CA THR A 54 -1.88 -5.88 -8.67
C THR A 54 -0.40 -5.76 -8.31
N PHE A 55 0.15 -4.57 -8.52
CA PHE A 55 1.56 -4.32 -8.22
C PHE A 55 1.94 -4.94 -6.88
N GLU A 56 2.94 -5.82 -6.91
CA GLU A 56 3.41 -6.48 -5.70
C GLU A 56 4.21 -5.52 -4.82
N CYS A 57 3.90 -5.51 -3.52
CA CYS A 57 4.59 -4.64 -2.58
C CYS A 57 6.09 -4.89 -2.59
N PRO A 58 6.88 -3.81 -2.64
CA PRO A 58 8.34 -3.89 -2.67
C PRO A 58 8.91 -4.36 -1.34
N GLY A 59 8.52 -3.69 -0.26
CA GLY A 59 9.00 -4.06 1.07
C GLY A 59 8.52 -5.42 1.50
N ALA A 60 7.36 -5.46 2.15
CA ALA A 60 6.80 -6.72 2.62
C ALA A 60 7.12 -7.86 1.67
N GLY A 61 7.22 -9.08 2.20
CA GLY A 61 7.53 -10.23 1.39
C GLY A 61 8.79 -10.93 1.83
N LYS A 62 8.68 -12.23 2.10
CA LYS A 62 9.83 -13.02 2.54
C LYS A 62 10.21 -14.06 1.50
N GLY A 63 11.02 -13.65 0.53
CA GLY A 63 11.45 -14.56 -0.53
C GLY A 63 12.83 -14.24 -1.04
N PRO A 64 12.91 -13.70 -2.27
CA PRO A 64 14.17 -13.34 -2.91
C PRO A 64 14.83 -12.14 -2.25
N GLN A 65 16.16 -12.17 -2.16
CA GLN A 65 16.91 -11.07 -1.56
C GLN A 65 16.48 -9.73 -2.13
N THR A 66 16.37 -8.73 -1.26
CA THR A 66 15.96 -7.39 -1.69
C THR A 66 17.01 -6.36 -1.30
N ASP A 67 17.16 -5.34 -2.14
CA ASP A 67 18.13 -4.28 -1.89
C ASP A 67 17.43 -3.02 -1.37
N ASP A 68 17.13 -3.00 -0.08
CA ASP A 68 16.47 -1.85 0.54
C ASP A 68 17.12 -1.52 1.88
N PRO A 69 17.00 -0.24 2.29
CA PRO A 69 17.56 0.24 3.54
C PRO A 69 16.83 -0.33 4.76
N ARG A 70 16.14 -1.44 4.56
CA ARG A 70 15.40 -2.08 5.64
C ARG A 70 16.11 -1.89 6.98
N ASN A 71 15.34 -1.85 8.06
CA ASN A 71 15.89 -1.68 9.39
C ASN A 71 16.77 -2.87 9.78
N LYS A 72 18.05 -2.58 10.06
CA LYS A 72 19.00 -3.63 10.45
C LYS A 72 18.47 -4.42 11.64
N HIS A 73 18.23 -5.71 11.43
CA HIS A 73 17.74 -6.58 12.49
C HIS A 73 18.67 -7.77 12.70
N LYS A 74 18.82 -8.17 13.96
CA LYS A 74 19.68 -9.29 14.30
C LYS A 74 19.17 -10.59 13.66
N PHE A 75 20.09 -11.39 13.14
CA PHE A 75 19.73 -12.65 12.51
C PHE A 75 19.87 -13.81 13.49
N ARG A 76 19.51 -15.01 13.04
CA ARG A 76 19.59 -16.20 13.88
C ARG A 76 20.37 -17.31 13.17
N LEU A 77 20.92 -18.22 13.96
CA LEU A 77 21.69 -19.34 13.40
C LEU A 77 20.86 -20.11 12.39
#